data_2EFU
#
_entry.id   2EFU
#
_cell.length_a   77.468
_cell.length_b   123.274
_cell.length_c   116.156
_cell.angle_alpha   90.00
_cell.angle_beta   104.05
_cell.angle_gamma   90.00
#
_symmetry.space_group_name_H-M   'P 1 21 1'
#
loop_
_entity.id
_entity.type
_entity.pdbx_description
1 polymer 'D-Amino acid amidase'
2 non-polymer 'BARIUM ION'
3 non-polymer PHENYLALANINE
4 water water
#
_entity_poly.entity_id   1
_entity_poly.type   'polypeptide(L)'
_entity_poly.pdbx_seq_one_letter_code
;MSDLNNAIQGILDDHVARGVVGVSLALCLPGEETSLYQSGYADKFNKMPMTGDHLFRIASCTKSFIATGLHLLVQDGTVD
LDEPITRWFPDLPKAAQMPVRILLNHRSGLPDFETSMPMISDKSWTAQEIVDFSFRHGVQKEPWHGMEYSNTGYVLAGMI
IAHETGKPYSDHLRSRIFAPLGMKDTWVGTHETFPIEREARGYMHAAADDENPQWDVSGAGDPVDGVWDSTEWFPLSGAN
AAGDMVSTPRDIVKFLNALFDGRILDQKRLWEMKDNIKPAFFPGSNTVANGHGLLLMRYGSSELKGHLGQIPGHTSIMGR
DEETGAALMLIQNSGAGDFESFYLKGVNEPVDRVLEAIKNSRS
;
_entity_poly.pdbx_strand_id   A,B,C,D,E,F
#
# COMPACT_ATOMS: atom_id res chain seq x y z
N SER A 2 21.55 13.83 -23.46
CA SER A 2 21.50 14.45 -22.11
C SER A 2 20.99 13.48 -21.06
N ASP A 3 20.99 13.93 -19.80
CA ASP A 3 20.51 13.13 -18.67
C ASP A 3 18.99 13.02 -18.64
N LEU A 4 18.32 14.10 -19.03
CA LEU A 4 16.86 14.10 -19.19
C LEU A 4 16.45 13.07 -20.24
N ASN A 5 17.18 13.04 -21.35
CA ASN A 5 16.96 12.07 -22.40
C ASN A 5 17.02 10.63 -21.92
N ASN A 6 18.03 10.31 -21.12
CA ASN A 6 18.14 8.96 -20.56
C ASN A 6 17.08 8.67 -19.50
N ALA A 7 16.70 9.71 -18.76
CA ALA A 7 15.70 9.58 -17.71
C ALA A 7 14.31 9.32 -18.31
N ILE A 8 13.98 10.07 -19.36
CA ILE A 8 12.74 9.90 -20.11
C ILE A 8 12.69 8.50 -20.77
N GLN A 9 13.72 8.14 -21.53
CA GLN A 9 13.78 6.82 -22.16
C GLN A 9 13.59 5.68 -21.14
N GLY A 10 14.24 5.81 -19.98
CA GLY A 10 14.09 4.84 -18.88
C GLY A 10 12.66 4.73 -18.33
N ILE A 11 12.01 5.86 -18.12
CA ILE A 11 10.60 5.93 -17.74
C ILE A 11 9.72 5.13 -18.72
N LEU A 12 9.97 5.31 -20.02
CA LEU A 12 9.28 4.56 -21.07
C LEU A 12 9.60 3.07 -21.06
N ASP A 13 10.87 2.74 -20.87
CA ASP A 13 11.31 1.34 -20.80
C ASP A 13 10.63 0.62 -19.64
N ASP A 14 10.60 1.29 -18.48
CA ASP A 14 10.01 0.74 -17.26
C ASP A 14 8.51 0.51 -17.40
N HIS A 15 7.84 1.38 -18.16
CA HIS A 15 6.40 1.29 -18.36
C HIS A 15 6.03 0.12 -19.27
N VAL A 16 6.80 -0.07 -20.33
CA VAL A 16 6.72 -1.25 -21.21
C VAL A 16 7.00 -2.54 -20.44
N ALA A 17 7.96 -2.48 -19.52
CA ALA A 17 8.32 -3.62 -18.66
C ALA A 17 7.24 -3.97 -17.62
N ARG A 18 6.25 -3.08 -17.44
CA ARG A 18 5.12 -3.37 -16.55
C ARG A 18 4.11 -4.29 -17.24
N GLY A 19 4.23 -4.40 -18.56
CA GLY A 19 3.33 -5.24 -19.36
C GLY A 19 2.74 -4.49 -20.54
N VAL A 20 2.95 -3.18 -20.60
CA VAL A 20 2.51 -2.37 -21.72
C VAL A 20 3.29 -2.80 -22.96
N VAL A 21 2.60 -3.00 -24.07
CA VAL A 21 3.24 -3.53 -25.29
C VAL A 21 4.25 -2.53 -25.88
N GLY A 22 3.82 -1.27 -26.03
CA GLY A 22 4.68 -0.23 -26.57
C GLY A 22 4.17 1.17 -26.26
N VAL A 23 5.06 2.15 -26.44
CA VAL A 23 4.75 3.54 -26.14
C VAL A 23 5.53 4.51 -27.04
N SER A 24 4.83 5.53 -27.54
CA SER A 24 5.42 6.55 -28.40
C SER A 24 5.18 7.94 -27.80
N LEU A 25 6.26 8.69 -27.62
CA LEU A 25 6.23 10.01 -26.98
C LEU A 25 6.83 11.09 -27.88
N ALA A 26 6.09 12.18 -28.02
CA ALA A 26 6.59 13.41 -28.61
C ALA A 26 6.59 14.45 -27.51
N LEU A 27 7.75 14.97 -27.18
CA LEU A 27 7.88 15.99 -26.15
C LEU A 27 8.57 17.23 -26.71
N CYS A 28 7.96 18.39 -26.49
CA CYS A 28 8.57 19.65 -26.88
C CYS A 28 8.83 20.55 -25.66
N LEU A 29 10.10 20.84 -25.42
CA LEU A 29 10.52 21.70 -24.31
C LEU A 29 10.92 23.08 -24.80
N PRO A 30 10.72 24.13 -23.96
CA PRO A 30 11.16 25.50 -24.26
C PRO A 30 12.64 25.60 -24.63
N GLY A 31 12.93 26.23 -25.77
CA GLY A 31 14.30 26.44 -26.24
C GLY A 31 14.89 25.24 -26.97
N GLU A 32 14.06 24.21 -27.16
CA GLU A 32 14.49 22.95 -27.78
C GLU A 32 13.49 22.50 -28.85
N GLU A 33 14.00 21.74 -29.84
CA GLU A 33 13.18 21.09 -30.88
C GLU A 33 12.38 19.93 -30.27
N THR A 34 11.27 19.55 -30.89
CA THR A 34 10.52 18.36 -30.48
C THR A 34 11.43 17.13 -30.52
N SER A 35 11.54 16.45 -29.37
CA SER A 35 12.24 15.18 -29.30
C SER A 35 11.24 14.02 -29.21
N LEU A 36 11.51 12.94 -29.95
CA LEU A 36 10.66 11.75 -29.94
C LEU A 36 11.35 10.57 -29.22
N TYR A 37 10.54 9.84 -28.45
CA TYR A 37 10.98 8.65 -27.76
C TYR A 37 9.99 7.51 -28.02
N GLN A 38 10.49 6.28 -28.15
CA GLN A 38 9.64 5.10 -28.17
C GLN A 38 10.27 3.99 -27.37
N SER A 39 9.43 3.06 -26.94
CA SER A 39 9.86 1.83 -26.30
C SER A 39 8.86 0.72 -26.67
N GLY A 40 9.30 -0.53 -26.57
CA GLY A 40 8.45 -1.69 -26.88
C GLY A 40 8.04 -1.80 -28.33
N TYR A 41 6.88 -2.42 -28.58
CA TYR A 41 6.49 -2.78 -29.93
C TYR A 41 5.22 -2.12 -30.44
N ALA A 42 5.17 -1.95 -31.76
CA ALA A 42 3.97 -1.56 -32.48
C ALA A 42 3.16 -2.79 -32.87
N ASP A 43 3.86 -3.91 -33.08
CA ASP A 43 3.27 -5.21 -33.41
C ASP A 43 3.87 -6.24 -32.44
N LYS A 44 3.05 -6.74 -31.51
CA LYS A 44 3.49 -7.65 -30.46
C LYS A 44 3.96 -9.00 -31.01
N PHE A 45 3.25 -9.49 -32.01
CA PHE A 45 3.47 -10.85 -32.51
C PHE A 45 4.57 -10.95 -33.56
N ASN A 46 4.83 -9.85 -34.26
CA ASN A 46 5.94 -9.76 -35.22
C ASN A 46 7.16 -9.06 -34.65
N LYS A 47 7.04 -8.64 -33.39
CA LYS A 47 8.08 -7.95 -32.65
C LYS A 47 8.67 -6.76 -33.41
N MET A 48 7.81 -6.01 -34.09
N MET A 48 7.81 -6.01 -34.09
CA MET A 48 8.22 -4.79 -34.80
CA MET A 48 8.24 -4.81 -34.80
C MET A 48 8.35 -3.65 -33.79
C MET A 48 8.34 -3.63 -33.82
N PRO A 49 9.55 -3.04 -33.71
CA PRO A 49 9.79 -1.90 -32.84
C PRO A 49 8.84 -0.71 -33.10
N MET A 50 8.44 -0.03 -32.03
CA MET A 50 7.66 1.20 -32.12
C MET A 50 8.57 2.28 -32.68
N THR A 51 8.09 2.99 -33.70
CA THR A 51 8.78 4.19 -34.19
C THR A 51 7.90 5.43 -34.00
N GLY A 52 8.48 6.60 -34.22
CA GLY A 52 7.78 7.88 -34.18
C GLY A 52 6.96 8.12 -35.41
N ASP A 53 6.95 7.14 -36.32
CA ASP A 53 6.14 7.20 -37.53
C ASP A 53 4.87 6.35 -37.43
N HIS A 54 4.79 5.49 -36.43
CA HIS A 54 3.56 4.71 -36.19
C HIS A 54 2.37 5.61 -35.86
N LEU A 55 1.25 5.31 -36.50
CA LEU A 55 0.03 6.06 -36.32
C LEU A 55 -0.78 5.43 -35.19
N PHE A 56 -1.55 6.28 -34.52
CA PHE A 56 -2.45 5.82 -33.48
C PHE A 56 -3.82 6.47 -33.67
N ARG A 57 -4.85 5.76 -33.22
CA ARG A 57 -6.16 6.32 -33.00
C ARG A 57 -6.07 7.13 -31.71
N ILE A 58 -6.23 8.45 -31.85
CA ILE A 58 -6.05 9.35 -30.70
C ILE A 58 -7.33 9.52 -29.87
N ALA A 59 -8.41 8.84 -30.29
CA ALA A 59 -9.67 8.83 -29.56
C ALA A 59 -10.17 10.26 -29.27
N SER A 60 -10.56 10.54 -28.04
CA SER A 60 -11.20 11.84 -27.76
C SER A 60 -10.28 13.06 -27.75
N CYS A 61 -8.98 12.88 -28.00
CA CYS A 61 -8.12 14.01 -28.33
C CYS A 61 -8.64 14.66 -29.62
N THR A 62 -9.36 13.89 -30.44
CA THR A 62 -10.15 14.41 -31.58
C THR A 62 -10.97 15.64 -31.16
N LYS A 63 -11.53 15.58 -29.96
CA LYS A 63 -12.39 16.63 -29.39
C LYS A 63 -11.72 18.00 -29.29
N SER A 64 -10.41 18.03 -29.04
CA SER A 64 -9.69 19.30 -29.03
C SER A 64 -9.64 19.94 -30.44
N PHE A 65 -9.59 19.09 -31.47
CA PHE A 65 -9.56 19.57 -32.87
C PHE A 65 -10.95 20.02 -33.31
N ILE A 66 -11.98 19.30 -32.86
CA ILE A 66 -13.35 19.67 -33.16
C ILE A 66 -13.77 21.00 -32.50
N ALA A 67 -13.35 21.19 -31.26
CA ALA A 67 -13.57 22.46 -30.54
C ALA A 67 -12.87 23.59 -31.28
N THR A 68 -11.59 23.38 -31.63
CA THR A 68 -10.84 24.31 -32.48
C THR A 68 -11.60 24.66 -33.77
N GLY A 69 -12.03 23.62 -34.50
CA GLY A 69 -12.88 23.80 -35.67
C GLY A 69 -14.09 24.71 -35.47
N LEU A 70 -14.82 24.48 -34.38
CA LEU A 70 -15.97 25.32 -34.02
C LEU A 70 -15.58 26.75 -33.64
N HIS A 71 -14.57 26.90 -32.79
CA HIS A 71 -14.09 28.24 -32.42
C HIS A 71 -13.67 29.06 -33.66
N LEU A 72 -13.01 28.40 -34.62
CA LEU A 72 -12.68 29.04 -35.91
C LEU A 72 -13.92 29.62 -36.61
N LEU A 73 -15.04 28.90 -36.56
CA LEU A 73 -16.30 29.36 -37.17
C LEU A 73 -16.95 30.52 -36.39
N VAL A 74 -16.74 30.55 -35.07
CA VAL A 74 -17.11 31.70 -34.26
C VAL A 74 -16.33 32.95 -34.71
N GLN A 75 -15.05 32.76 -35.00
CA GLN A 75 -14.19 33.80 -35.58
C GLN A 75 -14.64 34.23 -36.99
N ASP A 76 -14.97 33.25 -37.83
CA ASP A 76 -15.53 33.53 -39.15
C ASP A 76 -16.80 34.37 -39.04
N GLY A 77 -17.51 34.27 -37.92
CA GLY A 77 -18.64 35.15 -37.60
C GLY A 77 -20.01 34.55 -37.81
N THR A 78 -20.05 33.26 -38.14
CA THR A 78 -21.32 32.60 -38.47
C THR A 78 -21.94 31.84 -37.30
N VAL A 79 -21.14 31.59 -36.27
CA VAL A 79 -21.56 30.86 -35.07
C VAL A 79 -21.28 31.69 -33.81
N ASP A 80 -22.22 31.66 -32.88
CA ASP A 80 -22.10 32.40 -31.64
C ASP A 80 -22.11 31.37 -30.52
N LEU A 81 -21.08 31.39 -29.67
CA LEU A 81 -20.97 30.42 -28.57
C LEU A 81 -22.17 30.38 -27.63
N ASP A 82 -22.93 31.47 -27.58
CA ASP A 82 -24.03 31.60 -26.63
C ASP A 82 -25.41 31.50 -27.24
N GLU A 83 -25.46 31.31 -28.55
CA GLU A 83 -26.74 31.16 -29.24
C GLU A 83 -27.32 29.75 -29.05
N PRO A 84 -28.66 29.63 -29.04
CA PRO A 84 -29.26 28.30 -28.88
C PRO A 84 -29.07 27.44 -30.13
N ILE A 85 -28.77 26.17 -29.90
CA ILE A 85 -28.57 25.19 -30.97
C ILE A 85 -29.86 24.74 -31.68
N THR A 86 -31.01 25.24 -31.24
CA THR A 86 -32.26 24.99 -31.97
C THR A 86 -32.17 25.46 -33.43
N ARG A 87 -31.20 26.31 -33.72
CA ARG A 87 -30.93 26.80 -35.07
C ARG A 87 -30.58 25.64 -36.01
N TRP A 88 -29.93 24.63 -35.45
CA TRP A 88 -29.43 23.50 -36.22
C TRP A 88 -30.20 22.22 -35.89
N PHE A 89 -30.75 22.16 -34.68
CA PHE A 89 -31.44 20.97 -34.18
C PHE A 89 -32.73 21.39 -33.47
N PRO A 90 -33.73 21.85 -34.25
CA PRO A 90 -34.98 22.36 -33.68
C PRO A 90 -35.75 21.34 -32.86
N ASP A 91 -35.65 20.08 -33.25
CA ASP A 91 -36.46 19.05 -32.62
C ASP A 91 -35.68 18.24 -31.58
N LEU A 92 -34.42 18.60 -31.34
CA LEU A 92 -33.59 17.94 -30.31
C LEU A 92 -34.13 18.36 -28.95
N PRO A 93 -34.55 17.38 -28.12
CA PRO A 93 -35.16 17.70 -26.85
C PRO A 93 -34.24 18.55 -25.97
N LYS A 94 -34.81 19.64 -25.41
CA LYS A 94 -34.11 20.63 -24.58
C LYS A 94 -33.15 21.58 -25.33
N ALA A 95 -33.14 21.51 -26.66
CA ALA A 95 -32.18 22.28 -27.46
C ALA A 95 -32.22 23.77 -27.18
N ALA A 96 -33.38 24.27 -26.77
CA ALA A 96 -33.56 25.69 -26.43
C ALA A 96 -32.74 26.11 -25.22
N GLN A 97 -32.54 25.19 -24.29
CA GLN A 97 -31.74 25.45 -23.08
C GLN A 97 -30.24 25.16 -23.31
N MET A 98 -29.86 24.87 -24.55
CA MET A 98 -28.48 24.52 -24.89
C MET A 98 -27.81 25.57 -25.80
N PRO A 99 -27.00 26.48 -25.23
CA PRO A 99 -26.15 27.33 -26.09
C PRO A 99 -25.07 26.50 -26.75
N VAL A 100 -24.46 27.00 -27.83
CA VAL A 100 -23.41 26.28 -28.58
C VAL A 100 -22.28 25.79 -27.67
N ARG A 101 -21.83 26.64 -26.74
CA ARG A 101 -20.75 26.28 -25.81
C ARG A 101 -21.03 25.02 -24.98
N ILE A 102 -22.31 24.76 -24.70
CA ILE A 102 -22.69 23.63 -23.85
C ILE A 102 -22.36 22.28 -24.50
N LEU A 103 -22.17 22.29 -25.81
CA LEU A 103 -21.71 21.12 -26.57
C LEU A 103 -20.26 20.78 -26.28
N LEU A 104 -19.49 21.77 -25.85
CA LEU A 104 -18.03 21.65 -25.71
C LEU A 104 -17.52 21.47 -24.28
N ASN A 105 -18.36 21.78 -23.30
CA ASN A 105 -17.94 21.88 -21.92
C ASN A 105 -18.46 20.75 -21.00
N HIS A 106 -19.12 19.76 -21.58
CA HIS A 106 -19.58 18.54 -20.87
C HIS A 106 -20.62 18.81 -19.77
N ARG A 107 -21.38 19.90 -19.92
CA ARG A 107 -22.45 20.20 -18.97
C ARG A 107 -23.84 20.24 -19.61
N SER A 108 -23.95 19.69 -20.82
CA SER A 108 -25.19 19.72 -21.60
C SER A 108 -26.30 18.81 -21.07
N GLY A 109 -25.91 17.73 -20.41
CA GLY A 109 -26.87 16.73 -19.94
C GLY A 109 -27.35 15.82 -21.06
N LEU A 110 -26.68 15.89 -22.21
CA LEU A 110 -27.06 15.10 -23.39
C LEU A 110 -26.86 13.60 -23.16
N PRO A 111 -27.82 12.78 -23.62
CA PRO A 111 -27.70 11.32 -23.50
C PRO A 111 -26.51 10.84 -24.31
N ASP A 112 -25.76 9.86 -23.78
CA ASP A 112 -24.55 9.43 -24.45
C ASP A 112 -24.74 8.07 -25.13
N PHE A 113 -23.89 7.79 -26.11
CA PHE A 113 -23.99 6.58 -26.91
C PHE A 113 -22.90 5.53 -26.65
N GLU A 114 -21.79 5.94 -26.05
CA GLU A 114 -20.58 5.11 -26.02
C GLU A 114 -20.73 3.80 -25.28
N THR A 115 -21.44 3.85 -24.17
CA THR A 115 -21.58 2.71 -23.31
C THR A 115 -22.53 1.66 -23.91
N SER A 116 -23.27 2.06 -24.95
CA SER A 116 -24.26 1.21 -25.61
C SER A 116 -23.81 0.72 -26.99
N MET A 117 -22.81 1.38 -27.56
CA MET A 117 -22.41 1.13 -28.94
C MET A 117 -21.45 -0.07 -29.03
N PRO A 118 -21.81 -1.09 -29.84
CA PRO A 118 -20.89 -2.23 -29.94
C PRO A 118 -19.52 -1.81 -30.50
N MET A 119 -18.46 -2.13 -29.78
CA MET A 119 -17.10 -1.84 -30.24
C MET A 119 -16.64 -2.77 -31.36
N ILE A 120 -17.22 -3.98 -31.43
CA ILE A 120 -16.83 -4.94 -32.47
C ILE A 120 -17.93 -5.08 -33.51
N SER A 121 -17.74 -4.39 -34.63
CA SER A 121 -18.70 -4.40 -35.72
C SER A 121 -18.04 -3.94 -37.02
N ASP A 122 -18.81 -4.00 -38.10
CA ASP A 122 -18.39 -3.47 -39.39
C ASP A 122 -19.33 -2.33 -39.81
N LYS A 123 -20.21 -1.94 -38.89
CA LYS A 123 -21.24 -0.95 -39.18
C LYS A 123 -20.69 0.47 -39.41
N SER A 124 -21.06 1.07 -40.53
CA SER A 124 -20.85 2.49 -40.81
C SER A 124 -21.93 3.30 -40.12
N TRP A 125 -21.50 4.41 -39.52
CA TRP A 125 -22.41 5.32 -38.82
C TRP A 125 -22.46 6.70 -39.47
N THR A 126 -23.64 7.31 -39.47
CA THR A 126 -23.76 8.75 -39.74
C THR A 126 -23.88 9.51 -38.42
N ALA A 127 -23.58 10.81 -38.47
CA ALA A 127 -23.72 11.68 -37.30
C ALA A 127 -25.12 11.64 -36.70
N GLN A 128 -26.14 11.80 -37.54
CA GLN A 128 -27.52 11.78 -37.09
C GLN A 128 -27.91 10.45 -36.45
N GLU A 129 -27.42 9.36 -37.03
CA GLU A 129 -27.66 8.00 -36.56
C GLU A 129 -27.16 7.82 -35.11
N ILE A 130 -25.94 8.32 -34.87
CA ILE A 130 -25.31 8.32 -33.54
C ILE A 130 -26.14 9.14 -32.53
N VAL A 131 -26.61 10.31 -32.95
CA VAL A 131 -27.48 11.16 -32.13
C VAL A 131 -28.79 10.43 -31.80
N ASP A 132 -29.42 9.84 -32.81
CA ASP A 132 -30.63 8.99 -32.63
C ASP A 132 -30.37 7.85 -31.65
N PHE A 133 -29.25 7.15 -31.85
CA PHE A 133 -28.84 6.04 -31.00
C PHE A 133 -28.64 6.49 -29.54
N SER A 134 -28.13 7.71 -29.35
CA SER A 134 -27.92 8.29 -28.01
C SER A 134 -29.22 8.55 -27.27
N PHE A 135 -30.18 9.16 -27.97
CA PHE A 135 -31.48 9.45 -27.35
C PHE A 135 -32.30 8.19 -27.10
N ARG A 136 -32.03 7.16 -27.90
CA ARG A 136 -32.70 5.87 -27.75
C ARG A 136 -32.18 5.13 -26.52
N HIS A 137 -30.85 5.16 -26.33
CA HIS A 137 -30.19 4.30 -25.34
C HIS A 137 -29.59 5.02 -24.12
N GLY A 138 -29.38 6.32 -24.25
CA GLY A 138 -28.82 7.11 -23.18
C GLY A 138 -29.86 7.75 -22.29
N VAL A 139 -29.38 8.45 -21.26
CA VAL A 139 -30.24 9.13 -20.31
C VAL A 139 -29.96 10.63 -20.44
N GLN A 140 -31.01 11.41 -20.72
CA GLN A 140 -30.87 12.86 -20.78
C GLN A 140 -31.05 13.50 -19.40
N LYS A 141 -30.13 14.40 -19.05
CA LYS A 141 -30.26 15.23 -17.86
C LYS A 141 -30.59 16.66 -18.27
N GLU A 142 -30.86 17.53 -17.30
CA GLU A 142 -31.05 18.95 -17.58
C GLU A 142 -29.74 19.60 -18.01
N PRO A 143 -29.78 20.44 -19.06
CA PRO A 143 -28.64 21.29 -19.38
C PRO A 143 -28.12 22.03 -18.14
N TRP A 144 -26.80 22.10 -18.00
CA TRP A 144 -26.16 22.74 -16.83
C TRP A 144 -26.31 21.99 -15.49
N HIS A 145 -26.88 20.78 -15.50
CA HIS A 145 -27.04 19.97 -14.27
C HIS A 145 -25.75 19.84 -13.45
N GLY A 146 -24.61 19.79 -14.14
CA GLY A 146 -23.32 19.51 -13.51
C GLY A 146 -22.42 19.00 -14.63
N MET A 147 -21.21 18.57 -14.32
CA MET A 147 -20.32 18.06 -15.39
C MET A 147 -20.52 16.55 -15.54
N GLU A 148 -20.78 16.11 -16.75
CA GLU A 148 -20.75 14.69 -17.05
C GLU A 148 -20.26 14.57 -18.46
N TYR A 149 -19.13 13.88 -18.60
CA TYR A 149 -18.46 13.75 -19.89
C TYR A 149 -19.46 13.34 -20.97
N SER A 150 -19.51 14.14 -22.02
CA SER A 150 -20.43 13.95 -23.14
C SER A 150 -19.73 13.81 -24.49
N ASN A 151 -19.98 12.66 -25.14
CA ASN A 151 -19.54 12.42 -26.52
C ASN A 151 -20.54 13.01 -27.51
N THR A 152 -21.82 12.78 -27.26
CA THR A 152 -22.91 13.35 -28.06
C THR A 152 -22.70 14.86 -28.36
N GLY A 153 -22.38 15.65 -27.32
CA GLY A 153 -22.04 17.06 -27.50
C GLY A 153 -21.09 17.36 -28.65
N TYR A 154 -20.08 16.51 -28.83
CA TYR A 154 -19.11 16.77 -29.89
C TYR A 154 -19.56 16.23 -31.23
N VAL A 155 -20.45 15.24 -31.22
CA VAL A 155 -21.07 14.78 -32.47
C VAL A 155 -21.92 15.93 -33.01
N LEU A 156 -22.65 16.61 -32.13
CA LEU A 156 -23.47 17.76 -32.52
C LEU A 156 -22.59 18.92 -32.98
N ALA A 157 -21.49 19.17 -32.28
CA ALA A 157 -20.54 20.19 -32.71
C ALA A 157 -20.05 19.91 -34.14
N GLY A 158 -19.74 18.65 -34.41
CA GLY A 158 -19.32 18.22 -35.75
C GLY A 158 -20.37 18.51 -36.81
N MET A 159 -21.64 18.33 -36.47
CA MET A 159 -22.77 18.61 -37.37
C MET A 159 -23.00 20.10 -37.65
N ILE A 160 -22.76 20.93 -36.65
CA ILE A 160 -22.73 22.38 -36.83
C ILE A 160 -21.64 22.77 -37.84
N ILE A 161 -20.43 22.22 -37.64
CA ILE A 161 -19.33 22.44 -38.60
C ILE A 161 -19.74 22.07 -40.03
N ALA A 162 -20.30 20.87 -40.21
CA ALA A 162 -20.80 20.43 -41.51
C ALA A 162 -21.87 21.38 -42.12
N HIS A 163 -22.83 21.82 -41.30
CA HIS A 163 -23.88 22.76 -41.73
C HIS A 163 -23.30 24.11 -42.14
N GLU A 164 -22.41 24.66 -41.30
CA GLU A 164 -21.88 26.01 -41.49
C GLU A 164 -20.82 26.10 -42.58
N THR A 165 -20.27 24.96 -42.99
CA THR A 165 -19.21 24.98 -44.00
C THR A 165 -19.62 24.32 -45.32
N GLY A 166 -20.83 23.76 -45.36
CA GLY A 166 -21.32 23.02 -46.53
C GLY A 166 -20.60 21.72 -46.88
N LYS A 167 -19.66 21.30 -46.04
CA LYS A 167 -18.83 20.10 -46.28
C LYS A 167 -18.63 19.27 -45.00
N PRO A 168 -18.18 17.99 -45.13
CA PRO A 168 -17.74 17.21 -43.96
C PRO A 168 -16.79 18.00 -43.04
N TYR A 169 -16.87 17.77 -41.73
CA TYR A 169 -16.01 18.48 -40.76
C TYR A 169 -14.51 18.25 -40.98
N SER A 170 -14.15 17.12 -41.58
CA SER A 170 -12.75 16.81 -41.92
C SER A 170 -12.12 17.82 -42.88
N ASP A 171 -12.89 18.30 -43.85
CA ASP A 171 -12.43 19.31 -44.81
C ASP A 171 -12.08 20.62 -44.13
N HIS A 172 -12.92 21.02 -43.18
CA HIS A 172 -12.71 22.20 -42.36
C HIS A 172 -11.49 22.03 -41.46
N LEU A 173 -11.35 20.87 -40.82
CA LEU A 173 -10.18 20.58 -39.99
C LEU A 173 -8.88 20.48 -40.81
N ARG A 174 -8.94 19.86 -41.99
CA ARG A 174 -7.79 19.75 -42.88
C ARG A 174 -7.35 21.12 -43.41
N SER A 175 -8.30 21.84 -44.02
CA SER A 175 -7.99 23.14 -44.62
C SER A 175 -7.56 24.19 -43.60
N ARG A 176 -8.14 24.15 -42.41
CA ARG A 176 -7.86 25.17 -41.39
C ARG A 176 -6.83 24.78 -40.32
N ILE A 177 -6.63 23.48 -40.08
CA ILE A 177 -5.66 23.01 -39.08
C ILE A 177 -4.47 22.20 -39.63
N PHE A 178 -4.73 21.07 -40.27
CA PHE A 178 -3.62 20.17 -40.68
C PHE A 178 -2.72 20.79 -41.75
N ALA A 179 -3.32 21.24 -42.86
CA ALA A 179 -2.54 21.79 -43.97
C ALA A 179 -1.66 22.97 -43.54
N PRO A 180 -2.25 24.03 -42.92
CA PRO A 180 -1.43 25.17 -42.50
C PRO A 180 -0.26 24.79 -41.60
N LEU A 181 -0.44 23.77 -40.76
CA LEU A 181 0.61 23.36 -39.83
C LEU A 181 1.52 22.27 -40.39
N GLY A 182 1.27 21.86 -41.63
CA GLY A 182 2.04 20.78 -42.26
C GLY A 182 1.95 19.47 -41.49
N MET A 183 0.72 19.12 -41.08
CA MET A 183 0.43 17.87 -40.38
C MET A 183 0.09 16.78 -41.39
N LYS A 184 1.12 16.06 -41.84
CA LYS A 184 0.99 15.13 -42.96
C LYS A 184 0.58 13.71 -42.55
N ASP A 185 0.71 13.40 -41.26
CA ASP A 185 0.41 12.05 -40.75
C ASP A 185 -0.84 12.01 -39.87
N THR A 186 -1.84 12.79 -40.26
CA THR A 186 -3.05 12.99 -39.47
C THR A 186 -4.28 12.88 -40.37
N TRP A 187 -5.23 12.04 -39.96
CA TRP A 187 -6.50 11.87 -40.68
C TRP A 187 -7.71 11.88 -39.73
N VAL A 188 -8.88 12.11 -40.32
CA VAL A 188 -10.17 12.10 -39.64
C VAL A 188 -10.93 10.87 -40.15
N GLY A 189 -10.95 9.83 -39.33
CA GLY A 189 -11.34 8.49 -39.77
C GLY A 189 -12.76 8.26 -40.26
N THR A 190 -13.69 9.13 -39.88
CA THR A 190 -15.08 9.00 -40.34
C THR A 190 -15.18 9.30 -41.83
N HIS A 191 -14.45 10.33 -42.26
CA HIS A 191 -14.59 10.89 -43.60
C HIS A 191 -13.42 10.65 -44.52
N GLU A 192 -12.29 10.21 -43.95
CA GLU A 192 -11.05 10.02 -44.69
C GLU A 192 -10.43 8.63 -44.47
N THR A 193 -9.83 8.09 -45.54
CA THR A 193 -9.05 6.86 -45.47
C THR A 193 -7.64 7.17 -44.98
N PHE A 194 -7.19 6.44 -43.96
CA PHE A 194 -5.82 6.51 -43.48
C PHE A 194 -5.15 5.16 -43.80
N PRO A 195 -3.80 5.15 -43.88
CA PRO A 195 -3.12 3.91 -44.26
C PRO A 195 -2.85 2.95 -43.08
N ILE A 196 -3.73 1.94 -42.90
CA ILE A 196 -3.64 0.99 -41.76
C ILE A 196 -2.28 0.34 -41.61
N GLU A 197 -1.62 0.07 -42.73
CA GLU A 197 -0.32 -0.59 -42.70
C GLU A 197 0.66 0.18 -41.80
N ARG A 198 0.45 1.48 -41.66
CA ARG A 198 1.32 2.33 -40.85
C ARG A 198 0.92 2.42 -39.38
N GLU A 199 -0.30 2.00 -39.08
CA GLU A 199 -0.85 2.12 -37.73
C GLU A 199 -0.26 1.07 -36.78
N ALA A 200 0.19 1.54 -35.62
CA ALA A 200 0.58 0.64 -34.54
C ALA A 200 -0.65 -0.18 -34.17
N ARG A 201 -0.45 -1.49 -34.00
CA ARG A 201 -1.53 -2.37 -33.56
C ARG A 201 -1.96 -1.98 -32.14
N GLY A 202 -3.23 -2.19 -31.84
CA GLY A 202 -3.74 -1.85 -30.53
C GLY A 202 -4.13 -3.11 -29.78
N TYR A 203 -3.75 -3.16 -28.50
CA TYR A 203 -3.94 -4.36 -27.70
C TYR A 203 -4.82 -4.11 -26.49
N MET A 204 -5.85 -4.94 -26.41
CA MET A 204 -6.71 -5.03 -25.23
C MET A 204 -6.20 -6.18 -24.38
N HIS A 205 -5.96 -5.94 -23.10
CA HIS A 205 -5.41 -6.94 -22.20
C HIS A 205 -6.50 -7.64 -21.42
N ALA A 206 -6.39 -8.97 -21.39
CA ALA A 206 -7.14 -9.75 -20.45
C ALA A 206 -6.44 -9.46 -19.14
N ALA A 207 -7.11 -8.76 -18.25
CA ALA A 207 -6.53 -8.36 -16.99
C ALA A 207 -7.57 -8.57 -15.92
N ALA A 208 -7.10 -8.94 -14.73
CA ALA A 208 -7.97 -9.13 -13.57
C ALA A 208 -8.72 -7.86 -13.16
N ASP A 209 -8.07 -6.70 -13.31
CA ASP A 209 -8.67 -5.41 -12.91
C ASP A 209 -9.59 -4.80 -13.97
N ASP A 210 -9.78 -5.50 -15.09
CA ASP A 210 -10.81 -5.16 -16.04
C ASP A 210 -12.13 -5.79 -15.58
N GLU A 211 -12.64 -5.28 -14.46
CA GLU A 211 -13.82 -5.81 -13.79
C GLU A 211 -15.09 -5.20 -14.31
N ASN A 212 -15.10 -3.89 -14.49
CA ASN A 212 -16.25 -3.17 -15.01
C ASN A 212 -15.92 -2.55 -16.38
N PRO A 213 -16.00 -3.35 -17.45
CA PRO A 213 -15.71 -2.85 -18.79
C PRO A 213 -16.65 -1.73 -19.25
N GLN A 214 -16.08 -0.68 -19.83
CA GLN A 214 -16.84 0.49 -20.27
C GLN A 214 -17.48 0.30 -21.64
N TRP A 215 -17.05 -0.72 -22.36
CA TRP A 215 -17.50 -0.96 -23.71
C TRP A 215 -18.16 -2.32 -23.85
N ASP A 216 -19.11 -2.39 -24.77
CA ASP A 216 -19.65 -3.66 -25.24
C ASP A 216 -18.62 -4.30 -26.19
N VAL A 217 -17.83 -5.25 -25.67
CA VAL A 217 -16.79 -5.92 -26.46
C VAL A 217 -17.12 -7.40 -26.75
N SER A 218 -18.40 -7.74 -26.65
CA SER A 218 -18.86 -9.08 -27.00
C SER A 218 -18.46 -9.38 -28.45
N GLY A 219 -18.05 -10.62 -28.69
CA GLY A 219 -17.57 -11.04 -30.00
C GLY A 219 -16.08 -10.86 -30.18
N ALA A 220 -15.35 -10.71 -29.07
CA ALA A 220 -13.90 -10.51 -29.12
C ALA A 220 -13.18 -11.79 -29.55
N GLY A 221 -13.82 -12.91 -29.26
CA GLY A 221 -13.19 -14.21 -29.49
C GLY A 221 -12.21 -14.47 -28.39
N ASP A 222 -11.24 -15.33 -28.67
CA ASP A 222 -10.29 -15.77 -27.66
C ASP A 222 -9.05 -14.90 -27.62
N PRO A 223 -8.46 -14.74 -26.42
CA PRO A 223 -7.22 -13.97 -26.35
C PRO A 223 -6.01 -14.82 -26.75
N VAL A 224 -5.11 -14.21 -27.51
CA VAL A 224 -3.84 -14.84 -27.84
C VAL A 224 -2.77 -14.19 -26.99
N ASP A 225 -2.05 -15.00 -26.22
CA ASP A 225 -0.92 -14.53 -25.41
C ASP A 225 -1.34 -13.40 -24.44
N GLY A 226 -2.55 -13.49 -23.92
CA GLY A 226 -3.08 -12.54 -22.95
C GLY A 226 -3.69 -11.27 -23.52
N VAL A 227 -3.82 -11.19 -24.84
CA VAL A 227 -4.29 -9.98 -25.50
C VAL A 227 -5.24 -10.26 -26.65
N TRP A 228 -5.97 -9.22 -27.06
CA TRP A 228 -6.68 -9.21 -28.33
C TRP A 228 -6.07 -8.09 -29.16
N ASP A 229 -5.84 -8.35 -30.45
CA ASP A 229 -5.51 -7.30 -31.39
C ASP A 229 -6.80 -6.52 -31.72
N SER A 230 -7.02 -5.42 -31.00
CA SER A 230 -8.25 -4.63 -31.08
C SER A 230 -8.22 -3.48 -32.10
N THR A 231 -7.18 -3.45 -32.93
CA THR A 231 -6.92 -2.33 -33.85
C THR A 231 -8.09 -2.03 -34.77
N GLU A 232 -8.65 -3.06 -35.37
CA GLU A 232 -9.69 -2.87 -36.38
C GLU A 232 -11.00 -3.46 -35.88
N TRP A 233 -11.20 -3.47 -34.56
CA TRP A 233 -12.46 -3.83 -33.92
C TRP A 233 -13.53 -2.82 -34.27
N PHE A 234 -13.27 -1.56 -33.94
CA PHE A 234 -14.27 -0.51 -33.98
C PHE A 234 -14.09 0.41 -35.18
N PRO A 235 -15.13 0.54 -36.04
CA PRO A 235 -15.05 1.52 -37.12
C PRO A 235 -15.13 2.96 -36.57
N LEU A 236 -14.15 3.77 -36.94
CA LEU A 236 -14.04 5.15 -36.47
C LEU A 236 -15.29 6.01 -36.71
N SER A 237 -16.11 5.65 -37.69
CA SER A 237 -17.38 6.35 -37.91
C SER A 237 -18.29 6.33 -36.67
N GLY A 238 -18.15 5.29 -35.84
CA GLY A 238 -18.93 5.17 -34.60
C GLY A 238 -18.56 6.18 -33.52
N ALA A 239 -17.32 6.68 -33.55
CA ALA A 239 -16.88 7.72 -32.63
C ALA A 239 -17.09 9.12 -33.23
N ASN A 240 -17.05 9.19 -34.57
CA ASN A 240 -17.37 10.43 -35.27
C ASN A 240 -16.54 11.57 -34.65
N ALA A 241 -17.16 12.73 -34.42
CA ALA A 241 -16.47 13.92 -33.94
C ALA A 241 -16.01 13.83 -32.48
N ALA A 242 -16.51 12.82 -31.77
CA ALA A 242 -16.09 12.51 -30.40
C ALA A 242 -14.75 11.75 -30.28
N GLY A 243 -14.27 11.11 -31.35
CA GLY A 243 -12.96 10.43 -31.30
C GLY A 243 -12.47 9.61 -32.50
N ASP A 244 -12.57 10.16 -33.72
CA ASP A 244 -12.25 9.42 -34.95
C ASP A 244 -10.88 9.70 -35.58
N MET A 245 -10.05 10.50 -34.94
CA MET A 245 -8.79 10.91 -35.55
C MET A 245 -7.65 9.91 -35.44
N VAL A 246 -6.84 9.85 -36.50
CA VAL A 246 -5.62 9.06 -36.52
C VAL A 246 -4.46 10.04 -36.71
N SER A 247 -3.40 9.86 -35.91
CA SER A 247 -2.26 10.75 -35.95
C SER A 247 -1.03 10.12 -35.30
N THR A 248 0.09 10.85 -35.36
CA THR A 248 1.30 10.48 -34.61
C THR A 248 1.46 11.48 -33.48
N PRO A 249 2.18 11.09 -32.39
CA PRO A 249 2.61 12.05 -31.37
C PRO A 249 3.28 13.32 -31.91
N ARG A 250 4.15 13.17 -32.91
CA ARG A 250 4.83 14.30 -33.56
C ARG A 250 3.85 15.30 -34.17
N ASP A 251 2.85 14.80 -34.88
CA ASP A 251 1.80 15.63 -35.47
C ASP A 251 0.94 16.34 -34.43
N ILE A 252 0.61 15.62 -33.35
CA ILE A 252 -0.17 16.18 -32.25
C ILE A 252 0.56 17.33 -31.58
N VAL A 253 1.85 17.15 -31.31
CA VAL A 253 2.67 18.17 -30.66
C VAL A 253 2.85 19.43 -31.53
N LYS A 254 2.86 19.27 -32.85
CA LYS A 254 2.78 20.41 -33.76
C LYS A 254 1.50 21.22 -33.56
N PHE A 255 0.38 20.52 -33.37
CA PHE A 255 -0.91 21.17 -33.16
C PHE A 255 -0.94 21.94 -31.85
N LEU A 256 -0.53 21.28 -30.77
CA LEU A 256 -0.48 21.88 -29.43
C LEU A 256 0.33 23.16 -29.39
N ASN A 257 1.54 23.12 -29.98
CA ASN A 257 2.43 24.30 -30.04
C ASN A 257 1.79 25.51 -30.71
N ALA A 258 1.18 25.28 -31.88
CA ALA A 258 0.52 26.33 -32.64
C ALA A 258 -0.72 26.86 -31.92
N LEU A 259 -1.47 25.98 -31.27
CA LEU A 259 -2.68 26.37 -30.55
C LEU A 259 -2.33 27.30 -29.40
N PHE A 260 -1.36 26.91 -28.60
CA PHE A 260 -0.94 27.65 -27.42
C PHE A 260 -0.07 28.84 -27.75
N ASP A 261 0.54 28.84 -28.93
CA ASP A 261 1.35 29.98 -29.38
C ASP A 261 0.51 31.02 -30.13
N GLY A 262 -0.80 30.83 -30.09
CA GLY A 262 -1.74 31.82 -30.63
C GLY A 262 -1.75 31.82 -32.15
N ARG A 263 -1.37 30.70 -32.76
CA ARG A 263 -1.24 30.63 -34.20
C ARG A 263 -2.43 29.99 -34.92
N ILE A 264 -3.43 29.55 -34.16
CA ILE A 264 -4.63 28.97 -34.75
C ILE A 264 -5.88 29.79 -34.40
N LEU A 265 -6.11 29.95 -33.11
CA LEU A 265 -7.26 30.68 -32.60
C LEU A 265 -6.81 32.04 -32.11
N ASP A 266 -7.66 33.06 -32.27
CA ASP A 266 -7.35 34.38 -31.73
C ASP A 266 -7.42 34.30 -30.20
N GLN A 267 -7.04 35.36 -29.51
CA GLN A 267 -6.94 35.31 -28.05
C GLN A 267 -8.23 34.95 -27.33
N LYS A 268 -9.36 35.49 -27.78
CA LYS A 268 -10.63 35.26 -27.10
C LYS A 268 -11.08 33.80 -27.19
N ARG A 269 -10.96 33.21 -28.37
CA ARG A 269 -11.36 31.82 -28.58
C ARG A 269 -10.39 30.83 -27.91
N LEU A 270 -9.10 31.14 -27.95
CA LEU A 270 -8.11 30.37 -27.19
C LEU A 270 -8.45 30.38 -25.70
N TRP A 271 -8.84 31.55 -25.21
CA TRP A 271 -9.26 31.71 -23.82
C TRP A 271 -10.52 30.90 -23.50
N GLU A 272 -11.50 30.89 -24.40
CA GLU A 272 -12.70 30.07 -24.21
C GLU A 272 -12.33 28.61 -24.06
N MET A 273 -11.32 28.20 -24.82
CA MET A 273 -10.93 26.80 -24.89
C MET A 273 -10.21 26.35 -23.64
N LYS A 274 -9.23 27.13 -23.18
CA LYS A 274 -8.33 26.71 -22.10
C LYS A 274 -8.52 27.40 -20.76
N ASP A 275 -9.23 28.53 -20.75
CA ASP A 275 -9.26 29.35 -19.55
C ASP A 275 -10.65 29.58 -18.96
N ASN A 276 -11.66 29.56 -19.81
CA ASN A 276 -13.04 29.66 -19.33
C ASN A 276 -13.48 28.27 -18.84
N ILE A 277 -13.07 27.98 -17.62
CA ILE A 277 -13.11 26.62 -17.09
C ILE A 277 -14.10 26.45 -15.93
N LYS A 278 -14.49 25.20 -15.70
CA LYS A 278 -15.24 24.78 -14.52
C LYS A 278 -14.74 23.38 -14.12
N PRO A 279 -15.04 22.93 -12.88
CA PRO A 279 -14.63 21.57 -12.48
C PRO A 279 -15.10 20.48 -13.42
N ALA A 280 -14.28 19.42 -13.53
CA ALA A 280 -14.56 18.30 -14.43
C ALA A 280 -13.99 17.01 -13.88
N PHE A 281 -14.69 15.92 -14.20
CA PHE A 281 -14.33 14.56 -13.78
C PHE A 281 -14.30 13.63 -15.00
N PHE A 282 -13.28 12.77 -15.05
CA PHE A 282 -13.29 11.62 -15.96
C PHE A 282 -12.74 10.41 -15.19
N PRO A 283 -13.52 9.30 -15.12
CA PRO A 283 -13.18 8.16 -14.26
C PRO A 283 -11.80 7.56 -14.54
N GLY A 284 -11.05 7.33 -13.47
CA GLY A 284 -9.70 6.80 -13.57
C GLY A 284 -8.61 7.81 -13.93
N SER A 285 -9.00 9.01 -14.39
CA SER A 285 -8.03 9.96 -14.92
C SER A 285 -7.53 10.99 -13.88
N ASN A 286 -6.72 11.95 -14.35
CA ASN A 286 -6.20 13.02 -13.50
C ASN A 286 -6.98 14.35 -13.67
N THR A 287 -8.06 14.27 -14.45
CA THR A 287 -8.87 15.44 -14.83
C THR A 287 -9.45 16.12 -13.61
N VAL A 288 -9.31 17.45 -13.57
CA VAL A 288 -9.88 18.28 -12.48
C VAL A 288 -10.82 19.37 -13.02
N ALA A 289 -10.65 19.76 -14.27
CA ALA A 289 -11.47 20.82 -14.85
C ALA A 289 -11.52 20.63 -16.37
N ASN A 290 -12.37 21.41 -17.04
CA ASN A 290 -12.34 21.48 -18.50
C ASN A 290 -12.76 22.86 -18.98
N GLY A 291 -12.30 23.25 -20.17
CA GLY A 291 -12.73 24.48 -20.80
C GLY A 291 -13.70 24.14 -21.89
N HIS A 292 -13.53 24.72 -23.06
CA HIS A 292 -14.36 24.42 -24.23
C HIS A 292 -13.56 23.67 -25.30
N GLY A 293 -13.10 22.48 -24.93
CA GLY A 293 -12.31 21.63 -25.81
C GLY A 293 -11.00 21.11 -25.25
N LEU A 294 -10.66 21.53 -24.03
CA LEU A 294 -9.47 21.07 -23.33
C LEU A 294 -9.83 20.66 -21.92
N LEU A 295 -9.19 19.60 -21.44
CA LEU A 295 -9.28 19.16 -20.06
C LEU A 295 -8.06 19.66 -19.29
N LEU A 296 -8.26 20.01 -18.04
CA LEU A 296 -7.16 20.30 -17.15
C LEU A 296 -6.89 19.05 -16.34
N MET A 297 -5.67 18.52 -16.46
CA MET A 297 -5.29 17.24 -15.87
C MET A 297 -4.07 17.43 -14.97
N ARG A 298 -4.23 17.11 -13.70
CA ARG A 298 -3.23 17.41 -12.66
C ARG A 298 -2.28 16.23 -12.36
N TYR A 299 -0.98 16.53 -12.39
CA TYR A 299 0.08 15.55 -12.15
C TYR A 299 1.06 16.09 -11.09
N GLY A 300 0.68 15.94 -9.84
CA GLY A 300 1.42 16.54 -8.74
C GLY A 300 1.42 18.05 -8.87
N SER A 301 2.62 18.63 -8.94
CA SER A 301 2.79 20.06 -9.06
C SER A 301 2.73 20.57 -10.51
N SER A 302 2.57 19.65 -11.46
CA SER A 302 2.37 20.03 -12.85
C SER A 302 0.95 19.75 -13.33
N GLU A 303 0.55 20.47 -14.36
CA GLU A 303 -0.77 20.31 -14.96
C GLU A 303 -0.63 20.36 -16.47
N LEU A 304 -1.33 19.46 -17.15
CA LEU A 304 -1.49 19.50 -18.59
C LEU A 304 -2.83 20.09 -18.97
N LYS A 305 -2.80 20.98 -19.97
CA LYS A 305 -4.01 21.44 -20.62
C LYS A 305 -4.08 20.72 -21.94
N GLY A 306 -4.92 19.71 -22.00
CA GLY A 306 -5.01 18.92 -23.21
C GLY A 306 -6.19 17.99 -23.23
N HIS A 307 -5.91 16.70 -23.35
CA HIS A 307 -6.96 15.70 -23.38
C HIS A 307 -6.40 14.30 -23.14
N LEU A 308 -7.30 13.39 -22.78
CA LEU A 308 -7.01 11.97 -22.73
C LEU A 308 -7.77 11.31 -23.87
N GLY A 309 -7.30 10.13 -24.28
CA GLY A 309 -7.98 9.35 -25.32
C GLY A 309 -8.00 7.87 -24.95
N GLN A 310 -9.17 7.26 -25.08
CA GLN A 310 -9.34 5.84 -24.83
C GLN A 310 -10.19 5.26 -25.92
N ILE A 311 -9.57 4.42 -26.75
CA ILE A 311 -10.27 3.68 -27.78
C ILE A 311 -9.57 2.31 -27.80
N PRO A 312 -10.33 1.20 -27.93
CA PRO A 312 -9.76 -0.13 -27.68
C PRO A 312 -8.34 -0.35 -28.19
N GLY A 313 -7.40 -0.48 -27.26
CA GLY A 313 -6.02 -0.75 -27.58
C GLY A 313 -5.08 0.45 -27.69
N HIS A 314 -5.63 1.66 -27.90
CA HIS A 314 -4.79 2.86 -27.94
C HIS A 314 -5.20 3.81 -26.81
N THR A 315 -4.23 4.14 -25.96
CA THR A 315 -4.49 4.95 -24.78
C THR A 315 -3.53 6.12 -24.83
N SER A 316 -4.09 7.32 -24.98
CA SER A 316 -3.31 8.54 -25.19
C SER A 316 -3.52 9.63 -24.12
N ILE A 317 -2.47 10.41 -23.89
CA ILE A 317 -2.52 11.63 -23.10
C ILE A 317 -1.79 12.69 -23.89
N MET A 318 -2.47 13.79 -24.21
CA MET A 318 -1.80 14.98 -24.76
C MET A 318 -2.03 16.20 -23.88
N GLY A 319 -1.10 17.15 -23.95
CA GLY A 319 -1.29 18.40 -23.26
C GLY A 319 -0.12 19.34 -23.29
N ARG A 320 -0.43 20.60 -22.98
CA ARG A 320 0.59 21.61 -22.75
C ARG A 320 0.64 21.92 -21.25
N ASP A 321 1.85 21.95 -20.70
CA ASP A 321 2.07 22.44 -19.35
C ASP A 321 2.34 23.96 -19.42
N GLU A 322 1.37 24.75 -18.97
CA GLU A 322 1.37 26.20 -19.21
C GLU A 322 2.46 26.95 -18.45
N GLU A 323 2.88 26.37 -17.33
CA GLU A 323 3.94 26.94 -16.49
C GLU A 323 5.32 26.83 -17.13
N THR A 324 5.68 25.63 -17.57
CA THR A 324 7.02 25.38 -18.15
C THR A 324 7.05 25.54 -19.66
N GLY A 325 5.87 25.60 -20.28
CA GLY A 325 5.78 25.69 -21.74
C GLY A 325 6.01 24.37 -22.46
N ALA A 326 6.20 23.30 -21.68
CA ALA A 326 6.41 21.95 -22.21
C ALA A 326 5.12 21.36 -22.79
N ALA A 327 5.19 20.89 -24.04
CA ALA A 327 4.09 20.22 -24.71
C ALA A 327 4.40 18.73 -24.94
N LEU A 328 3.37 17.88 -24.91
CA LEU A 328 3.58 16.44 -25.07
C LEU A 328 2.38 15.63 -25.60
N MET A 329 2.70 14.47 -26.20
CA MET A 329 1.73 13.45 -26.53
C MET A 329 2.38 12.10 -26.22
N LEU A 330 1.80 11.37 -25.27
CA LEU A 330 2.17 10.00 -25.00
C LEU A 330 1.02 9.08 -25.38
N ILE A 331 1.34 8.08 -26.22
CA ILE A 331 0.37 7.05 -26.59
C ILE A 331 0.98 5.66 -26.41
N GLN A 332 0.29 4.83 -25.63
CA GLN A 332 0.58 3.40 -25.57
C GLN A 332 -0.42 2.61 -26.41
N ASN A 333 0.03 1.49 -26.99
CA ASN A 333 -0.87 0.58 -27.69
C ASN A 333 -1.29 -0.62 -26.83
N SER A 334 -1.53 -0.35 -25.54
CA SER A 334 -2.14 -1.27 -24.58
C SER A 334 -3.34 -0.58 -23.94
N GLY A 335 -4.40 -1.34 -23.67
CA GLY A 335 -5.57 -0.82 -23.01
C GLY A 335 -6.38 -1.95 -22.40
N ALA A 336 -7.50 -1.58 -21.80
CA ALA A 336 -8.48 -2.52 -21.27
C ALA A 336 -9.82 -1.78 -21.35
N GLY A 337 -10.86 -2.29 -20.70
CA GLY A 337 -12.18 -1.64 -20.75
C GLY A 337 -12.48 -0.81 -19.52
N ASP A 338 -12.12 -1.34 -18.36
CA ASP A 338 -12.39 -0.70 -17.07
C ASP A 338 -11.56 0.58 -16.93
N PHE A 339 -12.22 1.69 -16.65
CA PHE A 339 -11.57 3.01 -16.44
C PHE A 339 -10.39 2.98 -15.45
N GLU A 340 -10.50 2.14 -14.42
CA GLU A 340 -9.54 2.06 -13.33
C GLU A 340 -8.48 0.98 -13.51
N SER A 341 -8.57 0.21 -14.60
CA SER A 341 -7.55 -0.76 -14.97
C SER A 341 -6.22 -0.09 -15.16
N PHE A 342 -5.15 -0.78 -14.78
CA PHE A 342 -3.80 -0.30 -14.99
C PHE A 342 -3.56 0.05 -16.46
N TYR A 343 -4.12 -0.77 -17.36
CA TYR A 343 -3.85 -0.60 -18.79
C TYR A 343 -4.53 0.64 -19.36
N LEU A 344 -5.43 1.21 -18.58
CA LEU A 344 -6.11 2.44 -18.99
C LEU A 344 -5.59 3.61 -18.13
N LYS A 345 -5.84 3.58 -16.83
CA LYS A 345 -5.47 4.67 -15.95
C LYS A 345 -3.96 4.77 -15.69
N GLY A 346 -3.24 3.65 -15.88
CA GLY A 346 -1.79 3.63 -15.68
C GLY A 346 -1.01 4.38 -16.72
N VAL A 347 -1.65 4.77 -17.82
CA VAL A 347 -1.02 5.64 -18.83
C VAL A 347 -0.59 6.97 -18.20
N ASN A 348 -1.29 7.35 -17.13
CA ASN A 348 -1.00 8.58 -16.39
C ASN A 348 0.29 8.52 -15.59
N GLU A 349 0.80 7.32 -15.34
CA GLU A 349 2.02 7.12 -14.55
C GLU A 349 3.29 7.61 -15.25
N PRO A 350 3.58 7.13 -16.48
CA PRO A 350 4.77 7.67 -17.12
C PRO A 350 4.65 9.17 -17.49
N VAL A 351 3.43 9.65 -17.74
CA VAL A 351 3.22 11.09 -17.95
C VAL A 351 3.61 11.86 -16.69
N ASP A 352 3.12 11.39 -15.53
CA ASP A 352 3.48 12.00 -14.26
C ASP A 352 5.00 12.06 -14.11
N ARG A 353 5.67 10.95 -14.44
CA ARG A 353 7.10 10.79 -14.21
C ARG A 353 7.93 11.66 -15.13
N VAL A 354 7.46 11.84 -16.35
CA VAL A 354 8.12 12.67 -17.34
C VAL A 354 8.13 14.14 -16.88
N LEU A 355 6.97 14.61 -16.42
CA LEU A 355 6.80 15.98 -15.97
C LEU A 355 7.65 16.29 -14.76
N GLU A 356 7.80 15.32 -13.86
CA GLU A 356 8.72 15.51 -12.74
C GLU A 356 10.21 15.37 -13.13
N ALA A 357 10.50 14.73 -14.25
CA ALA A 357 11.86 14.66 -14.78
C ALA A 357 12.25 15.96 -15.46
N ILE A 358 11.34 16.53 -16.25
CA ILE A 358 11.51 17.87 -16.80
C ILE A 358 11.72 18.89 -15.68
N LYS A 359 10.87 18.81 -14.65
CA LYS A 359 10.91 19.73 -13.52
C LYS A 359 12.23 19.62 -12.74
N ASN A 360 12.77 18.40 -12.66
CA ASN A 360 14.02 18.14 -11.94
C ASN A 360 15.25 18.63 -12.67
N SER A 361 15.23 18.58 -13.99
CA SER A 361 16.34 19.08 -14.79
C SER A 361 16.34 20.62 -14.85
N ARG A 362 15.20 21.21 -14.44
CA ARG A 362 14.97 22.65 -14.53
C ARG A 362 15.24 23.41 -13.23
N SER A 363 15.57 22.67 -12.16
CA SER A 363 15.85 23.29 -10.86
C SER A 363 17.35 23.50 -10.67
N LEU B 4 15.68 18.93 8.19
CA LEU B 4 14.24 19.31 8.26
C LEU B 4 13.68 19.12 9.68
N ASN B 5 13.99 17.97 10.28
CA ASN B 5 13.57 17.67 11.64
C ASN B 5 13.91 18.83 12.59
N ASN B 6 15.14 19.35 12.45
CA ASN B 6 15.61 20.49 13.25
C ASN B 6 14.86 21.81 12.94
N ALA B 7 14.67 22.10 11.64
CA ALA B 7 13.95 23.30 11.21
C ALA B 7 12.49 23.33 11.67
N ILE B 8 11.83 22.15 11.65
CA ILE B 8 10.44 22.01 12.07
C ILE B 8 10.28 22.22 13.57
N GLN B 9 11.18 21.62 14.38
CA GLN B 9 11.15 21.78 15.83
C GLN B 9 11.27 23.25 16.23
N GLY B 10 12.18 23.96 15.56
CA GLY B 10 12.44 25.36 15.86
C GLY B 10 11.23 26.21 15.58
N ILE B 11 10.54 25.89 14.48
CA ILE B 11 9.31 26.56 14.06
C ILE B 11 8.23 26.43 15.13
N LEU B 12 8.11 25.25 15.71
CA LEU B 12 7.14 25.00 16.81
C LEU B 12 7.54 25.68 18.12
N ASP B 13 8.82 25.60 18.47
CA ASP B 13 9.37 26.30 19.64
C ASP B 13 9.19 27.81 19.54
N ASP B 14 9.47 28.35 18.35
CA ASP B 14 9.28 29.79 18.09
C ASP B 14 7.84 30.26 18.28
N HIS B 15 6.88 29.44 17.83
CA HIS B 15 5.43 29.73 17.96
C HIS B 15 4.99 29.66 19.43
N VAL B 16 5.52 28.67 20.14
CA VAL B 16 5.33 28.55 21.60
C VAL B 16 5.89 29.78 22.35
N ALA B 17 7.05 30.27 21.91
CA ALA B 17 7.71 31.44 22.52
C ALA B 17 6.88 32.70 22.36
N ARG B 18 6.14 32.78 21.26
CA ARG B 18 5.19 33.88 21.04
C ARG B 18 3.96 33.85 21.94
N GLY B 19 3.85 32.86 22.83
CA GLY B 19 2.75 32.82 23.79
C GLY B 19 1.83 31.62 23.73
N VAL B 20 1.95 30.81 22.68
CA VAL B 20 1.12 29.60 22.56
C VAL B 20 1.60 28.53 23.55
N VAL B 21 0.66 27.96 24.31
CA VAL B 21 0.96 27.02 25.40
C VAL B 21 1.63 25.73 24.94
N GLY B 22 1.14 25.16 23.85
CA GLY B 22 1.62 23.88 23.33
C GLY B 22 1.11 23.65 21.92
N VAL B 23 1.85 22.85 21.18
CA VAL B 23 1.55 22.52 19.81
C VAL B 23 1.87 21.04 19.61
N SER B 24 1.03 20.34 18.87
CA SER B 24 1.30 18.95 18.51
C SER B 24 1.11 18.83 17.00
N LEU B 25 2.09 18.22 16.33
CA LEU B 25 2.07 18.11 14.88
C LEU B 25 2.33 16.66 14.46
N ALA B 26 1.66 16.24 13.39
CA ALA B 26 2.00 15.01 12.71
C ALA B 26 2.14 15.37 11.25
N LEU B 27 3.16 14.80 10.62
CA LEU B 27 3.49 15.12 9.25
C LEU B 27 3.89 13.85 8.50
N CYS B 28 3.27 13.64 7.35
CA CYS B 28 3.62 12.52 6.50
C CYS B 28 4.10 13.02 5.16
N LEU B 29 5.38 12.80 4.89
CA LEU B 29 5.94 13.07 3.57
C LEU B 29 5.93 11.76 2.77
N PRO B 30 5.52 11.82 1.49
CA PRO B 30 5.46 10.59 0.70
C PRO B 30 6.82 9.88 0.66
N GLY B 31 6.80 8.56 0.85
CA GLY B 31 8.03 7.77 0.87
C GLY B 31 8.85 7.93 2.14
N GLU B 32 8.17 8.39 3.21
CA GLU B 32 8.81 8.53 4.50
C GLU B 32 7.83 8.15 5.58
N GLU B 33 8.38 7.83 6.74
CA GLU B 33 7.61 7.46 7.92
C GLU B 33 7.03 8.74 8.55
N THR B 34 5.80 8.64 9.08
CA THR B 34 5.15 9.76 9.76
C THR B 34 6.04 10.35 10.86
N SER B 35 6.24 11.67 10.80
CA SER B 35 7.03 12.40 11.78
C SER B 35 6.10 13.12 12.75
N LEU B 36 6.35 12.93 14.04
CA LEU B 36 5.63 13.65 15.09
C LEU B 36 6.53 14.68 15.76
N TYR B 37 5.98 15.86 16.06
CA TYR B 37 6.68 16.94 16.77
C TYR B 37 5.77 17.55 17.82
N GLN B 38 6.36 17.99 18.93
CA GLN B 38 5.62 18.74 19.96
C GLN B 38 6.53 19.80 20.54
N SER B 39 5.93 20.86 21.07
CA SER B 39 6.64 21.83 21.86
C SER B 39 5.69 22.35 22.92
N GLY B 40 6.23 22.79 24.05
CA GLY B 40 5.43 23.32 25.13
C GLY B 40 4.63 22.30 25.91
N TYR B 41 3.46 22.74 26.41
CA TYR B 41 2.73 22.04 27.46
C TYR B 41 1.31 21.60 27.09
N ALA B 42 0.93 20.41 27.56
CA ALA B 42 -0.45 19.94 27.48
C ALA B 42 -1.24 20.55 28.64
N ASP B 43 -0.57 20.66 29.79
CA ASP B 43 -1.17 21.27 30.98
C ASP B 43 -0.23 22.35 31.50
N LYS B 44 -0.68 23.60 31.36
CA LYS B 44 0.14 24.77 31.64
C LYS B 44 0.56 24.84 33.12
N PHE B 45 -0.36 24.51 34.00
CA PHE B 45 -0.19 24.74 35.41
C PHE B 45 0.49 23.58 36.16
N ASN B 46 0.21 22.36 35.72
CA ASN B 46 0.92 21.20 36.24
C ASN B 46 2.20 20.91 35.45
N LYS B 47 2.54 21.79 34.52
CA LYS B 47 3.78 21.67 33.74
C LYS B 47 3.90 20.27 33.15
N MET B 48 2.81 19.80 32.54
N MET B 48 2.82 19.80 32.54
CA MET B 48 2.79 18.51 31.87
CA MET B 48 2.83 18.50 31.87
C MET B 48 3.11 18.73 30.39
C MET B 48 3.12 18.71 30.40
N PRO B 49 4.28 18.24 29.93
CA PRO B 49 4.70 18.52 28.53
C PRO B 49 3.80 17.84 27.48
N MET B 50 3.69 18.50 26.33
CA MET B 50 2.94 17.99 25.19
C MET B 50 3.63 16.77 24.62
N THR B 51 2.88 15.67 24.44
CA THR B 51 3.41 14.47 23.80
C THR B 51 2.55 14.13 22.57
N GLY B 52 2.99 13.17 21.76
CA GLY B 52 2.27 12.80 20.55
C GLY B 52 1.05 11.96 20.84
N ASP B 53 0.87 11.64 22.12
CA ASP B 53 -0.25 10.87 22.62
C ASP B 53 -1.42 11.71 23.17
N HIS B 54 -1.20 13.01 23.39
CA HIS B 54 -2.29 13.88 23.84
C HIS B 54 -3.41 14.03 22.82
N LEU B 55 -4.64 13.94 23.34
CA LEU B 55 -5.86 14.11 22.56
C LEU B 55 -6.24 15.58 22.49
N PHE B 56 -6.90 15.95 21.40
CA PHE B 56 -7.44 17.29 21.20
C PHE B 56 -8.83 17.18 20.66
N ARG B 57 -9.61 18.25 20.86
CA ARG B 57 -10.89 18.40 20.19
C ARG B 57 -10.59 19.01 18.82
N ILE B 58 -10.95 18.30 17.76
CA ILE B 58 -10.55 18.74 16.42
C ILE B 58 -11.55 19.70 15.79
N ALA B 59 -12.64 19.97 16.51
CA ALA B 59 -13.67 20.93 16.09
C ALA B 59 -14.15 20.64 14.65
N SER B 60 -14.23 21.66 13.81
CA SER B 60 -14.74 21.50 12.43
C SER B 60 -14.01 20.54 11.54
N CYS B 61 -12.83 20.09 11.93
CA CYS B 61 -12.15 19.03 11.16
C CYS B 61 -13.06 17.81 11.10
N THR B 62 -13.95 17.69 12.09
CA THR B 62 -15.02 16.69 12.13
C THR B 62 -15.81 16.68 10.82
N LYS B 63 -16.06 17.86 10.26
CA LYS B 63 -16.82 18.00 9.02
C LYS B 63 -16.26 17.18 7.87
N SER B 64 -14.94 17.04 7.77
CA SER B 64 -14.35 16.23 6.70
C SER B 64 -14.72 14.75 6.89
N PHE B 65 -14.81 14.30 8.15
CA PHE B 65 -15.24 12.92 8.44
C PHE B 65 -16.72 12.67 8.15
N ILE B 66 -17.57 13.62 8.51
CA ILE B 66 -19.01 13.56 8.28
C ILE B 66 -19.29 13.59 6.78
N ALA B 67 -18.57 14.45 6.07
CA ALA B 67 -18.69 14.51 4.61
C ALA B 67 -18.31 13.16 4.00
N THR B 68 -17.22 12.56 4.49
CA THR B 68 -16.80 11.24 4.03
C THR B 68 -17.89 10.19 4.30
N GLY B 69 -18.41 10.17 5.53
CA GLY B 69 -19.51 9.29 5.90
C GLY B 69 -20.69 9.36 4.95
N LEU B 70 -21.08 10.59 4.58
CA LEU B 70 -22.20 10.83 3.65
C LEU B 70 -21.86 10.37 2.23
N HIS B 71 -20.69 10.78 1.74
CA HIS B 71 -20.18 10.32 0.44
C HIS B 71 -20.14 8.78 0.30
N LEU B 72 -19.87 8.07 1.40
CA LEU B 72 -19.92 6.60 1.41
C LEU B 72 -21.32 6.07 1.13
N LEU B 73 -22.34 6.70 1.71
CA LEU B 73 -23.73 6.34 1.46
C LEU B 73 -24.11 6.63 0.01
N VAL B 74 -23.57 7.71 -0.54
CA VAL B 74 -23.72 8.04 -1.95
C VAL B 74 -23.15 6.92 -2.84
N GLN B 75 -21.89 6.56 -2.62
CA GLN B 75 -21.29 5.49 -3.41
C GLN B 75 -21.94 4.11 -3.16
N ASP B 76 -22.53 3.89 -1.99
CA ASP B 76 -23.40 2.71 -1.78
C ASP B 76 -24.66 2.73 -2.66
N GLY B 77 -25.12 3.92 -3.05
CA GLY B 77 -26.33 4.06 -3.86
C GLY B 77 -27.53 4.48 -3.04
N THR B 78 -27.31 4.77 -1.76
CA THR B 78 -28.39 5.03 -0.81
C THR B 78 -28.83 6.51 -0.82
N VAL B 79 -27.87 7.37 -1.16
CA VAL B 79 -28.04 8.81 -1.17
C VAL B 79 -27.54 9.34 -2.53
N ASP B 80 -28.22 10.36 -3.05
CA ASP B 80 -27.83 11.05 -4.30
C ASP B 80 -27.50 12.49 -3.93
N LEU B 81 -26.30 12.97 -4.25
CA LEU B 81 -25.90 14.30 -3.83
C LEU B 81 -26.80 15.42 -4.38
N ASP B 82 -27.59 15.06 -5.39
CA ASP B 82 -28.42 16.04 -6.08
C ASP B 82 -29.92 15.91 -5.77
N GLU B 83 -30.26 14.97 -4.88
CA GLU B 83 -31.66 14.78 -4.48
C GLU B 83 -32.07 15.79 -3.39
N PRO B 84 -33.33 16.26 -3.40
CA PRO B 84 -33.77 17.23 -2.38
C PRO B 84 -33.74 16.61 -0.99
N ILE B 85 -33.41 17.41 0.02
CA ILE B 85 -33.29 16.89 1.37
C ILE B 85 -34.65 16.72 2.05
N THR B 86 -35.72 17.02 1.32
CA THR B 86 -37.09 16.80 1.78
C THR B 86 -37.32 15.35 2.15
N ARG B 87 -36.50 14.46 1.62
CA ARG B 87 -36.60 13.03 1.91
C ARG B 87 -36.43 12.73 3.39
N TRP B 88 -35.60 13.52 4.06
CA TRP B 88 -35.32 13.32 5.48
C TRP B 88 -35.92 14.41 6.32
N PHE B 89 -36.08 15.59 5.73
CA PHE B 89 -36.53 16.78 6.45
C PHE B 89 -37.68 17.45 5.69
N PRO B 90 -38.86 16.79 5.66
CA PRO B 90 -39.97 17.31 4.83
C PRO B 90 -40.47 18.70 5.24
N ASP B 91 -40.39 19.02 6.53
CA ASP B 91 -40.91 20.28 7.05
C ASP B 91 -39.89 21.39 7.25
N LEU B 92 -38.61 21.12 6.97
CA LEU B 92 -37.60 22.15 7.13
C LEU B 92 -37.74 23.22 6.03
N PRO B 93 -37.86 24.50 6.44
CA PRO B 93 -38.10 25.54 5.45
C PRO B 93 -37.10 25.53 4.30
N LYS B 94 -37.64 25.49 3.08
CA LYS B 94 -36.88 25.60 1.82
C LYS B 94 -36.16 24.31 1.48
N ALA B 95 -36.51 23.20 2.15
CA ALA B 95 -35.83 21.92 1.93
C ALA B 95 -35.90 21.43 0.48
N ALA B 96 -37.00 21.74 -0.21
CA ALA B 96 -37.16 21.36 -1.62
C ALA B 96 -36.17 22.06 -2.57
N GLN B 97 -35.63 23.21 -2.16
CA GLN B 97 -34.55 23.90 -2.90
C GLN B 97 -33.15 23.44 -2.46
N MET B 98 -33.09 22.41 -1.63
CA MET B 98 -31.83 21.99 -1.05
C MET B 98 -31.44 20.55 -1.44
N PRO B 99 -30.57 20.41 -2.47
CA PRO B 99 -29.99 19.11 -2.77
C PRO B 99 -29.04 18.69 -1.65
N VAL B 100 -28.75 17.40 -1.57
CA VAL B 100 -27.93 16.85 -0.49
C VAL B 100 -26.58 17.54 -0.42
N ARG B 101 -25.95 17.79 -1.56
CA ARG B 101 -24.63 18.44 -1.59
C ARG B 101 -24.61 19.80 -0.88
N ILE B 102 -25.75 20.47 -0.81
CA ILE B 102 -25.79 21.84 -0.28
C ILE B 102 -25.59 21.86 1.25
N LEU B 103 -25.70 20.69 1.86
CA LEU B 103 -25.41 20.54 3.28
C LEU B 103 -23.92 20.55 3.58
N LEU B 104 -23.11 20.24 2.56
CA LEU B 104 -21.67 20.08 2.74
C LEU B 104 -20.85 21.25 2.21
N ASN B 105 -21.44 22.04 1.32
CA ASN B 105 -20.71 23.08 0.57
C ASN B 105 -20.83 24.54 1.07
N HIS B 106 -21.50 24.75 2.19
CA HIS B 106 -21.64 26.09 2.78
C HIS B 106 -22.39 27.14 1.92
N ARG B 107 -23.30 26.66 1.08
CA ARG B 107 -24.14 27.55 0.25
C ARG B 107 -25.63 27.32 0.45
N SER B 108 -25.99 26.72 1.59
CA SER B 108 -27.37 26.31 1.89
C SER B 108 -28.23 27.46 2.31
N GLY B 109 -27.60 28.52 2.83
CA GLY B 109 -28.31 29.62 3.48
C GLY B 109 -28.98 29.25 4.79
N LEU B 110 -28.71 28.03 5.29
CA LEU B 110 -29.35 27.54 6.52
C LEU B 110 -28.96 28.46 7.66
N PRO B 111 -29.90 28.71 8.60
CA PRO B 111 -29.56 29.52 9.76
C PRO B 111 -28.56 28.78 10.67
N ASP B 112 -27.63 29.49 11.30
CA ASP B 112 -26.62 28.83 12.13
C ASP B 112 -26.86 28.92 13.64
N PHE B 113 -26.27 28.00 14.39
CA PHE B 113 -26.41 27.97 15.84
C PHE B 113 -25.21 28.51 16.61
N GLU B 114 -24.10 28.71 15.90
CA GLU B 114 -22.83 28.91 16.59
CA GLU B 114 -22.79 28.97 16.47
C GLU B 114 -22.72 30.22 17.36
N THR B 115 -23.23 31.33 16.84
CA THR B 115 -23.07 32.60 17.55
C THR B 115 -23.92 32.75 18.80
N SER B 116 -25.01 32.00 18.89
CA SER B 116 -25.88 32.11 20.05
C SER B 116 -25.74 30.96 21.04
N MET B 117 -25.11 29.86 20.61
CA MET B 117 -24.95 28.72 21.50
C MET B 117 -24.10 29.04 22.72
N PRO B 118 -24.63 28.74 23.94
CA PRO B 118 -23.81 28.95 25.14
C PRO B 118 -22.60 28.03 25.13
N MET B 119 -21.43 28.65 25.17
CA MET B 119 -20.16 27.93 25.13
C MET B 119 -19.74 27.41 26.48
N ILE B 120 -20.26 28.00 27.54
CA ILE B 120 -20.01 27.51 28.88
C ILE B 120 -21.35 26.93 29.36
N SER B 121 -21.39 25.62 29.46
CA SER B 121 -22.67 24.93 29.61
C SER B 121 -22.45 23.47 29.98
N ASP B 122 -23.37 22.93 30.76
CA ASP B 122 -23.38 21.51 31.07
C ASP B 122 -24.47 20.77 30.31
N LYS B 123 -25.14 21.42 29.36
CA LYS B 123 -26.25 20.81 28.65
C LYS B 123 -25.85 19.72 27.65
N SER B 124 -26.63 18.65 27.65
CA SER B 124 -26.52 17.58 26.67
C SER B 124 -27.51 17.87 25.52
N TRP B 125 -27.00 17.97 24.29
CA TRP B 125 -27.83 18.31 23.12
C TRP B 125 -28.13 17.11 22.24
N THR B 126 -29.32 17.11 21.65
CA THR B 126 -29.64 16.22 20.54
C THR B 126 -29.51 16.99 19.23
N ALA B 127 -29.34 16.26 18.13
CA ALA B 127 -29.31 16.86 16.79
C ALA B 127 -30.50 17.76 16.49
N GLN B 128 -31.70 17.30 16.87
CA GLN B 128 -32.95 18.01 16.61
C GLN B 128 -33.03 19.28 17.44
N GLU B 129 -32.62 19.21 18.72
CA GLU B 129 -32.49 20.43 19.54
C GLU B 129 -31.63 21.50 18.89
N ILE B 130 -30.51 21.07 18.31
CA ILE B 130 -29.58 21.97 17.62
C ILE B 130 -30.21 22.61 16.37
N VAL B 131 -30.88 21.78 15.56
CA VAL B 131 -31.62 22.27 14.40
C VAL B 131 -32.70 23.27 14.82
N ASP B 132 -33.51 22.91 15.82
CA ASP B 132 -34.49 23.85 16.38
C ASP B 132 -33.88 25.17 16.85
N PHE B 133 -32.74 25.10 17.54
CA PHE B 133 -31.99 26.26 18.04
C PHE B 133 -31.53 27.18 16.90
N SER B 134 -30.99 26.57 15.84
CA SER B 134 -30.61 27.30 14.63
C SER B 134 -31.76 28.11 14.04
N PHE B 135 -32.93 27.47 13.92
CA PHE B 135 -34.09 28.17 13.40
C PHE B 135 -34.66 29.19 14.38
N ARG B 136 -34.48 28.95 15.67
CA ARG B 136 -34.90 29.89 16.69
C ARG B 136 -34.01 31.14 16.73
N HIS B 137 -32.69 30.97 16.62
CA HIS B 137 -31.75 32.08 16.87
C HIS B 137 -31.01 32.60 15.63
N GLY B 138 -31.01 31.82 14.55
CA GLY B 138 -30.27 32.18 13.35
C GLY B 138 -31.12 32.75 12.23
N VAL B 139 -30.46 33.20 11.16
CA VAL B 139 -31.12 33.79 9.99
C VAL B 139 -30.97 32.91 8.75
N GLN B 140 -32.10 32.53 8.15
CA GLN B 140 -32.11 31.73 6.94
C GLN B 140 -32.10 32.58 5.68
N LYS B 141 -31.12 32.35 4.81
CA LYS B 141 -31.08 32.98 3.49
C LYS B 141 -31.54 31.98 2.41
N GLU B 142 -31.56 32.43 1.16
CA GLU B 142 -31.94 31.56 0.06
C GLU B 142 -30.83 30.54 -0.23
N PRO B 143 -31.21 29.28 -0.49
CA PRO B 143 -30.23 28.32 -0.98
C PRO B 143 -29.44 28.87 -2.19
N TRP B 144 -28.14 28.56 -2.24
CA TRP B 144 -27.25 29.04 -3.32
C TRP B 144 -27.00 30.55 -3.33
N HIS B 145 -27.42 31.26 -2.27
CA HIS B 145 -27.24 32.72 -2.16
C HIS B 145 -25.78 33.12 -2.33
N GLY B 146 -24.89 32.23 -1.89
CA GLY B 146 -23.45 32.49 -1.90
C GLY B 146 -22.85 31.66 -0.80
N MET B 147 -21.56 31.83 -0.56
CA MET B 147 -20.95 31.01 0.46
C MET B 147 -21.03 31.72 1.80
N GLU B 148 -21.50 30.99 2.79
CA GLU B 148 -21.42 31.39 4.19
C GLU B 148 -21.30 30.12 5.02
N TYR B 149 -20.19 30.01 5.73
CA TYR B 149 -19.92 28.82 6.53
C TYR B 149 -21.13 28.36 7.38
N SER B 150 -21.45 27.08 7.25
CA SER B 150 -22.64 26.52 7.88
C SER B 150 -22.32 25.25 8.68
N ASN B 151 -22.56 25.34 9.98
CA ASN B 151 -22.51 24.18 10.87
C ASN B 151 -23.79 23.35 10.73
N THR B 152 -24.92 24.03 10.73
CA THR B 152 -26.24 23.38 10.59
C THR B 152 -26.33 22.33 9.46
N GLY B 153 -25.74 22.62 8.30
CA GLY B 153 -25.71 21.68 7.18
C GLY B 153 -25.07 20.36 7.54
N TYR B 154 -24.04 20.42 8.37
CA TYR B 154 -23.33 19.21 8.78
C TYR B 154 -24.12 18.43 9.82
N VAL B 155 -24.81 19.14 10.70
CA VAL B 155 -25.73 18.49 11.63
C VAL B 155 -26.83 17.72 10.85
N LEU B 156 -27.49 18.36 9.89
CA LEU B 156 -28.44 17.65 9.03
C LEU B 156 -27.77 16.47 8.29
N ALA B 157 -26.55 16.68 7.79
CA ALA B 157 -25.77 15.57 7.19
C ALA B 157 -25.62 14.33 8.12
N GLY B 158 -25.21 14.56 9.38
CA GLY B 158 -25.18 13.49 10.38
C GLY B 158 -26.53 12.80 10.60
N MET B 159 -27.62 13.56 10.45
CA MET B 159 -28.99 13.03 10.66
C MET B 159 -29.41 12.08 9.53
N ILE B 160 -29.00 12.40 8.30
CA ILE B 160 -29.13 11.49 7.15
C ILE B 160 -28.35 10.19 7.42
N ILE B 161 -27.10 10.31 7.86
CA ILE B 161 -26.31 9.13 8.15
C ILE B 161 -27.00 8.26 9.20
N ALA B 162 -27.45 8.89 10.28
CA ALA B 162 -28.15 8.18 11.35
C ALA B 162 -29.45 7.52 10.85
N HIS B 163 -30.21 8.23 10.01
CA HIS B 163 -31.45 7.67 9.51
C HIS B 163 -31.20 6.45 8.63
N GLU B 164 -30.32 6.62 7.66
CA GLU B 164 -30.05 5.58 6.69
C GLU B 164 -29.38 4.33 7.29
N THR B 165 -28.53 4.51 8.27
CA THR B 165 -27.82 3.40 8.91
C THR B 165 -28.57 2.81 10.09
N GLY B 166 -29.58 3.53 10.60
CA GLY B 166 -30.33 3.10 11.80
C GLY B 166 -29.54 3.11 13.12
N LYS B 167 -28.43 3.84 13.15
CA LYS B 167 -27.58 3.96 14.36
C LYS B 167 -26.97 5.38 14.44
N PRO B 168 -26.42 5.77 15.61
CA PRO B 168 -25.75 7.09 15.63
C PRO B 168 -24.61 7.15 14.59
N TYR B 169 -24.40 8.33 13.99
CA TYR B 169 -23.38 8.53 12.94
C TYR B 169 -21.97 8.11 13.36
N SER B 170 -21.74 8.05 14.67
CA SER B 170 -20.48 7.57 15.24
C SER B 170 -20.21 6.11 14.87
N ASP B 171 -21.25 5.29 14.78
CA ASP B 171 -21.06 3.90 14.35
C ASP B 171 -20.68 3.79 12.87
N HIS B 172 -21.09 4.74 12.07
CA HIS B 172 -20.81 4.73 10.64
C HIS B 172 -19.37 5.17 10.45
N LEU B 173 -18.99 6.24 11.15
CA LEU B 173 -17.62 6.75 11.12
C LEU B 173 -16.64 5.75 11.70
N ARG B 174 -16.98 5.12 12.83
CA ARG B 174 -16.11 4.13 13.44
C ARG B 174 -15.91 2.88 12.56
N SER B 175 -17.01 2.29 12.11
CA SER B 175 -16.93 1.01 11.42
C SER B 175 -16.32 1.12 10.01
N ARG B 176 -16.48 2.28 9.37
CA ARG B 176 -16.12 2.43 7.96
C ARG B 176 -14.97 3.40 7.74
N ILE B 177 -14.56 4.09 8.80
CA ILE B 177 -13.35 4.93 8.79
C ILE B 177 -12.32 4.53 9.86
N PHE B 178 -12.61 4.77 11.15
CA PHE B 178 -11.62 4.53 12.22
C PHE B 178 -11.07 3.11 12.27
N ALA B 179 -11.97 2.13 12.38
CA ALA B 179 -11.59 0.73 12.59
C ALA B 179 -10.71 0.16 11.45
N PRO B 180 -11.17 0.24 10.18
CA PRO B 180 -10.28 -0.23 9.10
C PRO B 180 -8.89 0.47 9.01
N LEU B 181 -8.82 1.74 9.42
CA LEU B 181 -7.57 2.51 9.31
C LEU B 181 -6.66 2.37 10.54
N GLY B 182 -7.16 1.71 11.57
CA GLY B 182 -6.44 1.56 12.83
C GLY B 182 -6.33 2.84 13.65
N MET B 183 -7.30 3.74 13.48
CA MET B 183 -7.40 4.93 14.31
C MET B 183 -7.96 4.59 15.70
N LYS B 184 -7.04 4.39 16.64
CA LYS B 184 -7.39 3.91 17.96
C LYS B 184 -7.47 5.00 19.01
N ASP B 185 -7.08 6.21 18.64
CA ASP B 185 -7.16 7.36 19.53
C ASP B 185 -8.09 8.45 19.00
N THR B 186 -9.23 8.04 18.44
CA THR B 186 -10.20 8.94 17.81
C THR B 186 -11.58 8.58 18.30
N TRP B 187 -12.34 9.57 18.76
CA TRP B 187 -13.72 9.36 19.23
C TRP B 187 -14.64 10.43 18.68
N VAL B 188 -15.95 10.12 18.68
CA VAL B 188 -17.01 11.05 18.30
C VAL B 188 -17.74 11.50 19.57
N GLY B 189 -17.55 12.76 19.98
CA GLY B 189 -17.93 13.28 21.31
C GLY B 189 -19.40 13.26 21.72
N THR B 190 -20.31 13.34 20.75
CA THR B 190 -21.74 13.32 21.06
C THR B 190 -22.19 11.93 21.51
N HIS B 191 -21.57 10.89 20.94
CA HIS B 191 -22.08 9.53 21.11
C HIS B 191 -21.10 8.59 21.78
N GLU B 192 -19.89 9.06 22.06
CA GLU B 192 -18.87 8.18 22.61
C GLU B 192 -18.15 8.83 23.77
N THR B 193 -17.83 8.05 24.79
CA THR B 193 -17.00 8.56 25.86
C THR B 193 -15.53 8.41 25.46
N PHE B 194 -14.73 9.42 25.75
CA PHE B 194 -13.31 9.40 25.44
C PHE B 194 -12.54 9.61 26.75
N PRO B 195 -11.29 9.14 26.82
CA PRO B 195 -10.59 9.32 28.10
C PRO B 195 -10.12 10.78 28.34
N ILE B 196 -10.88 11.52 29.14
CA ILE B 196 -10.56 12.92 29.47
C ILE B 196 -9.14 13.11 30.01
N GLU B 197 -8.61 12.08 30.67
CA GLU B 197 -7.29 12.19 31.29
C GLU B 197 -6.17 12.28 30.25
N ARG B 198 -6.46 11.88 29.02
CA ARG B 198 -5.47 11.88 27.95
C ARG B 198 -5.54 13.16 27.13
N GLU B 199 -6.54 14.00 27.39
CA GLU B 199 -6.71 15.21 26.62
C GLU B 199 -5.77 16.35 27.08
N ALA B 200 -5.07 16.96 26.12
CA ALA B 200 -4.40 18.22 26.35
C ALA B 200 -5.48 19.24 26.79
N ARG B 201 -5.17 20.00 27.83
CA ARG B 201 -6.03 21.09 28.26
C ARG B 201 -6.02 22.14 27.16
N GLY B 202 -7.11 22.89 27.06
CA GLY B 202 -7.18 23.96 26.10
C GLY B 202 -7.21 25.27 26.85
N TYR B 203 -6.63 26.30 26.26
CA TYR B 203 -6.55 27.61 26.90
C TYR B 203 -7.08 28.74 26.03
N MET B 204 -7.99 29.51 26.62
CA MET B 204 -8.45 30.77 26.05
C MET B 204 -7.57 31.89 26.61
N HIS B 205 -7.02 32.70 25.72
CA HIS B 205 -6.14 33.80 26.10
C HIS B 205 -6.86 35.15 26.19
N ALA B 206 -6.58 35.89 27.26
CA ALA B 206 -7.15 37.23 27.50
C ALA B 206 -6.75 38.27 26.46
N ALA B 208 -6.15 40.86 24.41
CA ALA B 208 -5.42 41.97 23.78
C ALA B 208 -5.99 42.30 22.40
N ASP B 209 -5.76 41.38 21.45
CA ASP B 209 -6.32 41.45 20.11
C ASP B 209 -7.64 40.65 20.01
N ASP B 210 -8.22 40.35 21.16
CA ASP B 210 -9.49 39.64 21.26
C ASP B 210 -10.65 40.65 21.29
N GLU B 211 -10.73 41.46 20.24
CA GLU B 211 -11.65 42.61 20.16
C GLU B 211 -13.13 42.22 20.06
N ASN B 212 -13.49 41.44 19.02
CA ASN B 212 -14.86 40.92 18.85
C ASN B 212 -14.89 39.40 19.04
N PRO B 213 -15.29 38.93 20.24
CA PRO B 213 -15.43 37.49 20.48
C PRO B 213 -16.52 36.85 19.61
N GLN B 214 -16.19 35.72 18.98
CA GLN B 214 -17.17 34.95 18.19
C GLN B 214 -18.18 34.20 19.07
N TRP B 215 -17.78 33.92 20.30
CA TRP B 215 -18.57 33.16 21.24
C TRP B 215 -18.93 34.02 22.44
N ASP B 216 -20.14 33.83 22.97
CA ASP B 216 -20.45 34.36 24.30
C ASP B 216 -19.80 33.43 25.32
N VAL B 217 -18.75 33.93 25.98
CA VAL B 217 -18.02 33.14 26.97
C VAL B 217 -18.00 33.81 28.34
N SER B 218 -19.13 34.44 28.69
CA SER B 218 -19.31 35.00 30.03
C SER B 218 -19.54 33.86 31.01
N GLY B 219 -19.13 34.07 32.25
CA GLY B 219 -19.17 33.01 33.27
C GLY B 219 -17.90 32.17 33.28
N ALA B 220 -16.89 32.64 32.55
CA ALA B 220 -15.56 32.01 32.54
C ALA B 220 -14.84 32.24 33.87
N GLY B 221 -15.21 33.30 34.58
CA GLY B 221 -14.54 33.69 35.81
C GLY B 221 -13.36 34.59 35.49
N ASP B 222 -12.23 34.34 36.17
CA ASP B 222 -11.02 35.11 35.93
C ASP B 222 -9.84 34.18 35.59
N PRO B 223 -8.81 34.72 34.90
CA PRO B 223 -7.45 34.18 34.88
C PRO B 223 -6.62 34.88 35.97
N VAL B 224 -5.42 34.41 36.38
CA VAL B 224 -4.74 33.13 36.05
C VAL B 224 -3.87 33.11 34.77
N ASP B 225 -3.23 34.25 34.50
CA ASP B 225 -1.92 34.29 33.83
C ASP B 225 -1.78 34.06 32.31
N GLY B 226 -2.41 34.86 31.45
CA GLY B 226 -3.73 35.42 31.62
C GLY B 226 -4.54 34.52 30.70
N VAL B 227 -4.85 33.33 31.20
CA VAL B 227 -5.58 32.32 30.44
C VAL B 227 -6.68 31.71 31.28
N TRP B 228 -7.70 31.20 30.59
CA TRP B 228 -8.66 30.28 31.18
C TRP B 228 -8.39 28.89 30.63
N ASP B 229 -8.47 27.90 31.50
CA ASP B 229 -8.54 26.52 31.09
C ASP B 229 -10.00 26.27 30.65
N SER B 230 -10.20 26.19 29.33
CA SER B 230 -11.51 26.08 28.72
C SER B 230 -11.83 24.67 28.27
N THR B 231 -11.01 23.71 28.69
CA THR B 231 -11.08 22.34 28.18
C THR B 231 -12.50 21.76 28.30
N GLU B 232 -13.15 22.01 29.43
CA GLU B 232 -14.47 21.44 29.68
C GLU B 232 -15.56 22.51 29.83
N TRP B 233 -15.40 23.63 29.14
CA TRP B 233 -16.46 24.67 29.05
C TRP B 233 -17.64 24.13 28.25
N PHE B 234 -17.34 23.63 27.06
CA PHE B 234 -18.33 23.35 26.03
C PHE B 234 -18.56 21.84 25.86
N PRO B 235 -19.82 21.40 26.04
CA PRO B 235 -20.13 19.96 25.84
C PRO B 235 -20.07 19.67 24.35
N LEU B 236 -19.39 18.59 23.99
CA LEU B 236 -19.16 18.26 22.58
C LEU B 236 -20.43 18.04 21.80
N SER B 237 -21.49 17.59 22.49
CA SER B 237 -22.80 17.40 21.86
C SER B 237 -23.38 18.73 21.35
N GLY B 238 -22.85 19.86 21.86
CA GLY B 238 -23.24 21.18 21.36
C GLY B 238 -22.73 21.46 19.96
N ALA B 239 -21.70 20.73 19.53
CA ALA B 239 -21.19 20.86 18.16
C ALA B 239 -21.79 19.78 17.25
N ASN B 240 -22.01 18.59 17.81
CA ASN B 240 -22.60 17.49 17.07
C ASN B 240 -21.73 17.26 15.81
N ALA B 241 -22.34 16.88 14.69
CA ALA B 241 -21.64 16.51 13.47
C ALA B 241 -20.86 17.66 12.81
N ALA B 242 -21.00 18.86 13.36
CA ALA B 242 -20.25 20.02 12.90
C ALA B 242 -18.90 20.19 13.61
N GLY B 243 -18.67 19.49 14.72
CA GLY B 243 -17.40 19.65 15.44
C GLY B 243 -17.12 18.86 16.70
N ASP B 244 -17.61 17.63 16.80
CA ASP B 244 -17.57 16.89 18.09
C ASP B 244 -16.44 15.82 18.26
N MET B 245 -15.57 15.67 17.27
CA MET B 245 -14.54 14.64 17.37
C MET B 245 -13.30 14.99 18.24
N VAL B 246 -12.74 13.95 18.86
CA VAL B 246 -11.52 14.02 19.65
C VAL B 246 -10.51 13.08 18.99
N SER B 247 -9.28 13.55 18.75
CA SER B 247 -8.26 12.75 18.07
C SER B 247 -6.83 13.20 18.38
N THR B 248 -5.86 12.49 17.82
CA THR B 248 -4.43 12.87 17.86
C THR B 248 -4.04 13.28 16.45
N PRO B 249 -3.10 14.24 16.30
CA PRO B 249 -2.53 14.52 14.96
C PRO B 249 -2.14 13.26 14.17
N ARG B 250 -1.55 12.27 14.83
CA ARG B 250 -1.21 10.98 14.22
C ARG B 250 -2.43 10.33 13.55
N ASP B 251 -3.54 10.21 14.28
CA ASP B 251 -4.74 9.52 13.78
C ASP B 251 -5.34 10.26 12.63
N ILE B 252 -5.36 11.59 12.71
CA ILE B 252 -5.86 12.45 11.62
C ILE B 252 -5.08 12.25 10.31
N VAL B 253 -3.75 12.23 10.38
CA VAL B 253 -2.90 11.97 9.21
C VAL B 253 -3.15 10.56 8.62
N LYS B 254 -3.42 9.56 9.46
CA LYS B 254 -3.87 8.26 8.95
C LYS B 254 -5.10 8.39 8.05
N PHE B 255 -6.10 9.13 8.55
CA PHE B 255 -7.29 9.43 7.76
C PHE B 255 -6.95 10.19 6.48
N LEU B 256 -6.10 11.22 6.58
CA LEU B 256 -5.78 12.01 5.39
C LEU B 256 -5.06 11.21 4.30
N ASN B 257 -4.06 10.44 4.70
CA ASN B 257 -3.31 9.53 3.82
C ASN B 257 -4.25 8.60 3.07
N ALA B 258 -5.11 7.91 3.81
CA ALA B 258 -6.09 6.98 3.25
C ALA B 258 -7.08 7.65 2.29
N LEU B 259 -7.56 8.85 2.64
CA LEU B 259 -8.57 9.55 1.82
C LEU B 259 -8.03 9.94 0.45
N PHE B 260 -6.91 10.66 0.46
CA PHE B 260 -6.31 11.16 -0.76
C PHE B 260 -5.63 10.06 -1.56
N ASP B 261 -5.25 8.96 -0.89
CA ASP B 261 -4.69 7.78 -1.57
C ASP B 261 -5.77 6.90 -2.24
N GLY B 262 -7.05 7.21 -2.03
CA GLY B 262 -8.14 6.45 -2.65
C GLY B 262 -8.61 5.21 -1.89
N ARG B 263 -8.27 5.14 -0.61
CA ARG B 263 -8.59 3.96 0.20
C ARG B 263 -9.92 4.05 0.97
N ILE B 264 -10.57 5.21 0.95
CA ILE B 264 -11.88 5.33 1.62
C ILE B 264 -13.02 5.55 0.63
N LEU B 265 -12.92 6.66 -0.12
CA LEU B 265 -13.90 7.00 -1.15
C LEU B 265 -13.40 6.64 -2.56
N ASP B 266 -14.35 6.30 -3.44
CA ASP B 266 -14.02 6.03 -4.83
C ASP B 266 -13.72 7.39 -5.48
N GLN B 267 -13.26 7.38 -6.72
CA GLN B 267 -12.74 8.59 -7.34
C GLN B 267 -13.73 9.73 -7.50
N LYS B 268 -14.95 9.39 -7.91
CA LYS B 268 -16.02 10.36 -8.11
C LYS B 268 -16.34 11.10 -6.81
N ARG B 269 -16.49 10.38 -5.70
CA ARG B 269 -16.79 11.02 -4.41
C ARG B 269 -15.59 11.73 -3.81
N LEU B 270 -14.39 11.20 -4.04
CA LEU B 270 -13.20 11.91 -3.65
C LEU B 270 -13.17 13.23 -4.43
N TRP B 271 -13.46 13.15 -5.73
CA TRP B 271 -13.55 14.35 -6.59
C TRP B 271 -14.61 15.34 -6.11
N GLU B 272 -15.81 14.86 -5.78
CA GLU B 272 -16.84 15.72 -5.16
C GLU B 272 -16.31 16.48 -3.94
N MET B 273 -15.62 15.73 -3.08
CA MET B 273 -15.08 16.23 -1.83
C MET B 273 -14.02 17.31 -2.04
N LYS B 274 -13.08 17.07 -2.96
CA LYS B 274 -11.87 17.91 -3.11
C LYS B 274 -11.73 18.74 -4.40
N ASP B 275 -12.41 18.35 -5.48
CA ASP B 275 -12.18 19.01 -6.77
C ASP B 275 -13.38 19.73 -7.32
N ASN B 276 -14.56 19.38 -6.82
CA ASN B 276 -15.75 20.10 -7.16
C ASN B 276 -15.92 21.32 -6.26
N ILE B 277 -15.17 22.40 -6.55
CA ILE B 277 -14.98 23.51 -5.63
C ILE B 277 -15.62 24.82 -6.11
N LYS B 278 -15.88 25.72 -5.17
CA LYS B 278 -16.27 27.09 -5.45
C LYS B 278 -15.57 27.97 -4.40
N PRO B 279 -15.47 29.29 -4.66
CA PRO B 279 -14.86 30.17 -3.67
C PRO B 279 -15.50 30.04 -2.28
N ALA B 280 -14.68 30.24 -1.25
CA ALA B 280 -15.10 30.13 0.15
C ALA B 280 -14.31 31.11 1.02
N PHE B 281 -14.97 31.56 2.09
CA PHE B 281 -14.40 32.49 3.08
C PHE B 281 -14.57 31.93 4.49
N PHE B 282 -13.51 31.99 5.28
CA PHE B 282 -13.64 31.79 6.73
C PHE B 282 -12.76 32.84 7.40
N PRO B 283 -13.36 33.67 8.26
CA PRO B 283 -12.65 34.87 8.74
C PRO B 283 -11.39 34.54 9.54
N GLY B 284 -10.31 35.27 9.26
CA GLY B 284 -9.01 35.06 9.90
C GLY B 284 -8.15 33.99 9.23
N SER B 285 -8.76 33.18 8.36
CA SER B 285 -8.11 31.97 7.84
C SER B 285 -7.44 32.20 6.49
N ASN B 286 -6.81 31.16 5.95
CA ASN B 286 -6.20 31.20 4.61
C ASN B 286 -7.12 30.52 3.58
N THR B 287 -8.40 30.36 3.93
CA THR B 287 -9.36 29.66 3.05
C THR B 287 -9.67 30.51 1.83
N VAL B 288 -9.64 29.88 0.65
CA VAL B 288 -10.00 30.54 -0.60
C VAL B 288 -11.17 29.84 -1.34
N ALA B 289 -11.44 28.59 -0.99
CA ALA B 289 -12.37 27.74 -1.72
C ALA B 289 -12.74 26.54 -0.84
N ASN B 290 -13.81 25.84 -1.24
CA ASN B 290 -14.22 24.59 -0.58
C ASN B 290 -14.95 23.67 -1.55
N GLY B 291 -14.85 22.36 -1.31
CA GLY B 291 -15.56 21.36 -2.11
C GLY B 291 -16.77 20.88 -1.33
N HIS B 292 -16.81 19.58 -1.04
CA HIS B 292 -17.91 18.97 -0.29
C HIS B 292 -17.35 18.18 0.89
N GLY B 293 -16.72 18.92 1.79
CA GLY B 293 -16.14 18.37 3.03
C GLY B 293 -14.70 18.78 3.23
N LEU B 294 -14.13 19.50 2.25
CA LEU B 294 -12.77 20.01 2.38
C LEU B 294 -12.69 21.49 2.07
N LEU B 295 -11.88 22.19 2.85
CA LEU B 295 -11.53 23.58 2.57
C LEU B 295 -10.22 23.60 1.82
N LEU B 296 -10.06 24.55 0.90
CA LEU B 296 -8.78 24.82 0.24
C LEU B 296 -8.16 26.06 0.87
N MET B 297 -7.00 25.88 1.51
CA MET B 297 -6.34 26.93 2.30
C MET B 297 -4.93 27.20 1.77
N ARG B 298 -4.62 28.47 1.49
CA ARG B 298 -3.36 28.85 0.82
C ARG B 298 -2.22 29.14 1.77
N TYR B 299 -1.05 28.57 1.50
CA TYR B 299 0.15 28.80 2.32
C TYR B 299 1.32 29.13 1.42
N GLY B 300 1.36 30.36 0.96
CA GLY B 300 2.33 30.80 -0.03
C GLY B 300 2.12 30.06 -1.33
N SER B 301 3.14 29.30 -1.71
CA SER B 301 3.10 28.45 -2.91
C SER B 301 2.56 27.06 -2.60
N SER B 302 2.21 26.81 -1.35
CA SER B 302 1.56 25.56 -0.99
C SER B 302 0.07 25.78 -0.73
N GLU B 303 -0.69 24.71 -0.84
CA GLU B 303 -2.14 24.76 -0.62
C GLU B 303 -2.57 23.49 0.08
N LEU B 304 -3.25 23.65 1.21
CA LEU B 304 -3.82 22.49 1.87
C LEU B 304 -5.26 22.29 1.46
N LYS B 305 -5.59 21.04 1.16
CA LYS B 305 -6.96 20.58 1.08
C LYS B 305 -7.23 19.84 2.38
N GLY B 306 -8.09 20.43 3.21
CA GLY B 306 -8.34 19.90 4.53
C GLY B 306 -9.42 20.70 5.26
N HIS B 307 -9.05 21.26 6.41
CA HIS B 307 -9.99 21.99 7.25
C HIS B 307 -9.28 22.71 8.39
N LEU B 308 -9.96 23.72 8.95
CA LEU B 308 -9.57 24.34 10.22
C LEU B 308 -10.60 23.94 11.26
N GLY B 309 -10.17 23.96 12.52
CA GLY B 309 -11.05 23.69 13.63
C GLY B 309 -10.82 24.74 14.69
N GLN B 310 -11.91 25.26 15.23
CA GLN B 310 -11.87 26.23 16.32
C GLN B 310 -12.92 25.84 17.35
N ILE B 311 -12.47 25.40 18.53
CA ILE B 311 -13.34 25.07 19.65
C ILE B 311 -12.56 25.60 20.85
N PRO B 312 -13.24 26.11 21.88
CA PRO B 312 -12.49 26.96 22.85
C PRO B 312 -11.21 26.32 23.40
N GLY B 313 -10.08 26.94 23.07
CA GLY B 313 -8.78 26.51 23.55
C GLY B 313 -8.02 25.49 22.70
N HIS B 314 -8.69 24.89 21.71
CA HIS B 314 -8.05 23.95 20.77
C HIS B 314 -8.18 24.43 19.33
N THR B 315 -7.04 24.64 18.68
CA THR B 315 -6.99 25.29 17.37
C THR B 315 -6.18 24.43 16.41
N SER B 316 -6.84 23.94 15.36
CA SER B 316 -6.28 22.90 14.53
C SER B 316 -6.27 23.24 13.05
N ILE B 317 -5.27 22.72 12.34
CA ILE B 317 -5.20 22.81 10.88
C ILE B 317 -4.79 21.45 10.35
N MET B 318 -5.58 20.93 9.41
CA MET B 318 -5.29 19.68 8.74
C MET B 318 -5.48 19.79 7.23
N GLY B 319 -4.68 19.01 6.50
CA GLY B 319 -4.79 18.95 5.05
C GLY B 319 -3.70 18.16 4.38
N ARG B 320 -3.95 17.85 3.12
CA ARG B 320 -2.92 17.32 2.25
C ARG B 320 -2.55 18.42 1.28
N ASP B 321 -1.23 18.57 1.06
CA ASP B 321 -0.70 19.35 -0.05
C ASP B 321 -0.57 18.42 -1.25
N GLU B 322 -1.45 18.60 -2.23
CA GLU B 322 -1.66 17.60 -3.29
C GLU B 322 -0.50 17.53 -4.29
N GLU B 323 0.24 18.63 -4.36
CA GLU B 323 1.42 18.75 -5.19
C GLU B 323 2.55 17.85 -4.74
N THR B 324 2.82 17.88 -3.43
CA THR B 324 3.95 17.16 -2.84
C THR B 324 3.51 15.89 -2.14
N GLY B 325 2.21 15.72 -1.97
CA GLY B 325 1.68 14.54 -1.29
C GLY B 325 1.82 14.61 0.23
N ALA B 326 2.30 15.73 0.75
CA ALA B 326 2.44 15.93 2.20
C ALA B 326 1.09 16.11 2.88
N ALA B 327 0.85 15.32 3.93
CA ALA B 327 -0.32 15.44 4.77
C ALA B 327 0.12 15.81 6.19
N LEU B 328 -0.63 16.73 6.81
CA LEU B 328 -0.33 17.18 8.17
C LEU B 328 -1.57 17.48 9.01
N MET B 329 -1.39 17.39 10.33
CA MET B 329 -2.35 17.91 11.29
C MET B 329 -1.51 18.64 12.34
N LEU B 330 -1.75 19.94 12.49
CA LEU B 330 -1.11 20.70 13.55
C LEU B 330 -2.22 21.20 14.47
N ILE B 331 -2.13 20.87 15.76
CA ILE B 331 -3.08 21.38 16.75
C ILE B 331 -2.33 22.12 17.88
N GLN B 332 -2.82 23.29 18.25
CA GLN B 332 -2.31 24.01 19.43
C GLN B 332 -3.40 24.08 20.50
N ASN B 333 -3.00 23.96 21.77
CA ASN B 333 -3.95 24.11 22.88
C ASN B 333 -4.04 25.56 23.40
N SER B 334 -3.86 26.51 22.48
CA SER B 334 -4.17 27.92 22.73
C SER B 334 -5.22 28.40 21.72
N GLY B 335 -6.17 29.19 22.20
CA GLY B 335 -7.10 29.91 21.34
C GLY B 335 -7.58 31.20 21.94
N ALA B 336 -8.54 31.83 21.25
CA ALA B 336 -9.23 33.01 21.75
C ALA B 336 -10.64 33.11 21.10
N GLY B 337 -11.35 34.20 21.39
CA GLY B 337 -12.68 34.43 20.84
C GLY B 337 -12.66 35.01 19.42
N ASP B 338 -11.81 36.00 19.18
CA ASP B 338 -11.80 36.81 17.96
C ASP B 338 -11.09 36.06 16.86
N PHE B 339 -11.74 35.97 15.69
CA PHE B 339 -11.15 35.34 14.50
C PHE B 339 -9.80 35.93 14.10
N GLU B 340 -9.63 37.22 14.37
CA GLU B 340 -8.42 37.95 14.01
C GLU B 340 -7.34 37.92 15.09
N SER B 341 -7.68 37.41 16.27
CA SER B 341 -6.72 37.21 17.33
C SER B 341 -5.59 36.30 16.90
N PHE B 342 -4.37 36.61 17.35
CA PHE B 342 -3.19 35.79 17.07
C PHE B 342 -3.43 34.32 17.47
N TYR B 343 -4.18 34.13 18.56
CA TYR B 343 -4.33 32.79 19.14
C TYR B 343 -5.27 31.87 18.36
N LEU B 344 -5.94 32.44 17.36
CA LEU B 344 -6.73 31.68 16.41
C LEU B 344 -6.04 31.73 15.05
N LYS B 345 -5.97 32.91 14.48
CA LYS B 345 -5.44 33.16 13.14
C LYS B 345 -3.95 32.80 13.01
N GLY B 346 -3.20 32.96 14.10
CA GLY B 346 -1.76 32.70 14.09
C GLY B 346 -1.38 31.24 13.95
N VAL B 347 -2.35 30.33 14.16
CA VAL B 347 -2.11 28.90 13.93
C VAL B 347 -1.62 28.64 12.51
N ASN B 348 -1.97 29.54 11.59
CA ASN B 348 -1.64 29.37 10.19
C ASN B 348 -0.17 29.65 9.86
N GLU B 349 0.48 30.38 10.76
CA GLU B 349 1.87 30.78 10.60
C GLU B 349 2.85 29.60 10.66
N PRO B 350 2.82 28.80 11.76
CA PRO B 350 3.72 27.62 11.77
C PRO B 350 3.43 26.62 10.63
N VAL B 351 2.17 26.45 10.25
CA VAL B 351 1.82 25.65 9.05
C VAL B 351 2.48 26.21 7.78
N ASP B 352 2.39 27.52 7.60
CA ASP B 352 3.02 28.20 6.47
C ASP B 352 4.52 27.95 6.46
N ARG B 353 5.13 28.11 7.63
CA ARG B 353 6.57 27.90 7.82
C ARG B 353 7.00 26.45 7.63
N VAL B 354 6.20 25.51 8.13
CA VAL B 354 6.49 24.08 7.97
C VAL B 354 6.44 23.67 6.50
N LEU B 355 5.44 24.15 5.77
CA LEU B 355 5.28 23.80 4.35
C LEU B 355 6.42 24.35 3.48
N GLU B 356 6.86 25.57 3.77
CA GLU B 356 7.96 26.18 3.03
C GLU B 356 9.32 25.54 3.39
N ALA B 357 9.42 24.99 4.59
CA ALA B 357 10.60 24.23 5.03
C ALA B 357 10.73 22.91 4.28
N ILE B 358 9.61 22.20 4.12
CA ILE B 358 9.53 20.98 3.29
C ILE B 358 9.91 21.28 1.84
N LYS B 359 9.37 22.39 1.33
CA LYS B 359 9.62 22.83 -0.05
C LYS B 359 11.10 23.12 -0.30
N ASN B 360 11.73 23.84 0.64
CA ASN B 360 13.14 24.21 0.56
C ASN B 360 14.12 23.08 0.93
N SER B 361 13.59 21.96 1.40
CA SER B 361 14.42 20.78 1.64
C SER B 361 14.49 19.87 0.40
N ARG B 362 13.73 20.22 -0.63
CA ARG B 362 13.72 19.51 -1.92
C ARG B 362 14.12 20.45 -3.06
N SER B 363 14.24 21.74 -2.73
CA SER B 363 14.58 22.79 -3.69
C SER B 363 16.09 22.88 -3.91
N ASP C 3 32.18 -12.82 -10.34
CA ASP C 3 32.15 -11.45 -9.74
C ASP C 3 30.92 -11.23 -8.82
N LEU C 4 30.85 -12.03 -7.76
CA LEU C 4 29.87 -11.80 -6.70
C LEU C 4 30.26 -10.52 -5.96
N ASN C 5 31.57 -10.30 -5.82
CA ASN C 5 32.15 -9.12 -5.17
C ASN C 5 31.44 -7.82 -5.54
N ASN C 6 31.16 -7.66 -6.83
CA ASN C 6 30.53 -6.44 -7.37
C ASN C 6 29.06 -6.31 -7.04
N ALA C 7 28.33 -7.42 -7.16
CA ALA C 7 26.92 -7.50 -6.77
C ALA C 7 26.77 -7.13 -5.29
N ILE C 8 27.63 -7.71 -4.45
CA ILE C 8 27.59 -7.49 -3.00
C ILE C 8 27.92 -6.04 -2.62
N GLN C 9 28.99 -5.50 -3.22
CA GLN C 9 29.40 -4.13 -2.96
C GLN C 9 28.32 -3.13 -3.34
N GLY C 10 27.67 -3.37 -4.48
CA GLY C 10 26.53 -2.59 -4.93
C GLY C 10 25.38 -2.61 -3.94
N ILE C 11 25.07 -3.79 -3.40
CA ILE C 11 24.00 -3.97 -2.42
C ILE C 11 24.24 -3.11 -1.17
N LEU C 12 25.50 -3.06 -0.74
CA LEU C 12 25.88 -2.27 0.43
C LEU C 12 25.82 -0.79 0.14
N ASP C 13 26.30 -0.39 -1.05
CA ASP C 13 26.26 1.02 -1.47
C ASP C 13 24.83 1.55 -1.58
N ASP C 14 23.96 0.76 -2.18
CA ASP C 14 22.55 1.13 -2.34
C ASP C 14 21.84 1.27 -1.00
N HIS C 15 22.28 0.49 -0.01
CA HIS C 15 21.70 0.48 1.34
C HIS C 15 22.18 1.70 2.13
N VAL C 16 23.48 1.96 2.07
CA VAL C 16 24.07 3.18 2.63
C VAL C 16 23.40 4.45 2.05
N ALA C 17 23.18 4.47 0.74
CA ALA C 17 22.56 5.63 0.07
C ALA C 17 21.11 5.83 0.49
N ARG C 18 20.49 4.79 1.06
CA ARG C 18 19.13 4.91 1.59
C ARG C 18 19.03 5.64 2.94
N GLY C 19 20.17 5.94 3.55
CA GLY C 19 20.16 6.66 4.81
C GLY C 19 20.95 6.01 5.92
N VAL C 20 21.34 4.76 5.72
CA VAL C 20 22.22 4.06 6.66
C VAL C 20 23.63 4.65 6.57
N VAL C 21 24.20 4.96 7.73
CA VAL C 21 25.54 5.60 7.84
C VAL C 21 26.68 4.72 7.32
N GLY C 22 26.73 3.47 7.79
CA GLY C 22 27.76 2.54 7.38
C GLY C 22 27.33 1.11 7.60
N VAL C 23 27.99 0.19 6.89
CA VAL C 23 27.73 -1.24 7.00
C VAL C 23 29.05 -1.98 6.88
N SER C 24 29.16 -3.10 7.58
CA SER C 24 30.34 -3.95 7.46
C SER C 24 29.85 -5.39 7.31
N LEU C 25 30.34 -6.06 6.27
CA LEU C 25 29.94 -7.44 5.98
C LEU C 25 31.13 -8.40 5.95
N ALA C 26 30.95 -9.58 6.53
CA ALA C 26 31.85 -10.71 6.32
C ALA C 26 31.04 -11.85 5.73
N LEU C 27 31.56 -12.46 4.67
CA LEU C 27 30.87 -13.55 4.02
C LEU C 27 31.84 -14.67 3.68
N CYS C 28 31.49 -15.89 4.07
CA CYS C 28 32.25 -17.05 3.67
C CYS C 28 31.40 -18.06 2.89
N LEU C 29 31.91 -18.49 1.75
CA LEU C 29 31.27 -19.56 0.97
C LEU C 29 32.16 -20.78 1.09
N PRO C 30 31.56 -22.00 1.08
CA PRO C 30 32.38 -23.19 1.34
C PRO C 30 33.48 -23.39 0.30
N GLY C 31 34.64 -23.87 0.76
CA GLY C 31 35.82 -24.01 -0.09
C GLY C 31 36.57 -22.70 -0.30
N GLU C 32 35.92 -21.59 0.01
CA GLU C 32 36.53 -20.27 -0.14
C GLU C 32 36.89 -19.65 1.21
N GLU C 33 37.71 -18.61 1.16
CA GLU C 33 38.08 -17.85 2.34
C GLU C 33 37.11 -16.68 2.50
N THR C 34 37.08 -16.12 3.71
CA THR C 34 36.13 -15.06 4.05
C THR C 34 36.41 -13.75 3.30
N SER C 35 35.37 -13.28 2.61
CA SER C 35 35.38 -11.98 1.93
C SER C 35 34.77 -10.92 2.84
N LEU C 36 35.44 -9.78 2.91
CA LEU C 36 34.98 -8.64 3.70
C LEU C 36 34.55 -7.49 2.79
N TYR C 37 33.45 -6.85 3.13
CA TYR C 37 32.99 -5.68 2.38
C TYR C 37 32.52 -4.63 3.35
N GLN C 38 32.83 -3.38 3.04
CA GLN C 38 32.28 -2.25 3.78
C GLN C 38 31.77 -1.20 2.84
N SER C 39 30.96 -0.30 3.38
CA SER C 39 30.48 0.84 2.64
C SER C 39 30.14 1.90 3.68
N GLY C 40 30.28 3.16 3.31
CA GLY C 40 29.96 4.27 4.21
C GLY C 40 30.95 4.48 5.34
N TYR C 41 30.45 5.06 6.44
CA TYR C 41 31.29 5.58 7.52
C TYR C 41 31.19 4.85 8.86
N ALA C 42 32.33 4.63 9.49
CA ALA C 42 32.38 4.23 10.89
C ALA C 42 32.01 5.44 11.77
N ASP C 43 32.55 6.59 11.39
CA ASP C 43 32.31 7.85 12.09
C ASP C 43 31.70 8.78 11.06
N LYS C 44 30.51 9.27 11.36
CA LYS C 44 29.72 10.08 10.44
C LYS C 44 30.32 11.48 10.32
N PHE C 45 30.56 12.10 11.47
CA PHE C 45 30.98 13.50 11.52
C PHE C 45 32.46 13.65 11.16
N ASN C 46 33.31 12.86 11.80
CA ASN C 46 34.73 12.84 11.48
C ASN C 46 35.06 12.12 10.16
N LYS C 47 34.02 11.73 9.43
CA LYS C 47 34.13 11.16 8.08
C LYS C 47 35.15 10.03 7.92
N MET C 48 35.21 9.13 8.90
CA MET C 48 36.06 7.93 8.82
C MET C 48 35.36 6.75 8.12
N PRO C 49 35.89 6.33 6.95
CA PRO C 49 35.38 5.16 6.24
C PRO C 49 35.38 3.88 7.08
N MET C 50 34.31 3.10 6.92
CA MET C 50 34.16 1.81 7.59
C MET C 50 35.18 0.81 7.04
N THR C 51 35.83 0.10 7.95
CA THR C 51 36.76 -0.98 7.59
C THR C 51 36.33 -2.29 8.27
N GLY C 52 36.86 -3.40 7.78
CA GLY C 52 36.61 -4.72 8.34
C GLY C 52 37.27 -4.94 9.69
N ASP C 53 38.01 -3.93 10.16
CA ASP C 53 38.66 -3.99 11.46
C ASP C 53 37.90 -3.21 12.54
N HIS C 54 36.85 -2.50 12.14
CA HIS C 54 35.99 -1.80 13.08
C HIS C 54 35.16 -2.78 13.91
N LEU C 55 35.10 -2.51 15.21
CA LEU C 55 34.34 -3.33 16.14
C LEU C 55 32.90 -2.86 16.22
N PHE C 56 32.01 -3.78 16.57
CA PHE C 56 30.61 -3.45 16.81
C PHE C 56 30.12 -4.13 18.07
N ARG C 57 29.08 -3.55 18.68
CA ARG C 57 28.31 -4.24 19.70
C ARG C 57 27.32 -5.18 18.97
N ILE C 58 27.55 -6.49 19.10
CA ILE C 58 26.73 -7.48 18.37
C ILE C 58 25.39 -7.79 19.08
N ALA C 59 25.22 -7.22 20.29
CA ALA C 59 23.98 -7.36 21.06
C ALA C 59 23.58 -8.85 21.21
N SER C 60 22.32 -9.20 20.94
CA SER C 60 21.89 -10.57 21.23
C SER C 60 22.46 -11.67 20.33
N CYS C 61 23.32 -11.32 19.37
CA CYS C 61 24.23 -12.35 18.78
C CYS C 61 25.09 -13.00 19.88
N THR C 62 25.24 -12.31 21.02
CA THR C 62 25.91 -12.83 22.21
C THR C 62 25.25 -14.12 22.67
N LYS C 63 23.93 -14.21 22.50
CA LYS C 63 23.13 -15.34 22.97
C LYS C 63 23.58 -16.65 22.37
N SER C 64 24.02 -16.60 21.13
CA SER C 64 24.54 -17.78 20.45
C SER C 64 25.83 -18.28 21.07
N PHE C 65 26.67 -17.37 21.53
CA PHE C 65 27.90 -17.76 22.23
C PHE C 65 27.59 -18.29 23.62
N ILE C 66 26.62 -17.65 24.29
CA ILE C 66 26.19 -18.09 25.63
C ILE C 66 25.55 -19.48 25.59
N ALA C 67 24.71 -19.71 24.58
CA ALA C 67 24.09 -21.04 24.41
C ALA C 67 25.17 -22.07 24.15
N THR C 68 26.12 -21.73 23.28
CA THR C 68 27.26 -22.62 22.99
C THR C 68 28.03 -22.97 24.26
N GLY C 69 28.31 -21.96 25.08
CA GLY C 69 29.01 -22.15 26.34
C GLY C 69 28.28 -23.09 27.26
N LEU C 70 26.96 -22.93 27.34
CA LEU C 70 26.15 -23.82 28.16
C LEU C 70 26.14 -25.26 27.61
N HIS C 71 26.00 -25.40 26.29
CA HIS C 71 26.08 -26.73 25.62
C HIS C 71 27.42 -27.46 25.82
N LEU C 72 28.53 -26.75 25.78
CA LEU C 72 29.84 -27.32 26.17
C LEU C 72 29.84 -27.91 27.59
N LEU C 73 29.15 -27.24 28.50
CA LEU C 73 29.05 -27.72 29.89
C LEU C 73 28.17 -28.96 29.96
N VAL C 74 27.19 -29.03 29.05
CA VAL C 74 26.38 -30.23 28.89
C VAL C 74 27.28 -31.39 28.40
N GLN C 75 28.08 -31.14 27.36
CA GLN C 75 29.11 -32.08 26.92
C GLN C 75 30.07 -32.56 28.01
N ASP C 76 30.60 -31.62 28.81
CA ASP C 76 31.49 -31.98 29.94
C ASP C 76 30.82 -32.88 30.95
N GLY C 77 29.51 -32.71 31.12
CA GLY C 77 28.71 -33.63 31.93
C GLY C 77 28.12 -33.08 33.22
N THR C 78 28.38 -31.81 33.56
CA THR C 78 27.81 -31.28 34.82
C THR C 78 26.44 -30.65 34.65
N VAL C 79 26.05 -30.41 33.39
CA VAL C 79 24.75 -29.84 33.09
C VAL C 79 23.92 -30.79 32.20
N ASP C 80 22.65 -30.94 32.55
CA ASP C 80 21.70 -31.71 31.77
C ASP C 80 20.65 -30.71 31.27
N LEU C 81 20.41 -30.67 29.96
CA LEU C 81 19.43 -29.71 29.37
C LEU C 81 18.00 -29.87 29.89
N ASP C 82 17.74 -31.02 30.52
CA ASP C 82 16.39 -31.36 30.98
C ASP C 82 16.22 -31.34 32.52
N GLU C 83 17.27 -30.99 33.22
CA GLU C 83 17.18 -30.91 34.67
C GLU C 83 16.62 -29.56 35.10
N PRO C 84 15.86 -29.52 36.21
CA PRO C 84 15.27 -28.28 36.69
C PRO C 84 16.33 -27.25 37.15
N ILE C 85 16.09 -25.97 36.89
CA ILE C 85 17.07 -24.95 37.26
C ILE C 85 17.06 -24.55 38.75
N THR C 86 16.18 -25.18 39.54
CA THR C 86 16.18 -25.04 41.02
C THR C 86 17.55 -25.33 41.62
N ARG C 87 18.36 -26.10 40.90
CA ARG C 87 19.73 -26.43 41.32
C ARG C 87 20.60 -25.18 41.47
N TRP C 88 20.37 -24.18 40.61
CA TRP C 88 21.13 -22.92 40.68
C TRP C 88 20.31 -21.78 41.27
N PHE C 89 19.00 -21.84 41.08
CA PHE C 89 18.12 -20.76 41.50
C PHE C 89 16.93 -21.31 42.29
N PRO C 90 17.18 -21.89 43.50
CA PRO C 90 16.09 -22.45 44.33
C PRO C 90 15.06 -21.43 44.80
N ASP C 91 15.45 -20.16 44.84
CA ASP C 91 14.57 -19.03 45.23
C ASP C 91 13.84 -18.34 44.06
N LEU C 92 13.93 -18.91 42.87
CA LEU C 92 13.31 -18.31 41.68
C LEU C 92 11.92 -18.89 41.49
N PRO C 93 10.87 -18.05 41.47
CA PRO C 93 9.53 -18.57 41.30
C PRO C 93 9.37 -19.41 40.03
N LYS C 94 8.73 -20.58 40.15
CA LYS C 94 8.44 -21.49 39.03
C LYS C 94 9.64 -22.23 38.47
N ALA C 95 10.81 -22.02 39.07
CA ALA C 95 12.07 -22.67 38.69
C ALA C 95 11.99 -24.20 38.62
N ALA C 96 11.17 -24.81 39.45
CA ALA C 96 10.95 -26.26 39.39
C ALA C 96 10.33 -26.69 38.07
N GLN C 97 9.63 -25.78 37.40
CA GLN C 97 8.98 -26.07 36.13
C GLN C 97 9.82 -25.64 34.93
N MET C 98 11.07 -25.24 35.19
CA MET C 98 11.97 -24.77 34.15
C MET C 98 13.17 -25.71 33.99
N PRO C 99 13.18 -26.53 32.92
CA PRO C 99 14.38 -27.30 32.59
C PRO C 99 15.44 -26.35 32.06
N VAL C 100 16.71 -26.76 32.09
CA VAL C 100 17.81 -25.90 31.66
C VAL C 100 17.55 -25.34 30.25
N ARG C 101 17.04 -26.20 29.36
CA ARG C 101 16.84 -25.84 27.96
C ARG C 101 15.90 -24.64 27.80
N ILE C 102 14.92 -24.52 28.70
CA ILE C 102 13.92 -23.43 28.65
C ILE C 102 14.51 -22.00 28.80
N LEU C 103 15.74 -21.93 29.30
CA LEU C 103 16.45 -20.65 29.40
C LEU C 103 16.91 -20.19 28.03
N LEU C 104 17.01 -21.12 27.09
CA LEU C 104 17.65 -20.86 25.79
C LEU C 104 16.67 -20.74 24.64
N ASN C 105 15.50 -21.34 24.80
CA ASN C 105 14.52 -21.50 23.73
C ASN C 105 13.39 -20.45 23.70
N HIS C 106 13.45 -19.46 24.61
CA HIS C 106 12.48 -18.34 24.64
C HIS C 106 11.04 -18.72 25.04
N ARG C 107 10.93 -19.81 25.81
CA ARG C 107 9.63 -20.32 26.27
C ARG C 107 9.52 -20.39 27.79
N SER C 108 10.41 -19.71 28.51
CA SER C 108 10.46 -19.84 29.97
C SER C 108 9.35 -19.08 30.69
N GLY C 109 8.79 -18.06 30.01
CA GLY C 109 7.82 -17.16 30.63
C GLY C 109 8.44 -16.16 31.62
N LEU C 110 9.77 -16.12 31.69
CA LEU C 110 10.46 -15.25 32.64
C LEU C 110 10.15 -13.79 32.35
N PRO C 111 10.00 -12.97 33.41
CA PRO C 111 9.76 -11.55 33.23
C PRO C 111 10.98 -10.92 32.56
N ASP C 112 10.76 -9.93 31.67
CA ASP C 112 11.89 -9.30 30.96
C ASP C 112 12.27 -7.92 31.51
N PHE C 113 13.52 -7.53 31.28
CA PHE C 113 14.05 -6.25 31.76
C PHE C 113 14.24 -5.22 30.67
N GLU C 114 14.40 -5.66 29.42
CA GLU C 114 14.91 -4.80 28.38
C GLU C 114 14.10 -3.52 28.18
N THR C 115 12.78 -3.68 28.23
CA THR C 115 11.86 -2.62 27.89
C THR C 115 11.88 -1.44 28.88
N SER C 116 12.33 -1.69 30.12
CA SER C 116 12.32 -0.67 31.16
C SER C 116 13.72 -0.35 31.72
N MET C 117 14.74 -0.99 31.19
CA MET C 117 16.09 -0.63 31.56
C MET C 117 16.43 0.66 30.82
N PRO C 118 16.87 1.71 31.56
CA PRO C 118 17.27 2.93 30.87
C PRO C 118 18.49 2.66 29.99
N MET C 119 18.37 3.06 28.73
CA MET C 119 19.44 2.81 27.79
C MET C 119 20.54 3.84 27.91
N ILE C 120 20.26 4.96 28.58
CA ILE C 120 21.25 6.02 28.77
C ILE C 120 21.51 6.19 30.27
N SER C 121 22.65 5.67 30.71
CA SER C 121 23.05 5.72 32.11
C SER C 121 24.49 5.24 32.24
N ASP C 122 25.09 5.38 33.41
CA ASP C 122 26.43 4.83 33.69
C ASP C 122 26.39 3.78 34.80
N LYS C 123 25.20 3.23 35.06
CA LYS C 123 25.08 2.16 36.05
C LYS C 123 25.79 0.89 35.57
N SER C 124 26.74 0.42 36.36
CA SER C 124 27.32 -0.90 36.13
C SER C 124 26.45 -1.93 36.84
N TRP C 125 25.88 -2.83 36.04
CA TRP C 125 24.93 -3.81 36.51
C TRP C 125 25.60 -5.13 36.88
N THR C 126 25.02 -5.73 37.90
CA THR C 126 25.28 -7.10 38.33
C THR C 126 24.20 -8.00 37.66
N ALA C 127 24.52 -9.28 37.42
CA ALA C 127 23.54 -10.26 36.92
C ALA C 127 22.30 -10.39 37.84
N GLN C 128 22.52 -10.49 39.15
CA GLN C 128 21.40 -10.59 40.11
C GLN C 128 20.53 -9.33 40.08
N GLU C 129 21.16 -8.17 39.96
CA GLU C 129 20.44 -6.91 39.82
C GLU C 129 19.50 -6.88 38.61
N ILE C 130 19.96 -7.46 37.51
CA ILE C 130 19.16 -7.56 36.29
C ILE C 130 17.95 -8.45 36.52
N VAL C 131 18.17 -9.59 37.15
CA VAL C 131 17.09 -10.51 37.57
C VAL C 131 16.09 -9.82 38.53
N ASP C 132 16.58 -9.16 39.58
CA ASP C 132 15.69 -8.40 40.46
C ASP C 132 14.90 -7.39 39.63
N PHE C 133 15.63 -6.64 38.81
CA PHE C 133 15.02 -5.63 37.97
C PHE C 133 13.92 -6.21 37.05
N SER C 134 14.18 -7.35 36.41
CA SER C 134 13.16 -8.11 35.64
C SER C 134 11.87 -8.40 36.43
N PHE C 135 12.03 -8.83 37.69
CA PHE C 135 10.87 -9.13 38.53
C PHE C 135 10.06 -7.91 38.96
N ARG C 136 10.70 -6.76 39.09
CA ARG C 136 10.01 -5.53 39.42
C ARG C 136 9.18 -5.01 38.26
N HIS C 137 9.69 -5.16 37.03
CA HIS C 137 9.17 -4.41 35.89
C HIS C 137 8.53 -5.27 34.79
N GLY C 138 8.93 -6.54 34.68
CA GLY C 138 8.35 -7.42 33.69
C GLY C 138 7.22 -8.26 34.27
N VAL C 139 6.67 -9.16 33.45
CA VAL C 139 5.57 -10.02 33.83
C VAL C 139 6.02 -11.47 33.70
N GLN C 140 5.89 -12.26 34.76
CA GLN C 140 6.19 -13.70 34.65
C GLN C 140 5.00 -14.50 34.13
N LYS C 141 5.23 -15.27 33.08
CA LYS C 141 4.24 -16.21 32.60
C LYS C 141 4.63 -17.62 33.01
N GLU C 142 3.75 -18.58 32.73
CA GLU C 142 4.00 -19.98 32.97
C GLU C 142 5.05 -20.47 31.99
N PRO C 143 6.01 -21.29 32.47
CA PRO C 143 6.95 -21.93 31.57
C PRO C 143 6.22 -22.75 30.49
N TRP C 144 6.65 -22.61 29.24
CA TRP C 144 6.06 -23.27 28.08
C TRP C 144 4.75 -22.64 27.63
N HIS C 145 4.45 -21.44 28.14
CA HIS C 145 3.22 -20.70 27.78
C HIS C 145 3.11 -20.58 26.25
N GLY C 146 4.25 -20.41 25.61
CA GLY C 146 4.33 -20.08 24.19
C GLY C 146 5.72 -19.49 24.00
N MET C 147 5.98 -18.95 22.82
CA MET C 147 7.25 -18.29 22.59
C MET C 147 7.15 -16.78 22.79
N GLU C 148 8.00 -16.26 23.66
CA GLU C 148 8.17 -14.84 23.78
C GLU C 148 9.64 -14.64 24.10
N TYR C 149 10.30 -13.81 23.29
CA TYR C 149 11.71 -13.55 23.39
C TYR C 149 12.13 -13.13 24.81
N SER C 150 13.07 -13.87 25.38
CA SER C 150 13.49 -13.67 26.76
C SER C 150 14.99 -13.44 26.83
N ASN C 151 15.33 -12.22 27.23
CA ASN C 151 16.68 -11.84 27.62
C ASN C 151 17.09 -12.46 28.95
N THR C 152 16.15 -12.48 29.91
CA THR C 152 16.39 -13.00 31.27
C THR C 152 16.81 -14.46 31.29
N GLY C 153 16.30 -15.27 30.37
CA GLY C 153 16.70 -16.66 30.24
C GLY C 153 18.20 -16.78 30.04
N TYR C 154 18.75 -15.92 29.19
CA TYR C 154 20.19 -15.91 28.88
C TYR C 154 21.06 -15.31 29.97
N VAL C 155 20.54 -14.33 30.70
CA VAL C 155 21.23 -13.85 31.90
C VAL C 155 21.36 -14.99 32.92
N LEU C 156 20.30 -15.78 33.08
CA LEU C 156 20.33 -16.93 33.98
C LEU C 156 21.27 -18.02 33.44
N ALA C 157 21.29 -18.19 32.12
CA ALA C 157 22.21 -19.13 31.49
C ALA C 157 23.66 -18.74 31.83
N GLY C 158 23.98 -17.45 31.77
CA GLY C 158 25.33 -16.97 32.10
C GLY C 158 25.70 -17.25 33.54
N MET C 159 24.71 -17.13 34.42
CA MET C 159 24.88 -17.42 35.84
C MET C 159 25.18 -18.88 36.13
N ILE C 160 24.58 -19.78 35.36
CA ILE C 160 24.84 -21.20 35.51
C ILE C 160 26.28 -21.44 35.15
N ILE C 161 26.70 -20.86 34.03
CA ILE C 161 28.05 -20.98 33.51
C ILE C 161 29.05 -20.50 34.57
N ALA C 162 28.82 -19.32 35.13
CA ALA C 162 29.71 -18.80 36.17
C ALA C 162 29.72 -19.70 37.40
N HIS C 163 28.57 -20.29 37.74
CA HIS C 163 28.54 -21.21 38.87
C HIS C 163 29.27 -22.52 38.61
N GLU C 164 29.13 -23.05 37.41
CA GLU C 164 29.67 -24.36 37.07
C GLU C 164 31.18 -24.34 36.85
N THR C 165 31.71 -23.17 36.51
CA THR C 165 33.12 -23.02 36.14
C THR C 165 33.93 -22.26 37.19
N GLY C 166 33.24 -21.62 38.12
CA GLY C 166 33.88 -20.88 39.20
C GLY C 166 34.46 -19.54 38.79
N LYS C 167 34.18 -19.13 37.56
CA LYS C 167 34.72 -17.89 37.00
C LYS C 167 33.64 -17.19 36.18
N PRO C 168 33.82 -15.87 35.89
CA PRO C 168 32.86 -15.19 35.01
C PRO C 168 32.63 -15.95 33.70
N TYR C 169 31.44 -15.80 33.10
CA TYR C 169 31.11 -16.57 31.90
C TYR C 169 32.03 -16.20 30.73
N SER C 170 32.62 -15.00 30.81
CA SER C 170 33.59 -14.51 29.82
C SER C 170 34.84 -15.37 29.71
N ASP C 171 35.30 -15.95 30.83
CA ASP C 171 36.46 -16.84 30.82
C ASP C 171 36.16 -18.17 30.12
N HIS C 172 34.93 -18.65 30.29
CA HIS C 172 34.50 -19.88 29.65
C HIS C 172 34.44 -19.68 28.14
N LEU C 173 33.82 -18.57 27.72
CA LEU C 173 33.70 -18.23 26.30
C LEU C 173 35.06 -17.95 25.66
N ARG C 174 35.96 -17.30 26.39
CA ARG C 174 37.27 -17.02 25.82
C ARG C 174 38.10 -18.32 25.66
N SER C 175 38.24 -19.09 26.74
CA SER C 175 39.10 -20.24 26.73
C SER C 175 38.57 -21.39 25.86
N ARG C 176 37.25 -21.49 25.75
CA ARG C 176 36.63 -22.60 25.03
C ARG C 176 36.18 -22.22 23.62
N ILE C 177 36.05 -20.93 23.33
CA ILE C 177 35.62 -20.48 21.98
C ILE C 177 36.60 -19.50 21.32
N PHE C 178 36.78 -18.30 21.89
CA PHE C 178 37.58 -17.26 21.22
C PHE C 178 39.01 -17.72 20.91
N ALA C 179 39.69 -18.22 21.93
CA ALA C 179 41.10 -18.55 21.83
C ALA C 179 41.39 -19.71 20.87
N PRO C 180 40.71 -20.88 21.02
CA PRO C 180 40.97 -21.98 20.08
C PRO C 180 40.63 -21.65 18.62
N LEU C 181 39.79 -20.63 18.42
CA LEU C 181 39.37 -20.23 17.09
C LEU C 181 40.13 -19.02 16.54
N GLY C 182 40.96 -18.40 17.37
CA GLY C 182 41.77 -17.26 16.96
C GLY C 182 41.00 -15.97 16.83
N MET C 183 39.90 -15.88 17.57
CA MET C 183 39.09 -14.66 17.55
C MET C 183 39.77 -13.61 18.45
N LYS C 184 40.60 -12.79 17.83
CA LYS C 184 41.40 -11.77 18.54
C LYS C 184 40.64 -10.46 18.77
N ASP C 185 39.59 -10.23 18.00
CA ASP C 185 38.88 -8.95 18.05
C ASP C 185 37.48 -9.08 18.66
N THR C 186 37.36 -9.92 19.69
CA THR C 186 36.08 -10.24 20.31
C THR C 186 36.20 -10.17 21.83
N TRP C 187 35.31 -9.39 22.44
CA TRP C 187 35.26 -9.21 23.89
C TRP C 187 33.84 -9.39 24.43
N VAL C 188 33.77 -9.78 25.70
CA VAL C 188 32.54 -9.90 26.46
C VAL C 188 32.46 -8.69 27.40
N GLY C 189 31.57 -7.76 27.07
CA GLY C 189 31.58 -6.41 27.64
C GLY C 189 31.20 -6.21 29.10
N THR C 190 30.60 -7.22 29.73
CA THR C 190 30.30 -7.14 31.17
C THR C 190 31.59 -7.34 32.00
N HIS C 191 32.49 -8.17 31.47
CA HIS C 191 33.63 -8.67 32.26
C HIS C 191 35.01 -8.36 31.67
N GLU C 192 35.02 -7.78 30.47
CA GLU C 192 36.26 -7.45 29.78
C GLU C 192 36.18 -6.06 29.19
N THR C 193 37.32 -5.35 29.21
CA THR C 193 37.44 -4.05 28.56
C THR C 193 37.84 -4.26 27.09
N PHE C 194 37.13 -3.61 26.19
CA PHE C 194 37.45 -3.64 24.76
C PHE C 194 37.98 -2.26 24.34
N PRO C 195 38.80 -2.21 23.28
CA PRO C 195 39.37 -0.91 22.83
C PRO C 195 38.31 -0.02 22.19
N ILE C 196 37.74 0.88 22.99
CA ILE C 196 36.66 1.77 22.51
C ILE C 196 37.00 2.56 21.24
N GLU C 197 38.27 2.97 21.11
CA GLU C 197 38.72 3.77 19.96
C GLU C 197 38.65 3.02 18.63
N ARG C 198 38.55 1.69 18.71
CA ARG C 198 38.49 0.83 17.53
C ARG C 198 37.06 0.55 17.05
N GLU C 199 36.07 0.87 17.88
CA GLU C 199 34.66 0.59 17.60
C GLU C 199 34.05 1.61 16.64
N ALA C 200 33.36 1.12 15.61
CA ALA C 200 32.50 1.98 14.79
C ALA C 200 31.47 2.68 15.67
N ARG C 201 31.24 3.97 15.44
CA ARG C 201 30.25 4.73 16.21
C ARG C 201 28.84 4.27 15.86
N GLY C 202 27.94 4.33 16.84
CA GLY C 202 26.56 3.89 16.63
C GLY C 202 25.64 5.08 16.53
N TYR C 203 24.66 4.99 15.63
CA TYR C 203 23.77 6.11 15.39
C TYR C 203 22.30 5.74 15.48
N MET C 204 21.58 6.44 16.34
CA MET C 204 20.12 6.40 16.37
C MET C 204 19.55 7.49 15.46
N HIS C 205 18.54 7.16 14.67
CA HIS C 205 17.98 8.09 13.69
C HIS C 205 16.70 8.83 14.13
N ALA C 206 16.69 10.15 13.93
CA ALA C 206 15.52 10.98 14.19
C ALA C 206 14.47 10.90 13.08
N ALA C 207 14.88 10.40 11.90
CA ALA C 207 13.97 10.15 10.79
C ALA C 207 13.04 8.94 11.04
N ALA C 208 13.42 8.12 12.01
CA ALA C 208 12.65 6.94 12.42
C ALA C 208 11.33 7.33 13.10
N ASP C 209 10.23 6.72 12.65
CA ASP C 209 8.98 6.78 13.40
C ASP C 209 9.01 5.76 14.53
N ASP C 210 9.48 6.20 15.69
CA ASP C 210 9.48 5.37 16.87
C ASP C 210 8.15 5.52 17.63
N GLU C 211 7.05 5.15 16.96
CA GLU C 211 5.72 5.20 17.59
C GLU C 211 5.66 4.31 18.82
N ASN C 212 6.18 3.08 18.68
CA ASN C 212 6.32 2.13 19.78
C ASN C 212 7.80 1.90 20.05
N PRO C 213 8.44 2.80 20.81
CA PRO C 213 9.88 2.67 21.05
C PRO C 213 10.16 1.50 22.01
N GLN C 214 11.10 0.65 21.66
CA GLN C 214 11.38 -0.55 22.46
C GLN C 214 12.21 -0.28 23.72
N TRP C 215 12.84 0.89 23.77
CA TRP C 215 13.72 1.25 24.86
C TRP C 215 13.35 2.59 25.49
N ASP C 216 13.63 2.68 26.80
CA ASP C 216 13.67 3.95 27.48
C ASP C 216 14.96 4.65 27.05
N VAL C 217 14.85 5.50 26.04
CA VAL C 217 15.98 6.27 25.52
C VAL C 217 15.87 7.75 25.89
N SER C 218 15.36 8.02 27.09
CA SER C 218 15.24 9.37 27.61
C SER C 218 16.60 9.89 28.07
N GLY C 219 16.85 11.17 27.80
CA GLY C 219 18.12 11.81 28.15
C GLY C 219 19.09 11.88 26.99
N ALA C 220 18.55 11.79 25.78
CA ALA C 220 19.34 11.69 24.55
C ALA C 220 19.91 13.03 24.08
N GLY C 221 19.35 14.12 24.57
CA GLY C 221 19.68 15.45 24.11
C GLY C 221 19.03 15.71 22.76
N ASP C 222 19.54 16.68 22.03
CA ASP C 222 19.01 17.03 20.71
C ASP C 222 19.79 16.27 19.64
N PRO C 223 19.10 15.84 18.56
CA PRO C 223 19.80 15.17 17.47
C PRO C 223 20.55 16.17 16.60
N VAL C 224 21.70 15.73 16.10
CA VAL C 224 22.49 16.54 15.18
C VAL C 224 22.43 15.95 13.77
N ASP C 225 22.11 16.80 12.80
CA ASP C 225 21.89 16.37 11.41
C ASP C 225 21.05 15.09 11.31
N GLY C 226 19.99 15.02 12.12
CA GLY C 226 19.02 13.92 12.09
C GLY C 226 19.42 12.63 12.79
N VAL C 227 20.45 12.71 13.63
CA VAL C 227 21.11 11.56 14.21
C VAL C 227 21.61 11.83 15.63
N TRP C 228 21.61 10.80 16.47
CA TRP C 228 22.30 10.83 17.76
C TRP C 228 23.46 9.84 17.72
N ASP C 229 24.50 10.12 18.49
CA ASP C 229 25.60 9.18 18.65
C ASP C 229 25.31 8.33 19.90
N SER C 230 24.82 7.13 19.66
CA SER C 230 24.39 6.25 20.74
C SER C 230 25.43 5.23 21.17
N THR C 231 26.67 5.40 20.70
CA THR C 231 27.75 4.43 20.92
C THR C 231 27.94 4.11 22.39
N GLU C 232 27.88 5.14 23.24
CA GLU C 232 28.19 4.98 24.65
C GLU C 232 27.02 5.37 25.55
N TRP C 233 25.82 5.23 25.02
CA TRP C 233 24.59 5.39 25.80
C TRP C 233 24.51 4.36 26.91
N PHE C 234 24.57 3.10 26.52
CA PHE C 234 24.19 1.97 27.36
C PHE C 234 25.43 1.21 27.84
N PRO C 235 25.60 1.05 29.17
CA PRO C 235 26.72 0.23 29.60
C PRO C 235 26.39 -1.22 29.26
N LEU C 236 27.37 -1.96 28.76
CA LEU C 236 27.18 -3.33 28.27
C LEU C 236 26.81 -4.32 29.37
N SER C 237 27.17 -3.99 30.61
CA SER C 237 26.80 -4.79 31.78
C SER C 237 25.29 -4.84 31.98
N GLY C 238 24.59 -3.88 31.37
CA GLY C 238 23.13 -3.87 31.36
C GLY C 238 22.51 -4.98 30.51
N ALA C 239 23.21 -5.43 29.48
CA ALA C 239 22.70 -6.55 28.70
C ALA C 239 23.20 -7.91 29.25
N ASN C 240 24.39 -7.92 29.84
CA ASN C 240 24.94 -9.14 30.44
C ASN C 240 24.97 -10.25 29.36
N ALA C 241 24.77 -11.51 29.77
CA ALA C 241 24.76 -12.66 28.85
C ALA C 241 23.68 -12.63 27.76
N ALA C 242 22.78 -11.66 27.83
CA ALA C 242 21.78 -11.41 26.77
C ALA C 242 22.29 -10.54 25.61
N GLY C 243 23.45 -9.90 25.75
CA GLY C 243 23.92 -9.01 24.68
C GLY C 243 25.13 -8.12 24.86
N ASP C 244 26.16 -8.58 25.56
CA ASP C 244 27.26 -7.68 25.94
C ASP C 244 28.49 -7.76 25.04
N MET C 245 28.40 -8.56 23.97
CA MET C 245 29.61 -8.84 23.19
C MET C 245 29.95 -7.81 22.13
N VAL C 246 31.26 -7.64 21.96
CA VAL C 246 31.87 -6.77 20.95
C VAL C 246 32.73 -7.67 20.05
N SER C 247 32.62 -7.47 18.75
CA SER C 247 33.38 -8.27 17.79
C SER C 247 33.46 -7.59 16.41
N THR C 248 33.88 -8.36 15.42
CA THR C 248 33.95 -7.88 14.04
C THR C 248 33.11 -8.86 13.23
N PRO C 249 32.55 -8.40 12.10
CA PRO C 249 31.94 -9.40 11.22
C PRO C 249 32.89 -10.56 10.88
N ARG C 250 34.19 -10.29 10.73
CA ARG C 250 35.18 -11.34 10.45
C ARG C 250 35.27 -12.44 11.53
N ASP C 251 35.40 -12.03 12.79
CA ASP C 251 35.44 -12.97 13.92
C ASP C 251 34.18 -13.78 14.13
N ILE C 252 33.02 -13.18 13.82
CA ILE C 252 31.74 -13.88 13.92
C ILE C 252 31.64 -15.04 12.92
N VAL C 253 32.09 -14.79 11.69
CA VAL C 253 32.17 -15.85 10.67
C VAL C 253 33.11 -17.00 11.06
N LYS C 254 34.25 -16.66 11.68
CA LYS C 254 35.15 -17.69 12.22
C LYS C 254 34.35 -18.59 13.14
N PHE C 255 33.59 -17.96 14.04
CA PHE C 255 32.71 -18.70 14.95
C PHE C 255 31.62 -19.53 14.23
N LEU C 256 30.91 -18.89 13.31
CA LEU C 256 29.83 -19.54 12.56
C LEU C 256 30.34 -20.76 11.79
N ASN C 257 31.43 -20.58 11.04
CA ASN C 257 32.06 -21.70 10.33
C ASN C 257 32.44 -22.88 11.22
N ALA C 258 33.07 -22.61 12.36
CA ALA C 258 33.49 -23.66 13.28
C ALA C 258 32.32 -24.37 13.98
N LEU C 259 31.30 -23.59 14.36
CA LEU C 259 30.11 -24.16 14.99
C LEU C 259 29.39 -25.17 14.08
N PHE C 260 29.10 -24.73 12.86
CA PHE C 260 28.38 -25.55 11.90
C PHE C 260 29.23 -26.66 11.26
N ASP C 261 30.56 -26.46 11.19
CA ASP C 261 31.46 -27.50 10.69
C ASP C 261 31.74 -28.54 11.76
N GLY C 262 31.16 -28.38 12.93
CA GLY C 262 31.30 -29.38 13.98
C GLY C 262 32.58 -29.31 14.79
N ARG C 263 33.21 -28.13 14.83
CA ARG C 263 34.48 -27.96 15.56
C ARG C 263 34.36 -27.37 16.98
N ILE C 264 33.15 -27.04 17.43
CA ILE C 264 32.98 -26.54 18.79
C ILE C 264 32.13 -27.51 19.59
N LEU C 265 30.89 -27.69 19.16
CA LEU C 265 29.97 -28.62 19.79
C LEU C 265 29.93 -29.94 19.04
N ASP C 266 29.69 -31.01 19.77
CA ASP C 266 29.45 -32.34 19.20
C ASP C 266 28.08 -32.38 18.51
N GLN C 267 27.81 -33.47 17.82
CA GLN C 267 26.61 -33.56 16.98
C GLN C 267 25.31 -33.29 17.72
N LYS C 268 25.17 -33.89 18.90
CA LYS C 268 23.93 -33.82 19.69
C LYS C 268 23.64 -32.42 20.18
N ARG C 269 24.67 -31.68 20.59
CA ARG C 269 24.47 -30.32 21.06
C ARG C 269 24.30 -29.32 19.92
N LEU C 270 24.97 -29.57 18.80
CA LEU C 270 24.75 -28.76 17.62
C LEU C 270 23.31 -28.94 17.16
N TRP C 271 22.85 -30.18 17.11
CA TRP C 271 21.46 -30.52 16.84
C TRP C 271 20.49 -29.80 17.79
N GLU C 272 20.76 -29.85 19.10
CA GLU C 272 19.93 -29.14 20.09
C GLU C 272 19.86 -27.65 19.75
N MET C 273 21.00 -27.09 19.39
CA MET C 273 21.10 -25.68 19.02
C MET C 273 20.31 -25.28 17.76
N LYS C 274 20.50 -26.01 16.68
CA LYS C 274 19.99 -25.62 15.34
C LYS C 274 18.82 -26.44 14.81
N ASP C 275 18.61 -27.65 15.32
CA ASP C 275 17.57 -28.52 14.74
C ASP C 275 16.42 -28.86 15.69
N ASN C 276 16.64 -28.76 17.00
CA ASN C 276 15.56 -29.04 17.96
C ASN C 276 14.72 -27.76 18.11
N ILE C 277 13.91 -27.48 17.08
CA ILE C 277 13.28 -26.17 16.92
C ILE C 277 11.78 -26.16 17.16
N LYS C 278 11.28 -24.97 17.48
CA LYS C 278 9.85 -24.68 17.57
C LYS C 278 9.69 -23.29 16.97
N PRO C 279 8.46 -22.91 16.56
CA PRO C 279 8.20 -21.57 16.02
C PRO C 279 8.64 -20.43 16.94
N ALA C 280 8.96 -19.30 16.31
CA ALA C 280 9.45 -18.12 17.01
C ALA C 280 9.11 -16.85 16.27
N PHE C 281 8.88 -15.79 17.05
CA PHE C 281 8.56 -14.45 16.54
C PHE C 281 9.55 -13.45 17.09
N PHE C 282 10.05 -12.56 16.24
CA PHE C 282 10.75 -11.37 16.76
C PHE C 282 10.29 -10.18 15.96
N PRO C 283 9.72 -9.16 16.65
CA PRO C 283 9.06 -8.06 15.93
C PRO C 283 9.99 -7.35 14.96
N GLY C 284 9.52 -7.19 13.72
CA GLY C 284 10.28 -6.50 12.68
C GLY C 284 11.21 -7.41 11.90
N SER C 285 11.43 -8.62 12.44
CA SER C 285 12.44 -9.53 11.90
C SER C 285 11.89 -10.60 10.95
N ASN C 286 12.79 -11.42 10.43
CA ASN C 286 12.48 -12.49 9.51
C ASN C 286 12.44 -13.85 10.22
N THR C 287 12.46 -13.80 11.56
CA THR C 287 12.40 -14.98 12.42
C THR C 287 11.08 -15.75 12.28
N VAL C 288 11.22 -17.07 12.15
CA VAL C 288 10.11 -17.99 12.02
C VAL C 288 10.20 -19.14 13.04
N ALA C 289 11.40 -19.35 13.60
CA ALA C 289 11.64 -20.47 14.51
C ALA C 289 12.92 -20.23 15.35
N ASN C 290 13.09 -21.03 16.39
CA ASN C 290 14.34 -21.04 17.15
C ASN C 290 14.66 -22.42 17.76
N GLY C 291 15.95 -22.70 17.93
CA GLY C 291 16.38 -23.92 18.60
C GLY C 291 16.77 -23.53 20.00
N HIS C 292 17.99 -23.88 20.39
CA HIS C 292 18.53 -23.54 21.69
C HIS C 292 19.82 -22.74 21.52
N GLY C 293 19.64 -21.51 21.03
CA GLY C 293 20.71 -20.55 20.87
C GLY C 293 20.81 -19.97 19.48
N LEU C 294 19.94 -20.45 18.59
CA LEU C 294 19.95 -20.02 17.20
C LEU C 294 18.53 -19.72 16.74
N LEU C 295 18.40 -18.68 15.94
CA LEU C 295 17.13 -18.36 15.27
C LEU C 295 17.13 -18.82 13.80
N LEU C 296 16.00 -19.35 13.35
CA LEU C 296 15.79 -19.56 11.94
C LEU C 296 15.12 -18.29 11.41
N MET C 297 15.82 -17.59 10.51
CA MET C 297 15.34 -16.38 9.87
C MET C 297 15.24 -16.58 8.35
N ARG C 298 14.09 -16.24 7.80
CA ARG C 298 13.74 -16.58 6.42
C ARG C 298 13.88 -15.38 5.47
N TYR C 299 14.52 -15.62 4.33
CA TYR C 299 14.78 -14.57 3.34
C TYR C 299 14.40 -15.06 1.94
N GLY C 300 13.10 -15.07 1.67
CA GLY C 300 12.60 -15.61 0.42
C GLY C 300 12.81 -17.11 0.40
N SER C 301 13.50 -17.59 -0.64
CA SER C 301 13.86 -19.01 -0.76
C SER C 301 15.07 -19.40 0.07
N SER C 302 15.72 -18.42 0.71
CA SER C 302 16.90 -18.73 1.54
C SER C 302 16.58 -18.62 3.04
N GLU C 303 17.30 -19.38 3.86
CA GLU C 303 17.13 -19.34 5.31
C GLU C 303 18.49 -19.26 5.99
N LEU C 304 18.55 -18.49 7.08
CA LEU C 304 19.73 -18.39 7.93
C LEU C 304 19.45 -18.94 9.33
N LYS C 305 20.35 -19.78 9.81
CA LYS C 305 20.38 -20.18 11.21
C LYS C 305 21.43 -19.30 11.86
N GLY C 306 21.00 -18.39 12.72
CA GLY C 306 21.94 -17.54 13.46
C GLY C 306 21.25 -16.70 14.50
N HIS C 307 21.36 -15.39 14.37
CA HIS C 307 20.74 -14.46 15.30
C HIS C 307 20.67 -13.06 14.69
N LEU C 308 19.82 -12.24 15.28
CA LEU C 308 19.77 -10.81 15.03
C LEU C 308 20.31 -10.09 16.27
N GLY C 309 20.83 -8.88 16.09
CA GLY C 309 21.26 -8.03 17.22
C GLY C 309 20.76 -6.60 17.08
N GLN C 310 20.23 -6.07 18.18
CA GLN C 310 19.77 -4.66 18.23
C GLN C 310 20.16 -4.07 19.57
N ILE C 311 21.04 -3.08 19.54
CA ILE C 311 21.46 -2.36 20.72
C ILE C 311 21.67 -0.99 20.11
N PRO C 312 21.34 0.11 20.81
CA PRO C 312 21.28 1.45 20.19
C PRO C 312 22.45 1.83 19.25
N GLY C 313 22.13 1.93 17.97
CA GLY C 313 23.09 2.34 16.96
C GLY C 313 23.76 1.22 16.17
N HIS C 314 23.82 0.02 16.75
CA HIS C 314 24.41 -1.13 16.08
C HIS C 314 23.36 -2.22 15.84
N THR C 315 23.20 -2.57 14.57
CA THR C 315 22.13 -3.44 14.09
C THR C 315 22.75 -4.53 13.23
N SER C 316 22.63 -5.77 13.68
CA SER C 316 23.40 -6.87 13.12
C SER C 316 22.52 -8.06 12.76
N ILE C 317 22.95 -8.79 11.72
CA ILE C 317 22.38 -10.06 11.34
C ILE C 317 23.51 -11.04 11.06
N MET C 318 23.51 -12.18 11.75
CA MET C 318 24.46 -13.26 11.48
C MET C 318 23.74 -14.57 11.21
N GLY C 319 24.40 -15.46 10.48
CA GLY C 319 23.86 -16.77 10.26
C GLY C 319 24.56 -17.60 9.22
N ARG C 320 24.28 -18.90 9.31
CA ARG C 320 24.71 -19.87 8.34
C ARG C 320 23.49 -20.30 7.52
N ASP C 321 23.68 -20.42 6.20
CA ASP C 321 22.69 -20.95 5.29
C ASP C 321 23.06 -22.40 5.04
N GLU C 322 22.26 -23.30 5.60
CA GLU C 322 22.62 -24.72 5.64
C GLU C 322 22.52 -25.37 4.27
N GLU C 323 21.80 -24.74 3.35
CA GLU C 323 21.69 -25.27 2.00
C GLU C 323 22.90 -24.98 1.12
N THR C 324 23.51 -23.80 1.28
CA THR C 324 24.63 -23.39 0.45
C THR C 324 25.97 -23.48 1.15
N GLY C 325 25.95 -23.60 2.48
CA GLY C 325 27.16 -23.61 3.29
C GLY C 325 27.68 -22.22 3.62
N ALA C 326 27.01 -21.18 3.12
CA ALA C 326 27.42 -19.79 3.35
C ALA C 326 27.24 -19.32 4.80
N ALA C 327 28.23 -18.59 5.30
CA ALA C 327 28.16 -17.93 6.60
C ALA C 327 28.37 -16.43 6.44
N LEU C 328 27.57 -15.65 7.16
CA LEU C 328 27.70 -14.20 7.09
C LEU C 328 27.47 -13.49 8.43
N MET C 329 28.05 -12.31 8.55
CA MET C 329 27.70 -11.34 9.57
C MET C 329 27.66 -9.98 8.91
N LEU C 330 26.49 -9.35 8.96
CA LEU C 330 26.32 -7.99 8.49
C LEU C 330 25.88 -7.09 9.66
N ILE C 331 26.64 -6.02 9.89
CA ILE C 331 26.33 -5.06 10.96
C ILE C 331 26.31 -3.65 10.36
N GLN C 332 25.21 -2.95 10.55
CA GLN C 332 25.16 -1.52 10.24
C GLN C 332 25.27 -0.72 11.52
N ASN C 333 25.75 0.52 11.40
CA ASN C 333 25.87 1.42 12.54
C ASN C 333 24.81 2.53 12.49
N SER C 334 23.68 2.16 11.90
CA SER C 334 22.44 2.93 12.01
C SER C 334 21.40 2.07 12.72
N GLY C 335 20.50 2.73 13.45
CA GLY C 335 19.46 2.04 14.21
C GLY C 335 18.35 2.99 14.64
N ALA C 336 17.33 2.44 15.28
CA ALA C 336 16.20 3.20 15.83
C ALA C 336 15.65 2.44 17.05
N GLY C 337 14.55 2.92 17.63
CA GLY C 337 13.90 2.23 18.77
C GLY C 337 12.70 1.34 18.43
N ASP C 338 11.91 1.74 17.43
CA ASP C 338 10.76 0.97 16.97
C ASP C 338 11.21 -0.20 16.12
N PHE C 339 10.83 -1.41 16.53
CA PHE C 339 11.11 -2.63 15.75
C PHE C 339 10.75 -2.50 14.25
N GLU C 340 9.64 -1.81 13.96
CA GLU C 340 9.10 -1.70 12.58
C GLU C 340 9.80 -0.66 11.70
N SER C 341 10.69 0.13 12.27
CA SER C 341 11.38 1.17 11.52
C SER C 341 12.37 0.57 10.52
N PHE C 342 12.59 1.28 9.41
CA PHE C 342 13.59 0.92 8.41
C PHE C 342 15.00 0.76 9.00
N TYR C 343 15.35 1.62 9.95
CA TYR C 343 16.70 1.62 10.50
C TYR C 343 16.97 0.45 11.44
N LEU C 344 15.89 -0.20 11.88
CA LEU C 344 15.99 -1.49 12.55
C LEU C 344 15.68 -2.64 11.57
N LYS C 345 14.46 -2.69 11.07
CA LYS C 345 13.94 -3.78 10.24
C LYS C 345 14.58 -3.90 8.84
N GLY C 346 15.13 -2.78 8.36
CA GLY C 346 15.68 -2.70 7.00
C GLY C 346 17.02 -3.39 6.87
N VAL C 347 17.67 -3.66 8.00
CA VAL C 347 18.90 -4.45 8.00
C VAL C 347 18.70 -5.76 7.23
N ASN C 348 17.48 -6.30 7.31
CA ASN C 348 17.13 -7.55 6.62
C ASN C 348 17.12 -7.48 5.09
N GLU C 349 16.94 -6.28 4.52
CA GLU C 349 16.85 -6.13 3.06
C GLU C 349 18.15 -6.42 2.31
N PRO C 350 19.27 -5.77 2.70
CA PRO C 350 20.56 -6.14 2.09
C PRO C 350 21.01 -7.59 2.33
N VAL C 351 20.61 -8.20 3.46
CA VAL C 351 20.88 -9.62 3.72
C VAL C 351 20.12 -10.49 2.73
N ASP C 352 18.86 -10.11 2.50
CA ASP C 352 18.01 -10.79 1.52
C ASP C 352 18.66 -10.72 0.12
N ARG C 353 19.11 -9.54 -0.29
CA ARG C 353 19.76 -9.33 -1.59
C ARG C 353 21.06 -10.10 -1.71
N VAL C 354 21.85 -10.14 -0.64
CA VAL C 354 23.12 -10.88 -0.64
C VAL C 354 22.88 -12.38 -0.87
N LEU C 355 21.83 -12.93 -0.25
CA LEU C 355 21.52 -14.37 -0.41
C LEU C 355 20.95 -14.69 -1.78
N GLU C 356 20.21 -13.77 -2.36
CA GLU C 356 19.74 -13.82 -3.74
C GLU C 356 20.91 -13.83 -4.73
N ALA C 357 21.85 -12.89 -4.53
CA ALA C 357 23.05 -12.80 -5.36
C ALA C 357 23.88 -14.07 -5.31
N ILE C 358 24.05 -14.64 -4.11
CA ILE C 358 24.74 -15.92 -3.94
C ILE C 358 24.01 -17.02 -4.71
N LYS C 359 22.69 -17.06 -4.57
CA LYS C 359 21.82 -18.05 -5.25
C LYS C 359 21.82 -17.88 -6.78
N ASN C 360 21.77 -16.63 -7.24
CA ASN C 360 21.80 -16.33 -8.66
C ASN C 360 23.15 -16.64 -9.31
N SER C 361 24.23 -16.61 -8.52
CA SER C 361 25.56 -16.95 -9.02
C SER C 361 25.83 -18.46 -9.04
N ARG C 362 24.83 -19.26 -8.72
CA ARG C 362 24.98 -20.71 -8.59
C ARG C 362 24.04 -21.49 -9.51
N SER C 363 23.00 -20.82 -9.98
CA SER C 363 21.95 -21.46 -10.78
C SER C 363 22.17 -21.34 -12.29
N SER D 2 2.74 -14.14 -22.72
CA SER D 2 3.93 -14.90 -22.24
C SER D 2 3.81 -16.40 -22.55
N ASP D 3 4.96 -17.08 -22.62
CA ASP D 3 4.99 -18.54 -22.70
C ASP D 3 4.39 -19.17 -21.45
N LEU D 4 4.57 -18.49 -20.31
CA LEU D 4 3.98 -18.91 -19.04
C LEU D 4 2.46 -18.78 -19.06
N ASN D 5 1.94 -17.72 -19.65
CA ASN D 5 0.48 -17.57 -19.83
C ASN D 5 -0.13 -18.72 -20.64
N ASN D 6 0.57 -19.16 -21.69
CA ASN D 6 0.11 -20.25 -22.53
C ASN D 6 0.27 -21.61 -21.87
N ALA D 7 1.38 -21.78 -21.15
CA ALA D 7 1.57 -23.00 -20.36
C ALA D 7 0.43 -23.16 -19.33
N ILE D 8 0.05 -22.06 -18.70
CA ILE D 8 -1.02 -22.06 -17.69
C ILE D 8 -2.41 -22.37 -18.27
N GLN D 9 -2.79 -21.69 -19.36
CA GLN D 9 -4.01 -22.00 -20.08
C GLN D 9 -4.06 -23.47 -20.48
N GLY D 10 -2.97 -23.98 -21.05
CA GLY D 10 -2.84 -25.40 -21.39
C GLY D 10 -3.05 -26.34 -20.21
N ILE D 11 -2.43 -26.04 -19.07
CA ILE D 11 -2.63 -26.83 -17.85
C ILE D 11 -4.11 -26.92 -17.48
N LEU D 12 -4.81 -25.79 -17.56
CA LEU D 12 -6.23 -25.77 -17.25
C LEU D 12 -7.08 -26.51 -18.30
N ASP D 13 -6.79 -26.29 -19.58
CA ASP D 13 -7.45 -27.04 -20.66
C ASP D 13 -7.24 -28.55 -20.50
N ASP D 14 -6.02 -28.95 -20.16
CA ASP D 14 -5.70 -30.36 -19.96
C ASP D 14 -6.52 -30.99 -18.84
N HIS D 15 -6.74 -30.21 -17.79
CA HIS D 15 -7.45 -30.65 -16.59
C HIS D 15 -8.93 -30.84 -16.87
N VAL D 16 -9.49 -29.89 -17.62
CA VAL D 16 -10.86 -30.01 -18.10
C VAL D 16 -11.02 -31.20 -19.07
N ALA D 17 -10.05 -31.41 -19.95
CA ALA D 17 -10.00 -32.57 -20.83
C ALA D 17 -10.08 -33.89 -20.05
N ARG D 18 -9.61 -33.87 -18.81
CA ARG D 18 -9.69 -35.05 -17.95
C ARG D 18 -11.07 -35.28 -17.31
N GLY D 19 -12.07 -34.50 -17.68
CA GLY D 19 -13.43 -34.68 -17.20
C GLY D 19 -13.94 -33.67 -16.17
N VAL D 20 -13.06 -32.80 -15.68
CA VAL D 20 -13.48 -31.69 -14.82
C VAL D 20 -14.31 -30.72 -15.67
N VAL D 21 -15.50 -30.35 -15.17
CA VAL D 21 -16.44 -29.53 -15.95
C VAL D 21 -15.89 -28.15 -16.34
N GLY D 22 -15.29 -27.45 -15.38
CA GLY D 22 -14.79 -26.11 -15.61
C GLY D 22 -13.85 -25.70 -14.49
N VAL D 23 -13.05 -24.68 -14.76
CA VAL D 23 -12.05 -24.20 -13.82
C VAL D 23 -11.84 -22.69 -14.02
N SER D 24 -11.72 -21.98 -12.90
CA SER D 24 -11.44 -20.56 -12.88
C SER D 24 -10.19 -20.32 -12.00
N LEU D 25 -9.18 -19.66 -12.57
CA LEU D 25 -7.94 -19.32 -11.83
C LEU D 25 -7.71 -17.80 -11.77
N ALA D 26 -7.20 -17.33 -10.64
CA ALA D 26 -6.62 -15.99 -10.54
C ALA D 26 -5.17 -16.19 -10.09
N LEU D 27 -4.26 -15.51 -10.77
CA LEU D 27 -2.84 -15.63 -10.46
C LEU D 27 -2.16 -14.27 -10.38
N CYS D 28 -1.56 -14.01 -9.24
CA CYS D 28 -0.74 -12.82 -9.06
C CYS D 28 0.72 -13.23 -8.93
N LEU D 29 1.57 -12.67 -9.78
CA LEU D 29 3.02 -12.88 -9.73
C LEU D 29 3.71 -11.54 -9.54
N PRO D 30 4.85 -11.52 -8.80
CA PRO D 30 5.62 -10.27 -8.65
C PRO D 30 6.23 -9.87 -9.99
N GLY D 31 6.17 -8.58 -10.33
CA GLY D 31 6.69 -8.08 -11.62
C GLY D 31 5.74 -8.35 -12.79
N GLU D 32 4.44 -8.30 -12.48
CA GLU D 32 3.42 -8.73 -13.43
C GLU D 32 2.06 -8.27 -12.92
N GLU D 33 1.14 -8.00 -13.83
CA GLU D 33 -0.23 -7.65 -13.45
C GLU D 33 -1.03 -8.93 -13.19
N THR D 34 -1.91 -8.90 -12.19
CA THR D 34 -2.76 -10.06 -11.89
C THR D 34 -3.50 -10.55 -13.16
N SER D 35 -3.43 -11.87 -13.39
CA SER D 35 -4.04 -12.51 -14.54
C SER D 35 -5.14 -13.51 -14.13
N LEU D 36 -6.16 -13.62 -14.97
CA LEU D 36 -7.24 -14.59 -14.76
C LEU D 36 -7.26 -15.57 -15.91
N TYR D 37 -7.56 -16.84 -15.61
CA TYR D 37 -7.66 -17.89 -16.61
C TYR D 37 -8.87 -18.75 -16.31
N GLN D 38 -9.61 -19.11 -17.36
CA GLN D 38 -10.70 -20.08 -17.20
C GLN D 38 -10.66 -21.12 -18.31
N SER D 39 -11.22 -22.29 -18.03
CA SER D 39 -11.44 -23.33 -19.04
C SER D 39 -12.75 -24.04 -18.74
N GLY D 40 -13.42 -24.52 -19.79
CA GLY D 40 -14.62 -25.34 -19.63
C GLY D 40 -15.86 -24.50 -19.34
N TYR D 41 -16.78 -25.07 -18.57
CA TYR D 41 -18.12 -24.50 -18.45
C TYR D 41 -18.54 -24.20 -17.02
N ALA D 42 -19.23 -23.08 -16.87
CA ALA D 42 -19.93 -22.72 -15.63
C ALA D 42 -21.23 -23.51 -15.54
N ASP D 43 -21.87 -23.71 -16.69
CA ASP D 43 -23.07 -24.55 -16.78
C ASP D 43 -22.80 -25.59 -17.85
N LYS D 44 -22.78 -26.85 -17.42
CA LYS D 44 -22.44 -27.97 -18.27
C LYS D 44 -23.43 -28.14 -19.43
N PHE D 45 -24.73 -28.05 -19.14
CA PHE D 45 -25.75 -28.43 -20.12
C PHE D 45 -26.22 -27.28 -21.02
N ASN D 46 -26.01 -26.04 -20.55
CA ASN D 46 -26.08 -24.85 -21.41
C ASN D 46 -24.82 -24.65 -22.23
N LYS D 47 -23.75 -25.34 -21.85
CA LYS D 47 -22.41 -25.09 -22.37
C LYS D 47 -22.02 -23.61 -22.27
N MET D 48 -22.34 -23.02 -21.13
CA MET D 48 -22.01 -21.64 -20.84
C MET D 48 -20.56 -21.58 -20.42
N PRO D 49 -19.71 -20.88 -21.18
CA PRO D 49 -18.28 -20.92 -20.86
C PRO D 49 -17.97 -20.25 -19.53
N MET D 50 -17.01 -20.82 -18.80
CA MET D 50 -16.57 -20.27 -17.54
C MET D 50 -15.84 -18.95 -17.78
N THR D 51 -16.23 -17.91 -17.04
CA THR D 51 -15.51 -16.61 -17.07
C THR D 51 -14.97 -16.24 -15.69
N GLY D 52 -14.17 -15.18 -15.64
CA GLY D 52 -13.58 -14.70 -14.40
C GLY D 52 -14.60 -14.07 -13.44
N ASP D 53 -15.82 -13.85 -13.92
CA ASP D 53 -16.86 -13.22 -13.10
C ASP D 53 -17.81 -14.19 -12.41
N HIS D 54 -17.74 -15.48 -12.76
CA HIS D 54 -18.53 -16.51 -12.09
C HIS D 54 -18.14 -16.67 -10.63
N LEU D 55 -19.17 -16.84 -9.79
CA LEU D 55 -19.05 -16.99 -8.37
C LEU D 55 -18.98 -18.45 -7.97
N PHE D 56 -18.28 -18.71 -6.88
CA PHE D 56 -18.18 -20.05 -6.31
C PHE D 56 -18.36 -20.00 -4.80
N ARG D 57 -18.82 -21.11 -4.24
CA ARG D 57 -18.77 -21.36 -2.81
C ARG D 57 -17.34 -21.84 -2.46
N ILE D 58 -16.64 -21.04 -1.65
CA ILE D 58 -15.23 -21.27 -1.39
C ILE D 58 -15.05 -22.19 -0.19
N ALA D 59 -16.18 -22.56 0.42
CA ALA D 59 -16.21 -23.53 1.51
C ALA D 59 -15.21 -23.18 2.63
N SER D 60 -14.40 -24.13 3.06
CA SER D 60 -13.40 -23.93 4.11
C SER D 60 -12.42 -22.78 3.93
N CYS D 61 -12.34 -22.21 2.74
CA CYS D 61 -11.49 -21.04 2.52
C CYS D 61 -11.99 -19.84 3.35
N THR D 62 -13.29 -19.88 3.66
CA THR D 62 -13.98 -18.98 4.59
C THR D 62 -13.18 -18.83 5.89
N LYS D 63 -12.63 -19.96 6.37
CA LYS D 63 -11.91 -20.05 7.63
C LYS D 63 -10.75 -19.03 7.74
N SER D 64 -10.07 -18.78 6.63
CA SER D 64 -9.00 -17.76 6.59
C SER D 64 -9.53 -16.36 6.80
N PHE D 65 -10.73 -16.09 6.30
CA PHE D 65 -11.39 -14.81 6.55
C PHE D 65 -11.88 -14.64 7.98
N ILE D 66 -12.38 -15.71 8.58
CA ILE D 66 -12.88 -15.68 9.96
C ILE D 66 -11.71 -15.57 10.94
N ALA D 67 -10.66 -16.35 10.70
CA ALA D 67 -9.41 -16.21 11.46
C ALA D 67 -8.92 -14.76 11.42
N THR D 68 -8.81 -14.22 10.20
CA THR D 68 -8.41 -12.83 10.02
C THR D 68 -9.32 -11.87 10.82
N GLY D 69 -10.63 -12.06 10.73
CA GLY D 69 -11.60 -11.25 11.50
C GLY D 69 -11.38 -11.32 13.00
N LEU D 70 -11.13 -12.51 13.53
CA LEU D 70 -10.83 -12.70 14.96
C LEU D 70 -9.45 -12.09 15.36
N HIS D 71 -8.44 -12.25 14.51
CA HIS D 71 -7.11 -11.69 14.76
C HIS D 71 -7.12 -10.16 14.81
N LEU D 72 -7.95 -9.53 13.98
CA LEU D 72 -8.18 -8.09 14.04
C LEU D 72 -8.71 -7.63 15.39
N LEU D 73 -9.61 -8.40 15.98
CA LEU D 73 -10.14 -8.10 17.31
C LEU D 73 -9.07 -8.26 18.38
N VAL D 74 -8.17 -9.22 18.17
CA VAL D 74 -7.01 -9.42 19.03
C VAL D 74 -6.07 -8.19 18.99
N GLN D 75 -5.74 -7.71 17.80
CA GLN D 75 -4.89 -6.51 17.70
C GLN D 75 -5.59 -5.18 18.03
N ASP D 76 -6.92 -5.16 17.97
CA ASP D 76 -7.71 -4.03 18.47
C ASP D 76 -7.70 -4.02 20.00
N GLY D 77 -7.39 -5.17 20.60
CA GLY D 77 -7.13 -5.27 22.05
C GLY D 77 -8.20 -5.91 22.93
N THR D 78 -9.32 -6.32 22.35
CA THR D 78 -10.45 -6.80 23.15
C THR D 78 -10.54 -8.32 23.24
N VAL D 79 -9.70 -9.01 22.48
CA VAL D 79 -9.59 -10.48 22.51
C VAL D 79 -8.11 -10.85 22.66
N ASP D 80 -7.82 -11.84 23.50
CA ASP D 80 -6.46 -12.32 23.69
C ASP D 80 -6.45 -13.79 23.26
N LEU D 81 -5.50 -14.17 22.40
CA LEU D 81 -5.46 -15.53 21.82
C LEU D 81 -5.30 -16.66 22.84
N ASP D 82 -4.82 -16.31 24.03
CA ASP D 82 -4.56 -17.30 25.07
C ASP D 82 -5.55 -17.29 26.22
N GLU D 83 -6.57 -16.45 26.14
CA GLU D 83 -7.59 -16.37 27.19
C GLU D 83 -8.65 -17.48 27.01
N PRO D 84 -9.18 -18.01 28.14
CA PRO D 84 -10.12 -19.11 27.96
C PRO D 84 -11.45 -18.61 27.40
N ILE D 85 -12.06 -19.44 26.58
CA ILE D 85 -13.27 -19.10 25.84
C ILE D 85 -14.52 -19.23 26.71
N THR D 86 -14.32 -19.40 28.02
CA THR D 86 -15.41 -19.42 28.98
C THR D 86 -16.08 -18.05 29.05
N ARG D 87 -15.31 -17.02 28.70
CA ARG D 87 -15.80 -15.64 28.63
C ARG D 87 -17.05 -15.53 27.78
N TRP D 88 -17.10 -16.33 26.72
CA TRP D 88 -18.21 -16.33 25.75
C TRP D 88 -19.11 -17.57 25.85
N PHE D 89 -18.52 -18.72 26.16
CA PHE D 89 -19.26 -19.99 26.22
C PHE D 89 -19.01 -20.72 27.57
N PRO D 90 -19.65 -20.24 28.66
CA PRO D 90 -19.42 -20.73 30.03
C PRO D 90 -19.73 -22.22 30.22
N ASP D 91 -20.81 -22.68 29.58
CA ASP D 91 -21.31 -24.04 29.74
C ASP D 91 -20.87 -25.01 28.64
N LEU D 92 -20.04 -24.54 27.71
CA LEU D 92 -19.45 -25.44 26.70
C LEU D 92 -18.50 -26.42 27.38
N PRO D 93 -18.73 -27.73 27.23
CA PRO D 93 -17.86 -28.70 27.92
C PRO D 93 -16.36 -28.52 27.59
N LYS D 94 -15.53 -28.55 28.63
CA LYS D 94 -14.07 -28.35 28.55
C LYS D 94 -13.62 -26.95 28.15
N ALA D 95 -14.54 -26.00 28.10
CA ALA D 95 -14.24 -24.63 27.66
C ALA D 95 -13.10 -23.95 28.44
N ALA D 96 -12.87 -24.38 29.68
CA ALA D 96 -11.83 -23.77 30.52
C ALA D 96 -10.40 -24.16 30.11
N GLN D 97 -10.26 -25.30 29.43
CA GLN D 97 -8.96 -25.73 28.91
C GLN D 97 -8.81 -25.34 27.44
N MET D 98 -9.68 -24.45 26.98
CA MET D 98 -9.71 -24.02 25.57
C MET D 98 -9.40 -22.53 25.41
N PRO D 99 -8.14 -22.20 25.09
CA PRO D 99 -7.83 -20.80 24.83
C PRO D 99 -8.40 -20.37 23.48
N VAL D 100 -8.47 -19.08 23.21
CA VAL D 100 -9.07 -18.58 21.96
C VAL D 100 -8.39 -19.19 20.71
N ARG D 101 -7.06 -19.20 20.69
CA ARG D 101 -6.27 -19.79 19.60
C ARG D 101 -6.69 -21.22 19.20
N ILE D 102 -7.18 -22.00 20.16
CA ILE D 102 -7.47 -23.42 19.93
C ILE D 102 -8.67 -23.60 19.00
N LEU D 103 -9.47 -22.55 18.88
CA LEU D 103 -10.60 -22.55 17.96
C LEU D 103 -10.14 -22.45 16.51
N LEU D 104 -8.92 -21.96 16.32
CA LEU D 104 -8.38 -21.68 14.98
C LEU D 104 -7.40 -22.70 14.44
N ASN D 105 -6.78 -23.47 15.34
CA ASN D 105 -5.62 -24.32 15.00
C ASN D 105 -5.98 -25.80 14.83
N HIS D 106 -7.26 -26.13 14.98
CA HIS D 106 -7.76 -27.49 14.80
C HIS D 106 -7.25 -28.51 15.86
N ARG D 107 -6.91 -28.01 17.04
CA ARG D 107 -6.42 -28.88 18.12
C ARG D 107 -7.30 -28.84 19.39
N SER D 108 -8.55 -28.43 19.22
CA SER D 108 -9.50 -28.19 20.32
C SER D 108 -10.18 -29.45 20.83
N GLY D 109 -10.19 -30.48 19.99
CA GLY D 109 -10.90 -31.71 20.28
C GLY D 109 -12.41 -31.54 20.33
N LEU D 110 -12.93 -30.49 19.72
CA LEU D 110 -14.38 -30.26 19.69
C LEU D 110 -15.10 -31.31 18.85
N PRO D 111 -16.32 -31.68 19.25
CA PRO D 111 -17.11 -32.58 18.41
C PRO D 111 -17.49 -31.84 17.13
N ASP D 112 -17.50 -32.55 16.00
CA ASP D 112 -17.76 -31.93 14.71
C ASP D 112 -19.13 -32.26 14.14
N PHE D 113 -19.64 -31.36 13.31
CA PHE D 113 -20.98 -31.46 12.75
C PHE D 113 -21.02 -31.95 11.31
N GLU D 114 -19.89 -31.81 10.64
CA GLU D 114 -19.75 -32.05 9.21
C GLU D 114 -20.22 -33.44 8.78
N THR D 115 -19.72 -34.48 9.44
CA THR D 115 -20.06 -35.87 9.11
C THR D 115 -21.56 -36.18 9.22
N SER D 116 -22.20 -35.70 10.29
CA SER D 116 -23.59 -36.01 10.57
C SER D 116 -24.58 -35.16 9.77
N MET D 117 -24.15 -33.98 9.35
CA MET D 117 -25.03 -33.07 8.62
C MET D 117 -25.32 -33.62 7.23
N PRO D 118 -26.61 -33.68 6.83
CA PRO D 118 -26.95 -34.23 5.52
C PRO D 118 -26.36 -33.42 4.36
N MET D 119 -26.17 -34.06 3.21
CA MET D 119 -25.68 -33.34 2.06
C MET D 119 -26.83 -32.56 1.42
N ILE D 120 -27.86 -33.27 0.94
CA ILE D 120 -29.06 -32.59 0.44
C ILE D 120 -30.00 -32.19 1.58
N SER D 121 -30.10 -30.88 1.80
CA SER D 121 -30.95 -30.34 2.85
C SER D 121 -31.39 -28.93 2.50
N ASP D 122 -32.60 -28.59 2.95
CA ASP D 122 -33.22 -27.28 2.68
C ASP D 122 -33.23 -26.46 3.97
N LYS D 123 -32.75 -27.08 5.04
CA LYS D 123 -32.81 -26.53 6.39
C LYS D 123 -31.97 -25.27 6.60
N SER D 124 -32.57 -24.32 7.31
CA SER D 124 -31.93 -23.08 7.71
C SER D 124 -31.35 -23.30 9.10
N TRP D 125 -30.07 -22.97 9.26
CA TRP D 125 -29.35 -23.27 10.49
C TRP D 125 -28.96 -22.01 11.25
N THR D 126 -28.83 -22.17 12.55
CA THR D 126 -28.41 -21.14 13.46
C THR D 126 -27.04 -21.58 14.00
N ALA D 127 -26.16 -20.64 14.36
CA ALA D 127 -24.83 -20.97 14.88
C ALA D 127 -24.88 -21.85 16.13
N GLN D 128 -25.76 -21.50 17.07
CA GLN D 128 -25.88 -22.25 18.32
C GLN D 128 -26.45 -23.65 18.06
N GLU D 129 -27.38 -23.72 17.10
CA GLU D 129 -27.98 -24.96 16.65
C GLU D 129 -26.92 -25.91 16.05
N ILE D 130 -26.04 -25.36 15.21
CA ILE D 130 -24.89 -26.10 14.68
C ILE D 130 -24.05 -26.66 15.83
N VAL D 131 -23.71 -25.81 16.79
CA VAL D 131 -22.93 -26.24 17.97
C VAL D 131 -23.62 -27.38 18.75
N ASP D 132 -24.88 -27.17 19.14
CA ASP D 132 -25.68 -28.22 19.80
C ASP D 132 -25.63 -29.53 18.99
N PHE D 133 -25.95 -29.44 17.71
CA PHE D 133 -25.85 -30.57 16.76
C PHE D 133 -24.51 -31.29 16.82
N SER D 134 -23.42 -30.53 16.90
CA SER D 134 -22.06 -31.08 17.02
C SER D 134 -21.88 -31.89 18.29
N PHE D 135 -22.33 -31.34 19.41
CA PHE D 135 -22.25 -32.04 20.69
C PHE D 135 -23.23 -33.20 20.81
N ARG D 136 -24.26 -33.21 19.96
CA ARG D 136 -25.20 -34.32 19.92
C ARG D 136 -24.63 -35.52 19.18
N HIS D 137 -24.14 -35.30 17.95
CA HIS D 137 -23.76 -36.40 17.07
C HIS D 137 -22.25 -36.62 17.00
N GLY D 138 -21.48 -35.64 17.47
CA GLY D 138 -20.02 -35.69 17.37
C GLY D 138 -19.32 -36.21 18.61
N VAL D 139 -18.02 -36.38 18.49
CA VAL D 139 -17.21 -36.96 19.57
C VAL D 139 -16.23 -35.92 20.07
N GLN D 140 -16.26 -35.63 21.37
CA GLN D 140 -15.32 -34.67 21.94
C GLN D 140 -14.05 -35.35 22.43
N LYS D 141 -12.91 -34.74 22.12
CA LYS D 141 -11.63 -35.18 22.63
C LYS D 141 -11.05 -34.14 23.57
N GLU D 142 -9.96 -34.49 24.25
CA GLU D 142 -9.24 -33.54 25.10
C GLU D 142 -8.67 -32.43 24.24
N PRO D 143 -8.76 -31.17 24.73
CA PRO D 143 -8.06 -30.08 24.06
C PRO D 143 -6.56 -30.39 23.97
N TRP D 144 -5.97 -30.17 22.80
CA TRP D 144 -4.55 -30.42 22.54
C TRP D 144 -4.22 -31.90 22.39
N HIS D 145 -5.25 -32.72 22.14
CA HIS D 145 -5.06 -34.16 21.91
C HIS D 145 -4.13 -34.38 20.73
N GLY D 146 -4.34 -33.60 19.67
CA GLY D 146 -3.64 -33.75 18.41
C GLY D 146 -4.38 -32.88 17.43
N MET D 147 -4.07 -33.03 16.16
CA MET D 147 -4.73 -32.25 15.14
C MET D 147 -5.92 -33.05 14.63
N GLU D 148 -7.08 -32.43 14.65
CA GLU D 148 -8.23 -33.02 13.99
C GLU D 148 -9.09 -31.88 13.51
N TYR D 149 -9.24 -31.80 12.19
CA TYR D 149 -9.89 -30.69 11.56
C TYR D 149 -11.24 -30.42 12.24
N SER D 150 -11.39 -29.20 12.71
CA SER D 150 -12.57 -28.78 13.46
C SER D 150 -13.32 -27.63 12.74
N ASN D 151 -14.50 -27.95 12.24
CA ASN D 151 -15.42 -26.95 11.70
C ASN D 151 -16.10 -26.18 12.83
N THR D 152 -16.32 -26.87 13.95
CA THR D 152 -16.97 -26.31 15.12
C THR D 152 -16.17 -25.17 15.77
N GLY D 153 -14.84 -25.30 15.83
CA GLY D 153 -14.00 -24.21 16.33
C GLY D 153 -14.27 -22.89 15.63
N TYR D 154 -14.51 -22.96 14.32
CA TYR D 154 -14.74 -21.77 13.51
C TYR D 154 -16.12 -21.15 13.68
N VAL D 155 -17.12 -21.99 13.95
CA VAL D 155 -18.47 -21.53 14.24
C VAL D 155 -18.42 -20.71 15.53
N LEU D 156 -17.68 -21.22 16.52
CA LEU D 156 -17.50 -20.51 17.79
C LEU D 156 -16.70 -19.22 17.64
N ALA D 157 -15.64 -19.27 16.81
CA ALA D 157 -14.86 -18.08 16.44
C ALA D 157 -15.80 -17.00 15.85
N GLY D 158 -16.70 -17.40 14.96
CA GLY D 158 -17.75 -16.50 14.46
C GLY D 158 -18.63 -15.93 15.55
N MET D 159 -18.92 -16.74 16.57
CA MET D 159 -19.77 -16.31 17.68
C MET D 159 -19.09 -15.27 18.57
N ILE D 160 -17.78 -15.42 18.75
CA ILE D 160 -16.97 -14.42 19.45
C ILE D 160 -17.03 -13.11 18.69
N ILE D 161 -16.85 -13.16 17.36
CA ILE D 161 -16.92 -11.97 16.52
C ILE D 161 -18.28 -11.30 16.63
N ALA D 162 -19.35 -12.07 16.43
CA ALA D 162 -20.73 -11.59 16.61
C ALA D 162 -20.99 -10.93 17.97
N HIS D 163 -20.56 -11.56 19.06
CA HIS D 163 -20.73 -11.01 20.41
C HIS D 163 -19.96 -9.70 20.63
N GLU D 164 -18.68 -9.71 20.26
CA GLU D 164 -17.82 -8.55 20.48
C GLU D 164 -18.22 -7.33 19.65
N THR D 165 -18.71 -7.57 18.45
CA THR D 165 -19.04 -6.47 17.53
C THR D 165 -20.50 -6.01 17.64
N GLY D 166 -21.34 -6.89 18.21
CA GLY D 166 -22.78 -6.63 18.35
C GLY D 166 -23.54 -6.74 17.04
N LYS D 167 -22.89 -7.29 16.02
CA LYS D 167 -23.46 -7.46 14.69
C LYS D 167 -23.10 -8.85 14.18
N PRO D 168 -23.80 -9.35 13.13
CA PRO D 168 -23.39 -10.66 12.59
C PRO D 168 -21.93 -10.59 12.08
N TYR D 169 -21.19 -11.70 12.17
CA TYR D 169 -19.75 -11.71 11.79
C TYR D 169 -19.51 -11.23 10.38
N SER D 170 -20.55 -11.32 9.55
CA SER D 170 -20.49 -10.87 8.15
C SER D 170 -20.18 -9.37 8.03
N ASP D 171 -20.77 -8.56 8.92
CA ASP D 171 -20.55 -7.10 8.96
C ASP D 171 -19.06 -6.72 9.20
N HIS D 172 -18.43 -7.42 10.15
CA HIS D 172 -17.01 -7.25 10.52
C HIS D 172 -16.14 -7.59 9.31
N LEU D 173 -16.40 -8.77 8.73
CA LEU D 173 -15.66 -9.20 7.54
C LEU D 173 -15.78 -8.20 6.40
N ARG D 174 -16.99 -7.64 6.21
CA ARG D 174 -17.26 -6.70 5.13
C ARG D 174 -16.58 -5.34 5.35
N SER D 175 -16.77 -4.76 6.53
CA SER D 175 -16.20 -3.44 6.81
C SER D 175 -14.70 -3.46 7.04
N ARG D 176 -14.18 -4.58 7.54
CA ARG D 176 -12.74 -4.68 7.85
C ARG D 176 -11.89 -5.28 6.73
N ILE D 177 -12.51 -6.08 5.87
CA ILE D 177 -11.79 -6.77 4.81
C ILE D 177 -12.32 -6.48 3.40
N PHE D 178 -13.58 -6.82 3.14
CA PHE D 178 -14.12 -6.72 1.78
C PHE D 178 -14.11 -5.31 1.21
N ALA D 179 -14.70 -4.36 1.95
CA ALA D 179 -14.86 -2.99 1.46
C ALA D 179 -13.51 -2.26 1.24
N PRO D 180 -12.60 -2.30 2.24
CA PRO D 180 -11.25 -1.71 2.07
C PRO D 180 -10.46 -2.30 0.89
N LEU D 181 -10.66 -3.56 0.57
CA LEU D 181 -9.95 -4.22 -0.52
C LEU D 181 -10.70 -4.12 -1.82
N GLY D 182 -11.88 -3.50 -1.79
CA GLY D 182 -12.72 -3.39 -2.98
C GLY D 182 -13.19 -4.73 -3.51
N MET D 183 -13.42 -5.70 -2.62
CA MET D 183 -13.91 -7.01 -3.01
C MET D 183 -15.43 -6.98 -3.17
N LYS D 184 -15.89 -6.72 -4.39
CA LYS D 184 -17.33 -6.52 -4.60
C LYS D 184 -18.11 -7.76 -5.05
N ASP D 185 -17.42 -8.88 -5.25
CA ASP D 185 -18.06 -10.13 -5.67
C ASP D 185 -17.96 -11.20 -4.59
N THR D 186 -18.06 -10.79 -3.34
CA THR D 186 -17.79 -11.64 -2.20
C THR D 186 -18.86 -11.46 -1.15
N TRP D 187 -19.45 -12.59 -0.74
CA TRP D 187 -20.55 -12.59 0.21
C TRP D 187 -20.38 -13.68 1.26
N VAL D 188 -21.09 -13.51 2.37
CA VAL D 188 -21.10 -14.45 3.47
C VAL D 188 -22.52 -15.05 3.53
N GLY D 189 -22.66 -16.30 3.08
CA GLY D 189 -23.96 -16.93 2.82
C GLY D 189 -24.97 -17.06 3.94
N THR D 190 -24.51 -17.15 5.17
CA THR D 190 -25.40 -17.30 6.32
C THR D 190 -26.19 -16.02 6.56
N HIS D 191 -25.56 -14.87 6.29
CA HIS D 191 -26.11 -13.57 6.67
C HIS D 191 -26.35 -12.62 5.50
N GLU D 192 -25.93 -13.02 4.30
CA GLU D 192 -26.05 -12.13 3.15
C GLU D 192 -26.61 -12.87 1.94
N THR D 193 -27.36 -12.17 1.10
CA THR D 193 -27.87 -12.71 -0.15
C THR D 193 -26.87 -12.39 -1.22
N PHE D 194 -26.54 -13.38 -2.04
CA PHE D 194 -25.66 -13.21 -3.19
C PHE D 194 -26.49 -13.52 -4.45
N PRO D 195 -26.10 -12.94 -5.59
CA PRO D 195 -26.80 -13.18 -6.86
C PRO D 195 -26.56 -14.59 -7.45
N ILE D 196 -27.46 -15.51 -7.10
CA ILE D 196 -27.39 -16.94 -7.48
C ILE D 196 -27.22 -17.17 -8.98
N GLU D 197 -27.71 -16.27 -9.80
CA GLU D 197 -27.65 -16.45 -11.25
C GLU D 197 -26.24 -16.19 -11.80
N ARG D 198 -25.37 -15.65 -10.96
CA ARG D 198 -23.98 -15.47 -11.35
C ARG D 198 -23.05 -16.59 -10.86
N GLU D 199 -23.60 -17.54 -10.09
CA GLU D 199 -22.79 -18.62 -9.55
C GLU D 199 -22.56 -19.73 -10.60
N ALA D 200 -21.30 -20.15 -10.77
CA ALA D 200 -21.03 -21.35 -11.57
C ALA D 200 -21.77 -22.49 -10.90
N ARG D 201 -22.33 -23.39 -11.71
CA ARG D 201 -23.02 -24.56 -11.19
C ARG D 201 -22.00 -25.53 -10.64
N GLY D 202 -22.38 -26.25 -9.58
CA GLY D 202 -21.52 -27.27 -8.98
C GLY D 202 -21.91 -28.66 -9.45
N TYR D 203 -20.92 -29.52 -9.69
CA TYR D 203 -21.16 -30.87 -10.15
C TYR D 203 -20.48 -31.91 -9.29
N MET D 204 -21.29 -32.85 -8.81
CA MET D 204 -20.84 -34.02 -8.09
C MET D 204 -20.73 -35.16 -9.06
N HIS D 205 -19.56 -35.79 -9.11
CA HIS D 205 -19.33 -36.87 -10.06
C HIS D 205 -19.60 -38.22 -9.41
N ALA D 206 -20.50 -38.99 -10.01
CA ALA D 206 -20.77 -40.37 -9.60
C ALA D 206 -19.56 -41.26 -9.91
N ALA D 207 -18.98 -41.86 -8.87
CA ALA D 207 -17.70 -42.57 -8.99
C ALA D 207 -17.56 -43.61 -7.90
N ALA D 220 -30.85 -36.97 -4.40
CA ALA D 220 -29.99 -36.66 -5.53
C ALA D 220 -30.63 -37.01 -6.89
N GLY D 221 -31.35 -38.13 -6.95
CA GLY D 221 -31.93 -38.62 -8.19
C GLY D 221 -30.90 -39.37 -9.00
N ASP D 222 -30.94 -39.20 -10.32
CA ASP D 222 -29.99 -39.89 -11.22
C ASP D 222 -29.05 -38.96 -11.98
N PRO D 223 -27.76 -39.34 -12.06
CA PRO D 223 -26.78 -38.50 -12.74
C PRO D 223 -26.99 -38.50 -14.24
N VAL D 224 -26.64 -37.41 -14.89
CA VAL D 224 -26.64 -37.36 -16.33
C VAL D 224 -25.22 -37.12 -16.77
N ASP D 225 -24.71 -38.03 -17.59
CA ASP D 225 -23.36 -37.93 -18.09
C ASP D 225 -22.39 -37.89 -16.89
N GLY D 226 -22.70 -38.72 -15.89
CA GLY D 226 -21.84 -38.92 -14.72
C GLY D 226 -21.87 -37.85 -13.62
N VAL D 227 -22.78 -36.88 -13.73
CA VAL D 227 -22.83 -35.79 -12.74
C VAL D 227 -24.24 -35.41 -12.29
N TRP D 228 -24.33 -34.91 -11.06
CA TRP D 228 -25.50 -34.16 -10.58
C TRP D 228 -25.14 -32.69 -10.44
N ASP D 229 -26.09 -31.81 -10.75
CA ASP D 229 -25.98 -30.43 -10.33
C ASP D 229 -26.22 -30.32 -8.81
N SER D 230 -25.14 -30.09 -8.07
CA SER D 230 -25.19 -30.08 -6.62
C SER D 230 -25.06 -28.66 -6.02
N THR D 231 -25.15 -27.65 -6.87
CA THR D 231 -25.06 -26.25 -6.48
C THR D 231 -25.83 -25.94 -5.18
N GLU D 232 -27.05 -26.47 -5.08
CA GLU D 232 -27.97 -26.13 -3.99
C GLU D 232 -28.28 -27.31 -3.03
N TRP D 233 -27.41 -28.33 -3.02
CA TRP D 233 -27.55 -29.44 -2.06
C TRP D 233 -27.35 -29.01 -0.60
N PHE D 234 -26.20 -28.40 -0.31
CA PHE D 234 -25.84 -28.03 1.06
C PHE D 234 -26.24 -26.57 1.36
N PRO D 235 -27.05 -26.35 2.40
CA PRO D 235 -27.42 -24.97 2.66
C PRO D 235 -26.25 -24.26 3.34
N LEU D 236 -25.87 -23.09 2.83
CA LEU D 236 -24.69 -22.36 3.32
C LEU D 236 -24.74 -22.04 4.80
N SER D 237 -25.92 -21.71 5.33
CA SER D 237 -26.08 -21.49 6.77
C SER D 237 -25.63 -22.70 7.58
N GLY D 238 -25.72 -23.89 6.95
CA GLY D 238 -25.23 -25.15 7.54
C GLY D 238 -23.73 -25.15 7.78
N ALA D 239 -22.97 -24.41 6.96
CA ALA D 239 -21.53 -24.26 7.18
C ALA D 239 -21.21 -23.12 8.14
N ASN D 240 -22.00 -22.06 8.13
CA ASN D 240 -21.76 -20.91 9.02
C ASN D 240 -20.30 -20.41 8.83
N ALA D 241 -19.64 -19.98 9.91
CA ALA D 241 -18.28 -19.42 9.85
C ALA D 241 -17.19 -20.43 9.43
N ALA D 242 -17.55 -21.71 9.37
CA ALA D 242 -16.62 -22.71 8.86
C ALA D 242 -16.60 -22.80 7.33
N GLY D 243 -17.61 -22.25 6.65
CA GLY D 243 -17.62 -22.36 5.18
C GLY D 243 -18.72 -21.76 4.33
N ASP D 244 -19.27 -20.62 4.72
CA ASP D 244 -20.44 -20.06 4.03
C ASP D 244 -20.16 -19.03 2.93
N MET D 245 -18.89 -18.77 2.64
CA MET D 245 -18.54 -17.66 1.73
C MET D 245 -18.64 -17.99 0.26
N VAL D 246 -19.02 -16.97 -0.50
CA VAL D 246 -19.16 -17.02 -1.93
C VAL D 246 -18.24 -15.93 -2.50
N SER D 247 -17.45 -16.25 -3.52
CA SER D 247 -16.51 -15.26 -4.09
C SER D 247 -16.05 -15.64 -5.47
N THR D 248 -15.10 -14.89 -6.01
CA THR D 248 -14.45 -15.20 -7.28
C THR D 248 -12.97 -15.36 -7.01
N PRO D 249 -12.25 -16.13 -7.85
CA PRO D 249 -10.80 -16.16 -7.71
C PRO D 249 -10.18 -14.76 -7.71
N ARG D 250 -10.62 -13.89 -8.62
CA ARG D 250 -10.14 -12.50 -8.64
C ARG D 250 -10.18 -11.82 -7.26
N ASP D 251 -11.34 -11.86 -6.59
CA ASP D 251 -11.51 -11.27 -5.26
C ASP D 251 -10.63 -11.91 -4.21
N ILE D 252 -10.51 -13.23 -4.24
CA ILE D 252 -9.71 -13.98 -3.27
C ILE D 252 -8.24 -13.52 -3.30
N VAL D 253 -7.71 -13.30 -4.50
CA VAL D 253 -6.33 -12.86 -4.69
C VAL D 253 -6.13 -11.43 -4.15
N LYS D 254 -7.14 -10.56 -4.30
CA LYS D 254 -7.13 -9.25 -3.63
C LYS D 254 -6.89 -9.42 -2.13
N PHE D 255 -7.57 -10.38 -1.52
CA PHE D 255 -7.41 -10.70 -0.09
C PHE D 255 -6.02 -11.25 0.26
N LEU D 256 -5.59 -12.28 -0.46
CA LEU D 256 -4.28 -12.91 -0.24
C LEU D 256 -3.10 -11.91 -0.35
N ASN D 257 -3.16 -11.02 -1.35
CA ASN D 257 -2.12 -10.00 -1.51
C ASN D 257 -2.10 -9.04 -0.32
N ALA D 258 -3.25 -8.48 0.03
CA ALA D 258 -3.34 -7.59 1.18
C ALA D 258 -2.86 -8.27 2.46
N LEU D 259 -3.30 -9.51 2.66
CA LEU D 259 -2.96 -10.26 3.87
C LEU D 259 -1.44 -10.45 4.03
N PHE D 260 -0.80 -10.95 2.99
CA PHE D 260 0.63 -11.28 3.08
C PHE D 260 1.55 -10.07 2.94
N ASP D 261 1.02 -8.97 2.37
CA ASP D 261 1.73 -7.70 2.26
C ASP D 261 1.64 -6.84 3.52
N GLY D 262 1.01 -7.36 4.57
CA GLY D 262 0.85 -6.62 5.83
C GLY D 262 -0.18 -5.50 5.86
N ARG D 263 -1.12 -5.51 4.91
CA ARG D 263 -2.16 -4.47 4.87
C ARG D 263 -3.43 -4.78 5.68
N ILE D 264 -3.52 -5.97 6.26
CA ILE D 264 -4.68 -6.32 7.06
C ILE D 264 -4.33 -6.54 8.54
N LEU D 265 -3.55 -7.58 8.81
CA LEU D 265 -3.10 -7.88 10.16
C LEU D 265 -1.69 -7.32 10.38
N ASP D 266 -1.38 -6.93 11.60
CA ASP D 266 0.00 -6.54 11.95
C ASP D 266 0.91 -7.78 11.97
N GLN D 267 2.19 -7.60 12.23
CA GLN D 267 3.17 -8.69 12.03
C GLN D 267 2.91 -9.87 12.95
N LYS D 268 2.54 -9.58 14.20
CA LYS D 268 2.32 -10.62 15.19
C LYS D 268 1.12 -11.50 14.84
N ARG D 269 0.05 -10.86 14.40
CA ARG D 269 -1.17 -11.59 14.08
C ARG D 269 -1.01 -12.37 12.79
N LEU D 270 -0.26 -11.83 11.83
CA LEU D 270 0.07 -12.56 10.62
C LEU D 270 0.94 -13.78 10.95
N TRP D 271 1.96 -13.57 11.79
CA TRP D 271 2.80 -14.67 12.28
C TRP D 271 1.99 -15.77 12.97
N GLU D 272 1.10 -15.38 13.89
CA GLU D 272 0.17 -16.35 14.52
C GLU D 272 -0.60 -17.12 13.46
N MET D 273 -1.08 -16.39 12.46
CA MET D 273 -1.84 -17.00 11.38
C MET D 273 -1.03 -17.98 10.51
N LYS D 274 0.15 -17.56 10.08
CA LYS D 274 0.89 -18.30 9.06
C LYS D 274 2.13 -19.07 9.54
N ASP D 275 2.71 -18.66 10.67
CA ASP D 275 4.03 -19.18 11.10
C ASP D 275 4.02 -19.94 12.42
N ASN D 276 3.07 -19.63 13.30
CA ASN D 276 2.90 -20.41 14.51
C ASN D 276 2.14 -21.71 14.21
N ILE D 277 2.88 -22.70 13.69
CA ILE D 277 2.30 -23.88 13.03
C ILE D 277 2.59 -25.23 13.70
N LYS D 278 1.79 -26.24 13.35
CA LYS D 278 1.92 -27.61 13.82
C LYS D 278 1.43 -28.53 12.71
N PRO D 279 1.88 -29.80 12.70
CA PRO D 279 1.41 -30.70 11.63
C PRO D 279 -0.11 -30.77 11.53
N ALA D 280 -0.61 -31.02 10.33
CA ALA D 280 -2.03 -30.99 10.06
C ALA D 280 -2.40 -31.96 8.94
N PHE D 281 -3.57 -32.56 9.08
CA PHE D 281 -4.09 -33.49 8.09
C PHE D 281 -5.44 -33.03 7.56
N PHE D 282 -5.58 -33.02 6.23
CA PHE D 282 -6.90 -32.94 5.61
C PHE D 282 -6.96 -33.91 4.44
N PRO D 283 -7.99 -34.78 4.41
CA PRO D 283 -8.14 -35.77 3.34
C PRO D 283 -8.72 -35.10 2.07
N GLY D 284 -8.24 -35.36 0.87
CA GLY D 284 -6.94 -35.96 0.58
C GLY D 284 -6.11 -34.88 -0.10
N SER D 285 -5.98 -33.77 0.62
CA SER D 285 -5.28 -32.58 0.20
C SER D 285 -3.78 -32.78 0.30
N ASN D 286 -3.02 -31.72 0.01
CA ASN D 286 -1.56 -31.74 0.13
C ASN D 286 -1.11 -31.06 1.42
N THR D 287 -2.05 -30.96 2.36
CA THR D 287 -1.82 -30.33 3.66
C THR D 287 -0.82 -31.08 4.51
N VAL D 288 0.16 -30.36 5.04
CA VAL D 288 1.16 -30.93 5.96
C VAL D 288 1.14 -30.25 7.33
N ALA D 289 0.63 -29.02 7.38
CA ALA D 289 0.64 -28.23 8.62
C ALA D 289 -0.38 -27.09 8.59
N ASN D 290 -0.65 -26.52 9.76
CA ASN D 290 -1.59 -25.41 9.87
C ASN D 290 -1.18 -24.43 10.95
N GLY D 291 -1.50 -23.16 10.70
CA GLY D 291 -1.30 -22.08 11.65
C GLY D 291 -2.59 -21.79 12.40
N HIS D 292 -2.96 -20.51 12.46
CA HIS D 292 -4.20 -20.07 13.08
C HIS D 292 -5.09 -19.37 12.02
N GLY D 293 -5.56 -20.16 11.06
CA GLY D 293 -6.37 -19.67 9.93
C GLY D 293 -5.77 -19.93 8.56
N LEU D 294 -4.55 -20.46 8.52
CA LEU D 294 -3.92 -20.88 7.26
C LEU D 294 -3.39 -22.30 7.30
N LEU D 295 -3.55 -23.00 6.19
CA LEU D 295 -2.95 -24.33 6.01
C LEU D 295 -1.68 -24.25 5.16
N LEU D 296 -0.69 -25.09 5.50
CA LEU D 296 0.50 -25.29 4.64
C LEU D 296 0.32 -26.53 3.77
N MET D 297 0.34 -26.30 2.46
CA MET D 297 0.04 -27.30 1.45
C MET D 297 1.23 -27.39 0.48
N ARG D 298 1.85 -28.57 0.38
CA ARG D 298 3.07 -28.75 -0.39
CA ARG D 298 3.07 -28.76 -0.40
C ARG D 298 2.81 -29.16 -1.84
N TYR D 299 3.52 -28.53 -2.76
CA TYR D 299 3.37 -28.79 -4.19
C TYR D 299 4.74 -29.00 -4.83
N GLY D 300 5.27 -30.22 -4.69
CA GLY D 300 6.65 -30.49 -5.08
C GLY D 300 7.62 -29.62 -4.29
N SER D 301 8.44 -28.85 -5.00
CA SER D 301 9.37 -27.92 -4.36
C SER D 301 8.71 -26.61 -3.94
N SER D 302 7.43 -26.43 -4.28
CA SER D 302 6.68 -25.24 -3.85
C SER D 302 5.72 -25.57 -2.72
N GLU D 303 5.24 -24.53 -2.04
CA GLU D 303 4.36 -24.68 -0.91
C GLU D 303 3.44 -23.47 -0.80
N LEU D 304 2.15 -23.72 -0.60
CA LEU D 304 1.19 -22.62 -0.42
C LEU D 304 0.75 -22.50 1.03
N LYS D 305 0.68 -21.25 1.49
CA LYS D 305 0.06 -20.90 2.76
C LYS D 305 -1.31 -20.37 2.37
N GLY D 306 -2.36 -21.14 2.66
CA GLY D 306 -3.71 -20.72 2.35
C GLY D 306 -4.74 -21.71 2.85
N HIS D 307 -5.51 -22.27 1.93
CA HIS D 307 -6.58 -23.14 2.34
C HIS D 307 -7.15 -23.88 1.15
N LEU D 308 -7.80 -24.99 1.45
CA LEU D 308 -8.60 -25.71 0.47
C LEU D 308 -10.06 -25.55 0.89
N GLY D 309 -10.97 -25.69 -0.07
CA GLY D 309 -12.39 -25.69 0.23
C GLY D 309 -13.05 -26.86 -0.46
N GLN D 310 -13.89 -27.57 0.27
CA GLN D 310 -14.76 -28.61 -0.33
C GLN D 310 -16.21 -28.41 0.13
N ILE D 311 -17.07 -28.15 -0.85
CA ILE D 311 -18.51 -28.07 -0.62
C ILE D 311 -19.10 -28.68 -1.92
N PRO D 312 -20.24 -29.41 -1.85
CA PRO D 312 -20.69 -30.19 -3.03
C PRO D 312 -20.59 -29.49 -4.39
N GLY D 313 -19.69 -29.98 -5.22
CA GLY D 313 -19.55 -29.47 -6.57
C GLY D 313 -18.54 -28.37 -6.80
N HIS D 314 -18.14 -27.65 -5.75
CA HIS D 314 -17.11 -26.59 -5.86
C HIS D 314 -15.87 -26.90 -5.03
N THR D 315 -14.72 -27.00 -5.69
CA THR D 315 -13.49 -27.46 -5.04
C THR D 315 -12.40 -26.42 -5.26
N SER D 316 -11.84 -25.90 -4.17
CA SER D 316 -10.96 -24.76 -4.24
C SER D 316 -9.61 -24.93 -3.55
N ILE D 317 -8.60 -24.29 -4.13
CA ILE D 317 -7.30 -24.19 -3.51
C ILE D 317 -6.92 -22.73 -3.62
N MET D 318 -6.69 -22.08 -2.49
CA MET D 318 -6.11 -20.74 -2.46
C MET D 318 -4.81 -20.70 -1.65
N GLY D 319 -3.92 -19.79 -2.00
CA GLY D 319 -2.72 -19.58 -1.18
C GLY D 319 -1.64 -18.70 -1.77
N ARG D 320 -0.71 -18.35 -0.91
CA ARG D 320 0.47 -17.61 -1.27
C ARG D 320 1.68 -18.52 -1.12
N ASP D 321 2.56 -18.46 -2.12
CA ASP D 321 3.90 -19.02 -2.08
C ASP D 321 4.85 -17.95 -1.55
N GLU D 322 5.25 -18.09 -0.28
CA GLU D 322 6.08 -17.09 0.40
C GLU D 322 7.50 -16.91 -0.15
N GLU D 323 8.01 -17.94 -0.84
CA GLU D 323 9.32 -17.85 -1.47
C GLU D 323 9.30 -16.96 -2.69
N THR D 324 8.25 -17.07 -3.50
CA THR D 324 8.16 -16.34 -4.77
C THR D 324 7.25 -15.12 -4.67
N GLY D 325 6.39 -15.10 -3.64
CA GLY D 325 5.38 -14.04 -3.52
C GLY D 325 4.20 -14.18 -4.48
N ALA D 326 4.14 -15.30 -5.21
CA ALA D 326 2.94 -15.62 -6.00
C ALA D 326 1.72 -15.90 -5.09
N ALA D 327 0.54 -15.52 -5.56
CA ALA D 327 -0.73 -15.80 -4.86
C ALA D 327 -1.76 -16.27 -5.89
N LEU D 328 -2.52 -17.31 -5.55
CA LEU D 328 -3.48 -17.84 -6.49
C LEU D 328 -4.76 -18.30 -5.82
N MET D 329 -5.81 -18.36 -6.61
CA MET D 329 -7.03 -19.05 -6.24
C MET D 329 -7.51 -19.82 -7.46
N LEU D 330 -7.60 -21.14 -7.30
CA LEU D 330 -8.08 -22.01 -8.36
C LEU D 330 -9.32 -22.71 -7.86
N ILE D 331 -10.39 -22.59 -8.62
CA ILE D 331 -11.62 -23.29 -8.28
C ILE D 331 -12.14 -24.02 -9.50
N GLN D 332 -12.44 -25.29 -9.33
CA GLN D 332 -13.16 -26.07 -10.33
C GLN D 332 -14.60 -26.34 -9.86
N ASN D 333 -15.53 -26.36 -10.81
CA ASN D 333 -16.92 -26.72 -10.47
C ASN D 333 -17.20 -28.22 -10.64
N SER D 334 -16.20 -29.02 -10.27
CA SER D 334 -16.31 -30.48 -10.15
C SER D 334 -15.95 -30.88 -8.73
N GLY D 335 -16.70 -31.84 -8.21
CA GLY D 335 -16.41 -32.46 -6.91
C GLY D 335 -16.81 -33.92 -6.93
N ALA D 336 -16.69 -34.57 -5.76
CA ALA D 336 -17.13 -35.96 -5.57
C ALA D 336 -17.28 -36.19 -4.08
N GLY D 337 -17.97 -37.27 -3.69
CA GLY D 337 -18.20 -37.60 -2.30
C GLY D 337 -17.03 -38.30 -1.63
N ASP D 338 -16.09 -38.80 -2.43
CA ASP D 338 -14.97 -39.57 -1.90
C ASP D 338 -13.68 -38.78 -1.98
N PHE D 339 -12.94 -38.75 -0.88
CA PHE D 339 -11.71 -37.97 -0.71
C PHE D 339 -10.56 -38.44 -1.62
N GLU D 340 -10.66 -39.68 -2.08
CA GLU D 340 -9.64 -40.31 -2.91
C GLU D 340 -9.98 -40.16 -4.40
N SER D 341 -11.11 -39.54 -4.69
CA SER D 341 -11.56 -39.35 -6.06
C SER D 341 -10.80 -38.22 -6.74
N PHE D 342 -10.45 -38.45 -8.00
CA PHE D 342 -9.79 -37.43 -8.81
C PHE D 342 -10.56 -36.11 -8.84
N TYR D 343 -11.89 -36.20 -8.80
CA TYR D 343 -12.75 -35.00 -8.87
C TYR D 343 -12.71 -34.20 -7.58
N LEU D 344 -12.18 -34.79 -6.53
CA LEU D 344 -11.90 -34.03 -5.32
C LEU D 344 -10.42 -33.67 -5.20
N LYS D 345 -9.57 -34.68 -5.01
CA LYS D 345 -8.17 -34.42 -4.65
C LYS D 345 -7.30 -33.97 -5.82
N GLY D 346 -7.76 -34.25 -7.05
CA GLY D 346 -7.06 -33.83 -8.25
C GLY D 346 -7.10 -32.33 -8.57
N VAL D 347 -7.84 -31.55 -7.78
CA VAL D 347 -7.77 -30.07 -7.86
C VAL D 347 -6.33 -29.58 -7.59
N ASN D 348 -5.59 -30.38 -6.83
CA ASN D 348 -4.20 -30.09 -6.49
C ASN D 348 -3.26 -30.22 -7.67
N GLU D 349 -3.62 -31.08 -8.61
CA GLU D 349 -2.77 -31.37 -9.78
C GLU D 349 -2.46 -30.15 -10.64
N PRO D 350 -3.50 -29.42 -11.13
CA PRO D 350 -3.21 -28.21 -11.91
C PRO D 350 -2.52 -27.11 -11.10
N VAL D 351 -2.79 -27.06 -9.81
CA VAL D 351 -2.07 -26.13 -8.91
C VAL D 351 -0.57 -26.47 -8.88
N ASP D 352 -0.27 -27.76 -8.82
CA ASP D 352 1.11 -28.26 -8.85
C ASP D 352 1.82 -27.89 -10.17
N ARG D 353 1.14 -28.12 -11.28
CA ARG D 353 1.65 -27.75 -12.61
C ARG D 353 1.88 -26.25 -12.73
N VAL D 354 0.92 -25.44 -12.28
CA VAL D 354 1.05 -23.99 -12.36
C VAL D 354 2.30 -23.48 -11.63
N LEU D 355 2.52 -23.97 -10.41
CA LEU D 355 3.64 -23.52 -9.59
C LEU D 355 4.99 -23.99 -10.14
N GLU D 356 5.02 -25.21 -10.66
CA GLU D 356 6.16 -25.74 -11.42
C GLU D 356 6.45 -24.87 -12.64
N ALA D 357 5.41 -24.50 -13.37
CA ALA D 357 5.57 -23.68 -14.57
C ALA D 357 6.09 -22.29 -14.22
N ILE D 358 5.62 -21.72 -13.10
CA ILE D 358 6.13 -20.45 -12.60
C ILE D 358 7.62 -20.57 -12.27
N LYS D 359 7.99 -21.66 -11.58
CA LYS D 359 9.38 -21.92 -11.22
C LYS D 359 10.25 -22.09 -12.48
N ASN D 360 9.78 -22.88 -13.43
CA ASN D 360 10.54 -23.18 -14.63
C ASN D 360 10.78 -22.00 -15.55
N SER D 361 9.94 -20.97 -15.46
CA SER D 361 10.11 -19.79 -16.29
C SER D 361 11.01 -18.76 -15.59
N ARG D 362 11.00 -18.78 -14.26
CA ARG D 362 11.69 -17.79 -13.44
C ARG D 362 13.17 -18.08 -13.27
N SER D 363 13.53 -19.36 -13.21
CA SER D 363 14.93 -19.79 -13.16
C SER D 363 15.62 -19.52 -14.50
N SER E 2 21.52 -41.93 -21.22
CA SER E 2 21.34 -40.46 -21.13
C SER E 2 22.46 -39.81 -20.30
N ASP E 3 22.45 -38.47 -20.24
CA ASP E 3 23.40 -37.72 -19.41
C ASP E 3 23.24 -37.94 -17.91
N LEU E 4 22.00 -38.15 -17.47
CA LEU E 4 21.72 -38.43 -16.05
C LEU E 4 22.29 -39.78 -15.62
N ASN E 5 22.09 -40.81 -16.46
CA ASN E 5 22.58 -42.17 -16.17
C ASN E 5 24.09 -42.21 -15.96
N ASN E 6 24.81 -41.40 -16.73
CA ASN E 6 26.26 -41.34 -16.65
C ASN E 6 26.76 -40.48 -15.49
N ALA E 7 26.05 -39.39 -15.21
CA ALA E 7 26.35 -38.56 -14.03
C ALA E 7 26.28 -39.41 -12.75
N ILE E 8 25.26 -40.25 -12.68
CA ILE E 8 25.01 -41.12 -11.51
C ILE E 8 26.01 -42.26 -11.47
N GLN E 9 26.26 -42.89 -12.62
CA GLN E 9 27.33 -43.89 -12.70
C GLN E 9 28.64 -43.28 -12.23
N GLY E 10 28.94 -42.08 -12.75
CA GLY E 10 30.10 -41.31 -12.33
C GLY E 10 30.20 -41.12 -10.82
N ILE E 11 29.13 -40.59 -10.23
CA ILE E 11 29.03 -40.35 -8.78
C ILE E 11 29.32 -41.64 -7.99
N LEU E 12 28.74 -42.74 -8.46
CA LEU E 12 28.97 -44.05 -7.87
C LEU E 12 30.39 -44.58 -8.07
N ASP E 13 30.98 -44.28 -9.23
CA ASP E 13 32.38 -44.66 -9.52
C ASP E 13 33.35 -43.95 -8.62
N ASP E 14 33.16 -42.64 -8.42
CA ASP E 14 34.01 -41.87 -7.48
C ASP E 14 33.93 -42.38 -6.05
N HIS E 15 32.76 -42.86 -5.67
CA HIS E 15 32.50 -43.28 -4.30
C HIS E 15 33.18 -44.61 -3.97
N VAL E 16 33.16 -45.56 -4.91
CA VAL E 16 33.98 -46.78 -4.75
C VAL E 16 35.48 -46.46 -4.88
N ALA E 17 35.80 -45.53 -5.79
CA ALA E 17 37.19 -45.06 -5.97
C ALA E 17 37.77 -44.44 -4.71
N ARG E 18 36.91 -44.07 -3.76
CA ARG E 18 37.32 -43.48 -2.49
C ARG E 18 37.58 -44.55 -1.42
N GLY E 19 37.38 -45.81 -1.78
CA GLY E 19 37.72 -46.92 -0.89
C GLY E 19 36.57 -47.82 -0.52
N VAL E 20 35.35 -47.38 -0.84
CA VAL E 20 34.12 -48.16 -0.65
C VAL E 20 34.12 -49.36 -1.60
N VAL E 21 33.92 -50.56 -1.05
CA VAL E 21 34.03 -51.79 -1.82
C VAL E 21 33.07 -51.85 -3.00
N GLY E 22 31.78 -51.67 -2.70
CA GLY E 22 30.72 -51.70 -3.71
C GLY E 22 29.47 -50.98 -3.24
N VAL E 23 28.67 -50.55 -4.22
CA VAL E 23 27.46 -49.78 -3.97
C VAL E 23 26.37 -50.16 -4.99
N SER E 24 25.17 -50.44 -4.49
CA SER E 24 24.02 -50.74 -5.34
C SER E 24 22.94 -49.68 -5.18
N LEU E 25 22.50 -49.12 -6.31
CA LEU E 25 21.50 -48.08 -6.32
C LEU E 25 20.32 -48.46 -7.20
N ALA E 26 19.11 -48.19 -6.71
CA ALA E 26 17.91 -48.19 -7.51
C ALA E 26 17.28 -46.81 -7.40
N LEU E 27 16.82 -46.29 -8.53
CA LEU E 27 16.31 -44.94 -8.59
C LEU E 27 15.08 -44.90 -9.49
N CYS E 28 14.05 -44.18 -9.05
CA CYS E 28 12.84 -44.04 -9.83
C CYS E 28 12.32 -42.61 -9.87
N LEU E 29 12.45 -41.99 -11.04
CA LEU E 29 11.88 -40.65 -11.28
C LEU E 29 10.37 -40.78 -11.51
N PRO E 30 9.62 -39.70 -11.21
CA PRO E 30 8.14 -39.80 -11.29
C PRO E 30 7.65 -40.19 -12.68
N GLY E 31 6.58 -41.01 -12.71
CA GLY E 31 6.04 -41.56 -13.95
C GLY E 31 7.06 -42.29 -14.83
N GLU E 32 8.18 -42.70 -14.23
CA GLU E 32 9.23 -43.43 -14.96
C GLU E 32 9.46 -44.84 -14.42
N GLU E 33 10.23 -45.62 -15.17
CA GLU E 33 10.65 -46.96 -14.76
C GLU E 33 11.85 -46.84 -13.84
N THR E 34 12.04 -47.82 -12.96
CA THR E 34 13.19 -47.85 -12.07
C THR E 34 14.47 -48.17 -12.86
N SER E 35 15.48 -47.33 -12.67
CA SER E 35 16.81 -47.57 -13.22
C SER E 35 17.69 -48.10 -12.12
N LEU E 36 18.64 -48.96 -12.48
CA LEU E 36 19.57 -49.55 -11.52
C LEU E 36 21.02 -49.24 -11.91
N TYR E 37 21.85 -48.99 -10.89
CA TYR E 37 23.26 -48.66 -11.07
C TYR E 37 24.05 -49.35 -9.98
N GLN E 38 25.15 -49.99 -10.37
CA GLN E 38 26.07 -50.57 -9.41
C GLN E 38 27.50 -50.17 -9.77
N SER E 39 28.38 -50.27 -8.79
CA SER E 39 29.79 -50.03 -8.97
C SER E 39 30.52 -50.88 -7.93
N GLY E 40 31.74 -51.32 -8.27
CA GLY E 40 32.58 -52.06 -7.33
C GLY E 40 32.22 -53.53 -7.17
N TYR E 41 32.63 -54.10 -6.03
CA TYR E 41 32.55 -55.54 -5.81
C TYR E 41 31.57 -55.94 -4.73
N ALA E 42 30.78 -56.97 -5.03
CA ALA E 42 29.99 -57.68 -4.03
C ALA E 42 30.90 -58.59 -3.20
N ASP E 43 32.00 -59.02 -3.82
CA ASP E 43 33.03 -59.82 -3.16
C ASP E 43 34.40 -59.20 -3.46
N LYS E 44 35.05 -58.65 -2.44
CA LYS E 44 36.34 -57.97 -2.57
C LYS E 44 37.47 -58.92 -2.99
N PHE E 45 37.46 -60.14 -2.45
CA PHE E 45 38.52 -61.11 -2.73
C PHE E 45 38.08 -62.22 -3.70
N ASN E 46 37.27 -61.84 -4.69
CA ASN E 46 36.81 -62.77 -5.74
C ASN E 46 36.43 -62.06 -7.04
N MET E 48 33.90 -60.45 -7.87
CA MET E 48 32.51 -60.43 -8.31
C MET E 48 31.97 -58.99 -8.40
N PRO E 49 31.68 -58.52 -9.61
CA PRO E 49 31.05 -57.21 -9.76
C PRO E 49 29.68 -57.15 -9.05
N MET E 50 29.32 -55.97 -8.56
CA MET E 50 28.01 -55.72 -7.96
C MET E 50 26.92 -55.76 -9.04
N THR E 51 25.86 -56.53 -8.80
CA THR E 51 24.68 -56.53 -9.68
C THR E 51 23.44 -56.01 -8.95
N GLY E 52 22.41 -55.64 -9.70
CA GLY E 52 21.13 -55.23 -9.13
C GLY E 52 20.35 -56.39 -8.52
N ASP E 53 20.99 -57.55 -8.43
CA ASP E 53 20.35 -58.76 -7.91
C ASP E 53 21.03 -59.26 -6.64
N HIS E 54 22.14 -58.62 -6.25
CA HIS E 54 22.76 -58.88 -4.97
C HIS E 54 21.86 -58.39 -3.82
N LEU E 55 21.76 -59.21 -2.78
CA LEU E 55 20.94 -58.90 -1.62
C LEU E 55 21.79 -58.15 -0.59
N PHE E 56 21.13 -57.29 0.18
CA PHE E 56 21.76 -56.62 1.31
C PHE E 56 20.89 -56.75 2.54
N ARG E 57 21.52 -56.62 3.70
CA ARG E 57 20.80 -56.42 4.95
C ARG E 57 20.51 -54.91 5.05
N ILE E 58 19.24 -54.56 5.03
CA ILE E 58 18.81 -53.14 5.03
C ILE E 58 18.75 -52.53 6.43
N ALA E 59 19.00 -53.35 7.46
CA ALA E 59 19.01 -52.90 8.86
C ALA E 59 17.75 -52.11 9.27
N SER E 60 17.94 -50.89 9.76
CA SER E 60 16.84 -50.06 10.27
C SER E 60 15.82 -49.64 9.22
N CYS E 61 16.15 -49.75 7.94
CA CYS E 61 15.12 -49.56 6.90
C CYS E 61 13.94 -50.52 7.11
N THR E 62 14.20 -51.65 7.76
CA THR E 62 13.16 -52.55 8.26
C THR E 62 12.04 -51.81 9.01
N LYS E 63 12.43 -50.79 9.77
CA LYS E 63 11.50 -50.03 10.62
C LYS E 63 10.31 -49.45 9.85
N SER E 64 10.56 -48.99 8.62
CA SER E 64 9.49 -48.48 7.75
C SER E 64 8.44 -49.55 7.43
N PHE E 65 8.90 -50.79 7.19
CA PHE E 65 8.03 -51.93 6.88
C PHE E 65 7.25 -52.34 8.09
N ILE E 66 7.90 -52.35 9.25
CA ILE E 66 7.22 -52.64 10.51
C ILE E 66 6.15 -51.59 10.86
N ALA E 67 6.50 -50.31 10.73
CA ALA E 67 5.53 -49.21 10.91
C ALA E 67 4.34 -49.35 9.95
N THR E 68 4.63 -49.52 8.67
CA THR E 68 3.60 -49.79 7.67
C THR E 68 2.66 -50.91 8.12
N GLY E 69 3.24 -52.03 8.58
CA GLY E 69 2.47 -53.20 9.03
C GLY E 69 1.57 -52.94 10.21
N LEU E 70 2.06 -52.19 11.18
CA LEU E 70 1.24 -51.75 12.29
C LEU E 70 0.15 -50.74 11.85
N HIS E 71 0.49 -49.87 10.91
CA HIS E 71 -0.47 -48.92 10.36
C HIS E 71 -1.61 -49.62 9.59
N LEU E 72 -1.28 -50.71 8.89
CA LEU E 72 -2.31 -51.51 8.22
C LEU E 72 -3.32 -52.10 9.20
N LEU E 73 -2.85 -52.45 10.40
CA LEU E 73 -3.72 -52.96 11.46
C LEU E 73 -4.59 -51.84 12.01
N VAL E 74 -4.05 -50.63 12.05
CA VAL E 74 -4.82 -49.45 12.46
C VAL E 74 -5.96 -49.23 11.47
N GLN E 75 -5.65 -49.34 10.18
CA GLN E 75 -6.63 -49.29 9.10
C GLN E 75 -7.69 -50.39 9.21
N ASP E 76 -7.26 -51.61 9.54
CA ASP E 76 -8.19 -52.72 9.78
C ASP E 76 -9.12 -52.49 10.98
N GLY E 77 -8.76 -51.56 11.86
CA GLY E 77 -9.59 -51.19 12.99
C GLY E 77 -9.35 -52.00 14.24
N THR E 78 -8.34 -52.89 14.19
CA THR E 78 -7.97 -53.73 15.33
C THR E 78 -6.95 -53.08 16.29
N VAL E 79 -6.31 -51.99 15.84
CA VAL E 79 -5.33 -51.27 16.66
C VAL E 79 -5.60 -49.77 16.58
N ASP E 80 -5.32 -49.06 17.67
CA ASP E 80 -5.48 -47.62 17.71
C ASP E 80 -4.19 -46.94 18.14
N LEU E 81 -3.70 -46.01 17.31
CA LEU E 81 -2.40 -45.36 17.54
C LEU E 81 -2.32 -44.63 18.89
N ASP E 82 -3.47 -44.21 19.40
CA ASP E 82 -3.54 -43.50 20.68
C ASP E 82 -3.97 -44.38 21.87
N GLU E 83 -4.13 -45.68 21.67
CA GLU E 83 -4.50 -46.56 22.78
C GLU E 83 -3.25 -47.04 23.51
N PRO E 84 -3.36 -47.28 24.83
CA PRO E 84 -2.22 -47.71 25.64
C PRO E 84 -1.78 -49.13 25.28
N ILE E 85 -0.47 -49.37 25.33
CA ILE E 85 0.07 -50.67 24.94
C ILE E 85 -0.07 -51.73 26.06
N THR E 86 -0.65 -51.33 27.18
CA THR E 86 -0.98 -52.25 28.28
C THR E 86 -1.84 -53.42 27.79
N ARG E 87 -2.61 -53.19 26.73
CA ARG E 87 -3.38 -54.24 26.07
C ARG E 87 -2.53 -55.44 25.61
N TRP E 88 -1.26 -55.20 25.29
CA TRP E 88 -0.39 -56.27 24.80
C TRP E 88 0.72 -56.57 25.79
N PHE E 89 1.12 -55.56 26.56
CA PHE E 89 2.25 -55.67 27.45
C PHE E 89 1.85 -55.12 28.81
N PRO E 90 0.89 -55.80 29.50
CA PRO E 90 0.32 -55.26 30.74
C PRO E 90 1.35 -55.03 31.84
N ASP E 91 2.45 -55.79 31.84
CA ASP E 91 3.43 -55.72 32.94
C ASP E 91 4.67 -54.92 32.60
N LEU E 92 4.70 -54.34 31.40
CA LEU E 92 5.87 -53.59 30.98
C LEU E 92 5.83 -52.23 31.69
N PRO E 93 6.96 -51.82 32.29
CA PRO E 93 6.99 -50.55 33.02
C PRO E 93 6.62 -49.33 32.16
N LYS E 94 5.67 -48.54 32.69
CA LYS E 94 5.20 -47.26 32.13
C LYS E 94 4.27 -47.45 30.93
N ALA E 95 3.93 -48.69 30.64
CA ALA E 95 3.10 -49.02 29.48
C ALA E 95 1.78 -48.28 29.46
N ALA E 96 1.26 -47.93 30.64
CA ALA E 96 0.04 -47.14 30.73
C ALA E 96 0.21 -45.74 30.11
N GLN E 97 1.44 -45.25 30.11
CA GLN E 97 1.80 -43.93 29.58
C GLN E 97 2.35 -44.01 28.14
N MET E 98 2.19 -45.18 27.51
CA MET E 98 2.67 -45.40 26.13
C MET E 98 1.53 -45.70 25.18
N PRO E 99 1.08 -44.70 24.41
CA PRO E 99 0.13 -45.00 23.32
C PRO E 99 0.88 -45.72 22.19
N VAL E 100 0.19 -46.59 21.44
CA VAL E 100 0.81 -47.37 20.36
C VAL E 100 1.77 -46.53 19.51
N ARG E 101 1.35 -45.32 19.13
CA ARG E 101 2.19 -44.44 18.31
C ARG E 101 3.60 -44.22 18.84
N ILE E 102 3.76 -44.30 20.17
CA ILE E 102 5.05 -43.98 20.82
C ILE E 102 6.13 -45.02 20.55
N LEU E 103 5.69 -46.20 20.12
CA LEU E 103 6.61 -47.26 19.72
C LEU E 103 7.31 -46.94 18.42
N LEU E 104 6.69 -46.07 17.62
CA LEU E 104 7.14 -45.76 16.24
C LEU E 104 7.88 -44.43 16.08
N ASN E 105 7.70 -43.52 17.04
CA ASN E 105 8.18 -42.14 16.92
C ASN E 105 9.46 -41.79 17.69
N HIS E 106 10.10 -42.80 18.28
CA HIS E 106 11.36 -42.62 19.02
C HIS E 106 11.26 -41.64 20.22
N ARG E 107 10.08 -41.58 20.82
CA ARG E 107 9.84 -40.73 21.97
C ARG E 107 9.28 -41.51 23.16
N SER E 108 9.48 -42.83 23.12
CA SER E 108 8.94 -43.76 24.11
C SER E 108 9.68 -43.73 25.43
N GLY E 109 10.99 -43.42 25.37
CA GLY E 109 11.85 -43.50 26.54
C GLY E 109 12.23 -44.92 26.90
N LEU E 110 11.87 -45.88 26.05
CA LEU E 110 12.20 -47.28 26.27
C LEU E 110 13.71 -47.54 26.34
N PRO E 111 14.14 -48.46 27.24
CA PRO E 111 15.56 -48.79 27.34
C PRO E 111 15.97 -49.57 26.10
N ASP E 112 17.15 -49.28 25.56
CA ASP E 112 17.55 -49.90 24.30
C ASP E 112 18.48 -51.09 24.51
N PHE E 113 18.59 -51.94 23.50
CA PHE E 113 19.42 -53.13 23.59
C PHE E 113 20.68 -53.00 22.75
N GLU E 114 20.62 -52.15 21.74
CA GLU E 114 21.61 -52.14 20.67
C GLU E 114 23.04 -51.93 21.16
N THR E 115 23.24 -50.97 22.06
CA THR E 115 24.56 -50.68 22.61
C THR E 115 25.14 -51.86 23.43
N SER E 116 24.27 -52.65 24.05
CA SER E 116 24.70 -53.77 24.89
C SER E 116 24.92 -55.08 24.10
N MET E 117 24.22 -55.22 22.98
CA MET E 117 24.23 -56.44 22.16
C MET E 117 25.55 -56.61 21.40
N PRO E 118 26.22 -57.76 21.57
CA PRO E 118 27.50 -58.00 20.90
C PRO E 118 27.40 -57.89 19.38
N MET E 119 28.43 -57.31 18.77
CA MET E 119 28.46 -57.10 17.32
C MET E 119 28.60 -58.41 16.56
N ILE E 120 29.34 -59.35 17.14
CA ILE E 120 29.62 -60.66 16.52
C ILE E 120 29.05 -61.78 17.39
N SER E 121 28.16 -62.57 16.80
CA SER E 121 27.44 -63.62 17.53
C SER E 121 26.64 -64.53 16.59
N ASP E 122 26.61 -65.82 16.95
CA ASP E 122 25.78 -66.82 16.27
C ASP E 122 24.55 -67.23 17.09
N LYS E 123 24.31 -66.50 18.18
CA LYS E 123 23.10 -66.67 18.99
C LYS E 123 21.84 -66.41 18.15
N SER E 124 20.79 -67.17 18.43
CA SER E 124 19.46 -66.83 17.97
C SER E 124 18.71 -66.15 19.11
N TRP E 125 18.03 -65.05 18.78
CA TRP E 125 17.28 -64.27 19.75
C TRP E 125 15.78 -64.42 19.51
N THR E 126 15.01 -64.37 20.58
CA THR E 126 13.55 -64.20 20.47
C THR E 126 13.16 -62.77 20.87
N ALA E 127 11.96 -62.34 20.46
CA ALA E 127 11.52 -60.96 20.66
C ALA E 127 11.43 -60.59 22.15
N GLN E 128 10.74 -61.44 22.93
CA GLN E 128 10.58 -61.21 24.36
C GLN E 128 11.92 -61.18 25.10
N GLU E 129 12.87 -61.98 24.61
CA GLU E 129 14.22 -62.03 25.13
C GLU E 129 14.98 -60.72 24.92
N ILE E 130 14.73 -60.09 23.77
CA ILE E 130 15.35 -58.79 23.46
C ILE E 130 14.77 -57.72 24.38
N VAL E 131 13.46 -57.78 24.60
CA VAL E 131 12.78 -56.82 25.49
C VAL E 131 13.30 -56.94 26.94
N ASP E 132 13.33 -58.17 27.48
CA ASP E 132 13.93 -58.44 28.80
C ASP E 132 15.37 -57.91 28.88
N PHE E 133 16.16 -58.22 27.85
CA PHE E 133 17.55 -57.78 27.76
C PHE E 133 17.67 -56.25 27.82
N SER E 134 16.82 -55.57 27.04
CA SER E 134 16.69 -54.12 27.03
C SER E 134 16.50 -53.54 28.44
N PHE E 135 15.41 -53.94 29.11
CA PHE E 135 15.09 -53.47 30.44
C PHE E 135 16.19 -53.73 31.48
N ARG E 136 16.93 -54.82 31.30
CA ARG E 136 18.06 -55.17 32.14
C ARG E 136 19.31 -54.29 31.91
N HIS E 137 19.61 -53.98 30.65
CA HIS E 137 20.86 -53.31 30.31
C HIS E 137 20.75 -51.86 29.85
N GLY E 138 19.60 -51.49 29.26
CA GLY E 138 19.37 -50.11 28.80
C GLY E 138 18.90 -49.18 29.91
N VAL E 139 18.63 -47.92 29.56
CA VAL E 139 18.14 -46.91 30.50
C VAL E 139 16.76 -46.39 30.08
N GLN E 140 15.76 -46.59 30.93
CA GLN E 140 14.39 -46.13 30.68
C GLN E 140 14.16 -44.68 31.15
N LYS E 141 13.59 -43.87 30.26
CA LYS E 141 13.24 -42.48 30.55
C LYS E 141 11.71 -42.34 30.51
N GLU E 142 11.19 -41.15 30.77
CA GLU E 142 9.75 -40.96 30.71
C GLU E 142 9.25 -40.94 29.26
N PRO E 143 8.08 -41.55 29.02
CA PRO E 143 7.44 -41.34 27.73
C PRO E 143 7.35 -39.85 27.42
N TRP E 144 7.61 -39.51 26.15
CA TRP E 144 7.59 -38.15 25.63
C TRP E 144 8.70 -37.24 26.19
N HIS E 145 9.74 -37.83 26.81
CA HIS E 145 10.89 -37.07 27.33
C HIS E 145 11.56 -36.16 26.25
N GLY E 146 11.58 -36.68 25.03
CA GLY E 146 12.28 -36.06 23.91
C GLY E 146 12.56 -37.16 22.92
N MET E 147 13.24 -36.86 21.82
CA MET E 147 13.52 -37.89 20.83
C MET E 147 14.82 -38.61 21.17
N GLU E 148 14.71 -39.93 21.29
CA GLU E 148 15.89 -40.77 21.42
C GLU E 148 15.64 -42.06 20.68
N TYR E 149 16.51 -42.31 19.70
CA TYR E 149 16.32 -43.38 18.75
C TYR E 149 16.09 -44.69 19.49
N SER E 150 14.96 -45.32 19.21
CA SER E 150 14.55 -46.54 19.94
C SER E 150 14.34 -47.73 19.01
N ASN E 151 15.19 -48.75 19.17
CA ASN E 151 14.99 -50.05 18.53
C ASN E 151 13.97 -50.90 19.27
N THR E 152 13.96 -50.78 20.60
CA THR E 152 13.01 -51.54 21.44
C THR E 152 11.56 -51.28 21.06
N GLY E 153 11.22 -50.02 20.76
CA GLY E 153 9.86 -49.68 20.31
C GLY E 153 9.41 -50.47 19.11
N TYR E 154 10.32 -50.71 18.16
CA TYR E 154 9.97 -51.45 16.95
C TYR E 154 9.84 -52.96 17.15
N VAL E 155 10.65 -53.51 18.05
CA VAL E 155 10.51 -54.90 18.49
C VAL E 155 9.14 -55.11 19.14
N LEU E 156 8.70 -54.15 19.96
CA LEU E 156 7.37 -54.25 20.55
C LEU E 156 6.26 -54.17 19.50
N ALA E 157 6.46 -53.35 18.47
CA ALA E 157 5.49 -53.22 17.37
C ALA E 157 5.37 -54.54 16.60
N GLY E 158 6.49 -55.22 16.40
CA GLY E 158 6.48 -56.56 15.82
C GLY E 158 5.69 -57.55 16.66
N MET E 159 5.81 -57.41 17.98
CA MET E 159 5.08 -58.25 18.93
C MET E 159 3.57 -58.02 18.90
N ILE E 160 3.16 -56.76 18.70
CA ILE E 160 1.75 -56.42 18.51
C ILE E 160 1.18 -57.00 17.20
N ILE E 161 1.96 -56.91 16.12
CA ILE E 161 1.62 -57.52 14.85
C ILE E 161 1.44 -59.04 15.00
N ALA E 162 2.39 -59.69 15.69
CA ALA E 162 2.34 -61.14 15.92
C ALA E 162 1.11 -61.57 16.76
N HIS E 163 0.81 -60.83 17.82
CA HIS E 163 -0.35 -61.17 18.63
C HIS E 163 -1.65 -61.00 17.84
N GLU E 164 -1.85 -59.82 17.26
CA GLU E 164 -3.07 -59.53 16.48
C GLU E 164 -3.29 -60.46 15.28
N THR E 165 -2.22 -60.86 14.58
CA THR E 165 -2.35 -61.69 13.38
C THR E 165 -2.28 -63.20 13.65
N GLY E 166 -1.70 -63.56 14.80
CA GLY E 166 -1.54 -64.97 15.20
C GLY E 166 -0.41 -65.69 14.49
N LYS E 167 0.39 -64.95 13.73
CA LYS E 167 1.52 -65.51 12.99
C LYS E 167 2.74 -64.59 13.13
N PRO E 168 3.96 -65.10 12.88
CA PRO E 168 5.11 -64.19 12.97
C PRO E 168 4.89 -62.93 12.11
N TYR E 169 5.46 -61.79 12.52
CA TYR E 169 5.24 -60.51 11.82
C TYR E 169 5.68 -60.58 10.34
N SER E 170 6.58 -61.51 10.03
CA SER E 170 7.02 -61.73 8.65
C SER E 170 5.87 -62.05 7.71
N ASP E 171 4.91 -62.84 8.19
CA ASP E 171 3.73 -63.23 7.40
C ASP E 171 2.85 -62.04 7.00
N HIS E 172 2.57 -61.17 7.95
CA HIS E 172 1.82 -59.93 7.73
C HIS E 172 2.54 -59.02 6.73
N LEU E 173 3.85 -58.84 6.94
CA LEU E 173 4.68 -58.06 6.01
C LEU E 173 4.70 -58.63 4.59
N ARG E 174 4.73 -59.96 4.47
CA ARG E 174 4.76 -60.62 3.16
C ARG E 174 3.41 -60.56 2.44
N SER E 175 2.35 -60.91 3.15
CA SER E 175 1.04 -61.03 2.53
C SER E 175 0.44 -59.67 2.21
N ARG E 176 0.74 -58.68 3.05
CA ARG E 176 0.14 -57.34 2.91
C ARG E 176 1.04 -56.37 2.18
N ILE E 177 2.34 -56.68 2.10
CA ILE E 177 3.29 -55.77 1.44
C ILE E 177 4.10 -56.42 0.32
N PHE E 178 4.90 -57.43 0.65
CA PHE E 178 5.81 -58.04 -0.36
C PHE E 178 5.03 -58.65 -1.53
N ALA E 179 4.04 -59.50 -1.22
CA ALA E 179 3.30 -60.25 -2.24
C ALA E 179 2.46 -59.37 -3.18
N PRO E 180 1.64 -58.46 -2.64
CA PRO E 180 0.84 -57.55 -3.47
C PRO E 180 1.66 -56.64 -4.37
N LEU E 181 2.96 -56.50 -4.09
CA LEU E 181 3.85 -55.61 -4.85
C LEU E 181 4.87 -56.35 -5.73
N GLY E 182 4.87 -57.67 -5.70
CA GLY E 182 5.83 -58.45 -6.47
C GLY E 182 7.25 -58.24 -6.01
N MET E 183 7.44 -58.12 -4.70
CA MET E 183 8.77 -58.04 -4.11
C MET E 183 9.23 -59.48 -3.84
N LYS E 184 10.05 -60.01 -4.74
CA LYS E 184 10.41 -61.42 -4.69
C LYS E 184 11.79 -61.65 -4.11
N ASP E 185 12.60 -60.59 -4.03
CA ASP E 185 13.94 -60.67 -3.47
C ASP E 185 14.02 -60.03 -2.06
N THR E 186 12.94 -60.19 -1.30
CA THR E 186 12.83 -59.60 0.04
C THR E 186 12.42 -60.61 1.10
N TRP E 187 13.23 -60.69 2.15
CA TRP E 187 12.97 -61.59 3.28
C TRP E 187 13.06 -60.88 4.62
N VAL E 188 12.33 -61.41 5.59
CA VAL E 188 12.38 -60.97 6.97
C VAL E 188 13.25 -61.98 7.73
N GLY E 189 14.48 -61.57 8.06
CA GLY E 189 15.53 -62.48 8.48
C GLY E 189 15.38 -63.26 9.77
N THR E 190 14.51 -62.79 10.68
CA THR E 190 14.31 -63.45 11.96
C THR E 190 13.45 -64.70 11.78
N HIS E 191 12.50 -64.62 10.86
CA HIS E 191 11.50 -65.66 10.71
C HIS E 191 11.51 -66.37 9.36
N GLU E 192 12.43 -65.98 8.48
CA GLU E 192 12.50 -66.54 7.13
C GLU E 192 13.94 -66.78 6.73
N THR E 193 14.14 -67.86 5.99
CA THR E 193 15.45 -68.19 5.43
C THR E 193 15.61 -67.51 4.07
N PHE E 194 16.75 -66.84 3.88
CA PHE E 194 17.08 -66.22 2.60
C PHE E 194 18.36 -66.84 2.00
N PRO E 195 18.48 -66.82 0.67
CA PRO E 195 19.61 -67.43 -0.02
C PRO E 195 20.92 -66.68 0.18
N ILE E 196 21.74 -67.13 1.14
CA ILE E 196 22.99 -66.47 1.52
C ILE E 196 23.96 -66.18 0.37
N GLU E 197 24.09 -67.10 -0.57
CA GLU E 197 25.07 -66.92 -1.66
C GLU E 197 24.74 -65.72 -2.56
N ARG E 198 23.44 -65.36 -2.62
CA ARG E 198 22.96 -64.19 -3.37
C ARG E 198 23.36 -62.86 -2.72
N GLU E 199 23.73 -62.91 -1.44
CA GLU E 199 24.05 -61.69 -0.69
C GLU E 199 25.43 -61.11 -1.05
N ALA E 200 25.47 -59.80 -1.29
CA ALA E 200 26.73 -59.09 -1.37
C ALA E 200 27.41 -59.23 0.00
N ARG E 201 28.73 -59.37 -0.01
CA ARG E 201 29.48 -59.47 1.24
C ARG E 201 29.46 -58.12 1.96
N GLY E 202 29.62 -58.14 3.28
CA GLY E 202 29.71 -56.92 4.07
C GLY E 202 31.12 -56.67 4.54
N TYR E 203 31.61 -55.45 4.38
CA TYR E 203 32.98 -55.12 4.81
C TYR E 203 33.08 -53.98 5.84
N MET E 204 33.64 -54.30 7.01
CA MET E 204 33.94 -53.29 8.03
C MET E 204 35.36 -52.73 7.87
N HIS E 205 35.50 -51.42 8.05
CA HIS E 205 36.78 -50.74 7.93
C HIS E 205 37.29 -50.31 9.31
N ALA E 206 38.60 -50.34 9.50
CA ALA E 206 39.22 -49.92 10.77
C ALA E 206 39.91 -48.57 10.63
N GLY E 226 42.88 -53.03 5.24
CA GLY E 226 42.28 -52.69 6.54
C GLY E 226 40.78 -52.92 6.61
N VAL E 227 40.34 -54.09 6.14
CA VAL E 227 38.92 -54.46 6.13
C VAL E 227 38.65 -55.89 6.64
N TRP E 228 37.49 -56.09 7.26
CA TRP E 228 37.01 -57.42 7.62
C TRP E 228 35.86 -57.80 6.71
N ASP E 229 35.65 -59.10 6.53
CA ASP E 229 34.41 -59.61 5.95
C ASP E 229 33.44 -59.85 7.11
N SER E 230 32.50 -58.93 7.29
CA SER E 230 31.60 -58.94 8.43
C SER E 230 30.21 -59.37 8.02
N THR E 231 30.10 -59.93 6.82
CA THR E 231 28.81 -60.33 6.24
C THR E 231 27.94 -61.12 7.19
N GLU E 232 28.57 -61.96 8.01
CA GLU E 232 27.85 -62.91 8.86
C GLU E 232 28.18 -62.78 10.35
N TRP E 233 28.71 -61.63 10.75
CA TRP E 233 28.98 -61.32 12.17
C TRP E 233 27.72 -61.27 13.03
N PHE E 234 26.76 -60.41 12.63
CA PHE E 234 25.65 -60.04 13.48
C PHE E 234 24.40 -60.88 13.18
N PRO E 235 23.78 -61.45 14.23
CA PRO E 235 22.59 -62.27 14.01
C PRO E 235 21.35 -61.42 13.73
N LEU E 236 20.77 -61.57 12.54
CA LEU E 236 19.56 -60.82 12.17
C LEU E 236 18.42 -60.94 13.19
N SER E 237 18.34 -62.09 13.87
CA SER E 237 17.38 -62.24 14.96
C SER E 237 17.66 -61.26 16.12
N GLY E 238 18.90 -60.77 16.22
CA GLY E 238 19.27 -59.79 17.23
C GLY E 238 18.68 -58.42 16.95
N ALA E 239 18.45 -58.10 15.67
CA ALA E 239 17.79 -56.85 15.30
C ALA E 239 16.27 -56.99 15.34
N ASN E 240 15.77 -58.19 15.03
CA ASN E 240 14.33 -58.48 15.09
C ASN E 240 13.58 -57.47 14.21
N ALA E 241 12.40 -57.07 14.65
CA ALA E 241 11.55 -56.13 13.92
C ALA E 241 12.16 -54.73 13.78
N ALA E 242 13.31 -54.49 14.39
CA ALA E 242 14.02 -53.22 14.27
C ALA E 242 15.08 -53.21 13.17
N GLY E 243 15.41 -54.37 12.62
CA GLY E 243 16.41 -54.40 11.56
C GLY E 243 16.77 -55.69 10.86
N ASP E 244 15.84 -56.63 10.78
CA ASP E 244 16.18 -58.00 10.34
C ASP E 244 16.02 -58.30 8.83
N MET E 245 15.61 -57.31 8.06
CA MET E 245 15.20 -57.53 6.69
C MET E 245 16.35 -57.59 5.72
N VAL E 246 16.17 -58.37 4.66
CA VAL E 246 17.15 -58.54 3.58
C VAL E 246 16.41 -58.18 2.29
N SER E 247 17.06 -57.45 1.39
CA SER E 247 16.39 -57.04 0.15
C SER E 247 17.36 -56.54 -0.90
N THR E 248 16.82 -56.16 -2.05
CA THR E 248 17.59 -55.47 -3.09
C THR E 248 17.13 -54.03 -3.17
N PRO E 249 18.01 -53.10 -3.58
CA PRO E 249 17.53 -51.76 -3.88
C PRO E 249 16.27 -51.77 -4.75
N ARG E 250 16.23 -52.60 -5.79
CA ARG E 250 15.08 -52.67 -6.69
C ARG E 250 13.75 -52.90 -5.97
N ASP E 251 13.73 -53.90 -5.08
CA ASP E 251 12.55 -54.22 -4.28
C ASP E 251 12.14 -53.10 -3.33
N ILE E 252 13.12 -52.41 -2.76
CA ILE E 252 12.87 -51.35 -1.81
C ILE E 252 12.13 -50.19 -2.49
N VAL E 253 12.57 -49.85 -3.71
CA VAL E 253 11.95 -48.77 -4.47
C VAL E 253 10.51 -49.13 -4.92
N LYS E 254 10.26 -50.40 -5.19
CA LYS E 254 8.88 -50.91 -5.37
C LYS E 254 7.99 -50.55 -4.18
N PHE E 255 8.51 -50.76 -2.96
CA PHE E 255 7.83 -50.36 -1.73
C PHE E 255 7.62 -48.85 -1.62
N LEU E 256 8.68 -48.07 -1.80
CA LEU E 256 8.62 -46.60 -1.72
C LEU E 256 7.62 -45.99 -2.69
N ASN E 257 7.72 -46.37 -3.96
CA ASN E 257 6.71 -46.02 -4.97
C ASN E 257 5.28 -46.33 -4.53
N ALA E 258 5.05 -47.55 -4.04
CA ALA E 258 3.70 -47.93 -3.59
C ALA E 258 3.24 -47.14 -2.35
N LEU E 259 4.13 -46.98 -1.37
CA LEU E 259 3.82 -46.24 -0.14
C LEU E 259 3.43 -44.78 -0.42
N PHE E 260 4.28 -44.07 -1.14
CA PHE E 260 4.07 -42.65 -1.41
C PHE E 260 3.05 -42.35 -2.52
N ASP E 261 2.72 -43.36 -3.33
CA ASP E 261 1.65 -43.25 -4.34
C ASP E 261 0.28 -43.63 -3.75
N GLY E 262 0.24 -43.90 -2.45
CA GLY E 262 -1.01 -44.13 -1.76
C GLY E 262 -1.61 -45.50 -2.02
N ARG E 263 -0.76 -46.48 -2.34
CA ARG E 263 -1.24 -47.81 -2.68
C ARG E 263 -1.17 -48.87 -1.57
N ILE E 264 -0.55 -48.52 -0.44
CA ILE E 264 -0.49 -49.44 0.69
C ILE E 264 -1.32 -48.90 1.85
N LEU E 265 -0.90 -47.74 2.33
CA LEU E 265 -1.52 -47.03 3.42
C LEU E 265 -2.52 -46.01 2.89
N ASP E 266 -3.65 -45.89 3.57
CA ASP E 266 -4.64 -44.88 3.25
C ASP E 266 -4.09 -43.52 3.68
N GLN E 267 -4.81 -42.46 3.36
CA GLN E 267 -4.28 -41.13 3.49
C GLN E 267 -3.91 -40.74 4.92
N LYS E 268 -4.74 -41.14 5.88
CA LYS E 268 -4.52 -40.76 7.26
C LYS E 268 -3.28 -41.41 7.84
N ARG E 269 -3.13 -42.71 7.57
CA ARG E 269 -2.01 -43.48 8.10
C ARG E 269 -0.71 -43.13 7.39
N LEU E 270 -0.78 -42.79 6.11
CA LEU E 270 0.38 -42.29 5.38
C LEU E 270 0.82 -40.96 5.96
N TRP E 271 -0.16 -40.12 6.33
CA TRP E 271 0.10 -38.82 6.97
C TRP E 271 0.77 -39.01 8.33
N GLU E 272 0.20 -39.86 9.18
CA GLU E 272 0.83 -40.24 10.46
C GLU E 272 2.28 -40.70 10.27
N MET E 273 2.49 -41.56 9.28
CA MET E 273 3.81 -42.11 9.01
C MET E 273 4.83 -41.05 8.53
N LYS E 274 4.42 -40.21 7.58
CA LYS E 274 5.36 -39.29 6.95
C LYS E 274 5.27 -37.81 7.38
N ASP E 275 4.12 -37.37 7.89
CA ASP E 275 3.90 -35.94 8.11
C ASP E 275 3.63 -35.51 9.55
N ASN E 276 3.15 -36.43 10.36
CA ASN E 276 3.02 -36.13 11.77
C ASN E 276 4.38 -36.24 12.44
N ILE E 277 5.19 -35.20 12.28
CA ILE E 277 6.60 -35.24 12.62
C ILE E 277 7.01 -34.32 13.78
N LYS E 278 8.13 -34.68 14.40
CA LYS E 278 8.81 -33.86 15.41
C LYS E 278 10.33 -33.97 15.14
N PRO E 279 11.13 -33.04 15.68
CA PRO E 279 12.60 -33.12 15.58
C PRO E 279 13.22 -34.48 15.98
N ALA E 280 14.25 -34.89 15.25
CA ALA E 280 14.90 -36.19 15.47
C ALA E 280 16.38 -36.07 15.23
N PHE E 281 17.14 -36.81 16.03
CA PHE E 281 18.58 -36.86 15.91
C PHE E 281 19.03 -38.29 15.67
N PHE E 282 19.99 -38.48 14.77
CA PHE E 282 20.69 -39.76 14.71
C PHE E 282 22.14 -39.52 14.41
N PRO E 283 23.06 -40.04 15.26
CA PRO E 283 24.48 -39.70 15.16
C PRO E 283 25.08 -40.02 13.79
N GLY E 284 25.82 -39.07 13.23
CA GLY E 284 26.50 -39.25 11.95
C GLY E 284 25.56 -39.41 10.78
N SER E 285 24.40 -38.75 10.85
CA SER E 285 23.39 -38.83 9.79
C SER E 285 22.89 -37.43 9.41
N ASN E 286 22.00 -37.37 8.43
CA ASN E 286 21.41 -36.09 8.05
C ASN E 286 19.98 -35.94 8.61
N THR E 287 19.64 -36.74 9.61
CA THR E 287 18.30 -36.74 10.22
C THR E 287 18.02 -35.43 10.95
N VAL E 288 16.87 -34.83 10.63
CA VAL E 288 16.37 -33.62 11.34
C VAL E 288 14.98 -33.84 11.98
N ALA E 289 14.25 -34.84 11.51
CA ALA E 289 12.87 -35.12 11.98
C ALA E 289 12.47 -36.57 11.78
N ASN E 290 11.40 -36.99 12.47
CA ASN E 290 10.78 -38.28 12.20
C ASN E 290 9.28 -38.24 12.42
N GLY E 291 8.56 -39.04 11.63
CA GLY E 291 7.12 -39.28 11.84
C GLY E 291 6.91 -40.58 12.59
N HIS E 292 6.13 -41.50 12.02
CA HIS E 292 5.88 -42.80 12.63
C HIS E 292 6.27 -43.91 11.67
N GLY E 293 7.56 -43.96 11.36
CA GLY E 293 8.12 -44.99 10.52
C GLY E 293 9.01 -44.44 9.43
N LEU E 294 9.10 -43.12 9.34
CA LEU E 294 9.97 -42.46 8.34
C LEU E 294 10.80 -41.37 9.00
N LEU E 295 12.04 -41.23 8.53
CA LEU E 295 12.94 -40.17 8.96
C LEU E 295 12.96 -39.08 7.90
N LEU E 296 13.10 -37.83 8.34
CA LEU E 296 13.34 -36.72 7.42
C LEU E 296 14.85 -36.42 7.36
N MET E 297 15.46 -36.69 6.21
CA MET E 297 16.90 -36.51 6.06
C MET E 297 17.25 -35.40 5.05
N ARG E 298 18.03 -34.43 5.49
CA ARG E 298 18.29 -33.23 4.71
C ARG E 298 19.56 -33.41 3.87
N TYR E 299 19.48 -33.05 2.59
CA TYR E 299 20.61 -33.16 1.66
C TYR E 299 20.77 -31.85 0.88
N GLY E 300 21.48 -30.91 1.48
CA GLY E 300 21.62 -29.57 0.91
C GLY E 300 20.24 -28.97 0.76
N SER E 301 19.88 -28.63 -0.47
CA SER E 301 18.58 -28.03 -0.72
C SER E 301 17.49 -29.09 -0.90
N SER E 302 17.90 -30.36 -0.92
CA SER E 302 16.95 -31.48 -1.05
C SER E 302 16.78 -32.25 0.27
N GLU E 303 15.71 -33.04 0.34
CA GLU E 303 15.47 -33.92 1.49
C GLU E 303 14.83 -35.26 1.10
N LEU E 304 15.11 -36.28 1.89
CA LEU E 304 14.50 -37.60 1.72
C LEU E 304 13.58 -37.92 2.89
N LYS E 305 12.43 -38.51 2.57
CA LYS E 305 11.55 -39.07 3.57
C LYS E 305 11.75 -40.58 3.47
N GLY E 306 12.45 -41.14 4.45
CA GLY E 306 12.74 -42.56 4.41
C GLY E 306 13.43 -43.05 5.64
N HIS E 307 14.60 -43.65 5.46
CA HIS E 307 15.35 -44.20 6.57
C HIS E 307 16.80 -44.43 6.20
N LEU E 308 17.60 -44.63 7.24
CA LEU E 308 18.99 -45.06 7.15
C LEU E 308 19.08 -46.45 7.78
N GLY E 309 20.02 -47.26 7.31
CA GLY E 309 20.28 -48.57 7.90
C GLY E 309 21.76 -48.81 8.16
N GLN E 310 22.08 -49.26 9.37
CA GLN E 310 23.46 -49.63 9.73
C GLN E 310 23.52 -51.03 10.37
N ILE E 311 24.25 -51.92 9.71
CA ILE E 311 24.41 -53.29 10.15
C ILE E 311 25.78 -53.69 9.60
N PRO E 312 26.62 -54.38 10.41
CA PRO E 312 28.05 -54.57 10.05
C PRO E 312 28.31 -54.80 8.56
N GLY E 313 28.95 -53.82 7.94
CA GLY E 313 29.35 -53.92 6.55
C GLY E 313 28.31 -53.52 5.52
N HIS E 314 27.05 -53.35 5.94
CA HIS E 314 25.99 -52.97 4.99
C HIS E 314 25.32 -51.67 5.43
N THR E 315 25.44 -50.64 4.60
CA THR E 315 25.11 -49.26 4.98
C THR E 315 24.14 -48.65 3.96
N SER E 316 22.91 -48.37 4.41
CA SER E 316 21.82 -48.07 3.50
C SER E 316 21.12 -46.74 3.76
N ILE E 317 20.73 -46.08 2.69
CA ILE E 317 19.88 -44.89 2.74
C ILE E 317 18.74 -45.10 1.74
N MET E 318 17.50 -45.10 2.24
CA MET E 318 16.32 -45.11 1.38
C MET E 318 15.48 -43.86 1.60
N GLY E 319 14.65 -43.55 0.62
CA GLY E 319 13.83 -42.38 0.73
C GLY E 319 13.13 -41.95 -0.51
N ARG E 320 12.03 -41.23 -0.30
CA ARG E 320 11.34 -40.52 -1.34
C ARG E 320 11.73 -39.07 -1.20
N ASP E 321 12.18 -38.49 -2.30
CA ASP E 321 12.32 -37.04 -2.41
C ASP E 321 10.94 -36.50 -2.73
N GLU E 322 10.28 -35.90 -1.75
CA GLU E 322 8.87 -35.52 -1.91
C GLU E 322 8.64 -34.31 -2.82
N GLU E 323 9.73 -33.66 -3.22
CA GLU E 323 9.67 -32.53 -4.14
C GLU E 323 9.74 -32.93 -5.62
N THR E 324 10.54 -33.95 -5.91
CA THR E 324 10.74 -34.39 -7.28
C THR E 324 9.89 -35.59 -7.59
N GLY E 325 9.56 -36.36 -6.56
CA GLY E 325 8.82 -37.61 -6.69
C GLY E 325 9.76 -38.79 -6.83
N ALA E 326 11.07 -38.52 -6.75
CA ALA E 326 12.07 -39.57 -6.92
C ALA E 326 12.16 -40.42 -5.68
N ALA E 327 12.24 -41.72 -5.88
CA ALA E 327 12.43 -42.68 -4.81
C ALA E 327 13.77 -43.35 -5.07
N LEU E 328 14.52 -43.64 -4.01
CA LEU E 328 15.80 -44.32 -4.14
C LEU E 328 16.14 -45.23 -2.98
N MET E 329 16.95 -46.23 -3.27
CA MET E 329 17.62 -47.00 -2.24
C MET E 329 19.08 -47.12 -2.65
N LEU E 330 19.97 -46.56 -1.82
CA LEU E 330 21.41 -46.69 -1.99
C LEU E 330 22.00 -47.53 -0.86
N ILE E 331 22.56 -48.69 -1.21
CA ILE E 331 23.23 -49.52 -0.21
C ILE E 331 24.68 -49.75 -0.62
N GLN E 332 25.60 -49.50 0.32
CA GLN E 332 26.99 -49.84 0.09
C GLN E 332 27.40 -51.01 0.98
N ASN E 333 28.28 -51.86 0.45
CA ASN E 333 28.79 -53.00 1.22
C ASN E 333 30.10 -52.68 1.92
N SER E 334 30.18 -51.43 2.39
CA SER E 334 31.21 -50.93 3.28
C SER E 334 30.58 -50.27 4.52
N GLY E 335 31.00 -50.70 5.69
CA GLY E 335 30.61 -50.09 6.96
C GLY E 335 31.83 -49.78 7.80
N ALA E 336 31.58 -49.25 9.01
CA ALA E 336 32.60 -48.97 10.01
C ALA E 336 31.92 -48.96 11.38
N GLY E 337 32.72 -48.91 12.45
CA GLY E 337 32.22 -49.08 13.81
C GLY E 337 31.92 -47.78 14.52
N ASP E 338 32.55 -46.71 14.04
CA ASP E 338 32.43 -45.37 14.58
C ASP E 338 31.48 -44.53 13.73
N PHE E 339 30.53 -43.85 14.39
CA PHE E 339 29.58 -42.93 13.74
C PHE E 339 30.26 -41.87 12.83
N GLU E 340 31.49 -41.49 13.16
CA GLU E 340 32.21 -40.42 12.46
C GLU E 340 32.94 -40.86 11.19
N SER E 341 33.12 -42.17 11.02
CA SER E 341 33.91 -42.68 9.91
C SER E 341 33.25 -42.44 8.56
N PHE E 342 34.07 -42.16 7.56
CA PHE E 342 33.62 -41.99 6.19
C PHE E 342 32.84 -43.23 5.69
N TYR E 343 33.24 -44.40 6.14
CA TYR E 343 32.65 -45.65 5.65
C TYR E 343 31.24 -45.90 6.20
N LEU E 344 30.86 -45.11 7.20
CA LEU E 344 29.50 -45.14 7.74
C LEU E 344 28.76 -43.86 7.34
N LYS E 345 29.34 -42.71 7.71
CA LYS E 345 28.76 -41.39 7.48
C LYS E 345 28.73 -40.98 6.00
N GLY E 346 29.74 -41.42 5.24
CA GLY E 346 29.90 -41.00 3.85
C GLY E 346 28.97 -41.65 2.85
N VAL E 347 28.08 -42.53 3.32
CA VAL E 347 27.01 -43.05 2.47
C VAL E 347 26.06 -41.93 2.02
N ASN E 348 26.07 -40.83 2.78
CA ASN E 348 25.22 -39.67 2.51
C ASN E 348 25.70 -38.81 1.34
N GLU E 349 27.01 -38.86 1.08
CA GLU E 349 27.62 -38.04 0.02
C GLU E 349 27.14 -38.42 -1.38
N PRO E 350 27.25 -39.72 -1.77
CA PRO E 350 26.69 -40.08 -3.08
C PRO E 350 25.21 -39.75 -3.23
N VAL E 351 24.43 -39.96 -2.16
CA VAL E 351 23.01 -39.62 -2.15
C VAL E 351 22.78 -38.13 -2.40
N ASP E 352 23.59 -37.31 -1.73
CA ASP E 352 23.58 -35.85 -1.92
C ASP E 352 23.80 -35.48 -3.38
N ARG E 353 24.85 -36.05 -3.96
CA ARG E 353 25.20 -35.82 -5.36
C ARG E 353 24.11 -36.29 -6.32
N VAL E 354 23.61 -37.51 -6.11
CA VAL E 354 22.52 -38.06 -6.94
C VAL E 354 21.29 -37.16 -6.97
N LEU E 355 20.88 -36.66 -5.80
CA LEU E 355 19.75 -35.70 -5.70
C LEU E 355 20.07 -34.38 -6.41
N GLU E 356 21.33 -33.92 -6.29
CA GLU E 356 21.82 -32.74 -7.04
C GLU E 356 21.77 -32.98 -8.56
N ALA E 357 22.14 -34.18 -8.98
CA ALA E 357 22.16 -34.53 -10.41
C ALA E 357 20.76 -34.55 -11.02
N ILE E 358 19.80 -35.14 -10.29
CA ILE E 358 18.40 -35.17 -10.71
C ILE E 358 17.86 -33.74 -10.83
N LYS E 359 18.20 -32.91 -9.85
CA LYS E 359 17.73 -31.51 -9.84
C LYS E 359 18.28 -30.75 -11.03
N ASN E 360 19.59 -30.90 -11.30
CA ASN E 360 20.26 -30.32 -12.48
C ASN E 360 19.67 -30.79 -13.81
N SER E 361 19.34 -32.08 -13.89
CA SER E 361 18.62 -32.65 -15.03
C SER E 361 17.24 -32.03 -15.21
N ARG E 362 16.88 -31.09 -14.33
CA ARG E 362 15.63 -30.35 -14.41
C ARG E 362 15.85 -28.84 -14.37
N SER E 363 17.12 -28.40 -14.38
CA SER E 363 17.48 -26.97 -14.23
C SER E 363 17.05 -26.10 -15.41
N LEU F 4 19.96 39.47 -8.65
CA LEU F 4 18.53 39.89 -8.82
C LEU F 4 18.41 41.31 -9.39
N ASN F 5 19.14 42.24 -8.79
CA ASN F 5 19.13 43.64 -9.20
C ASN F 5 19.70 43.86 -10.62
N ASN F 6 20.75 43.11 -10.97
CA ASN F 6 21.33 43.19 -12.31
C ASN F 6 20.40 42.50 -13.31
N ALA F 7 19.80 41.39 -12.86
CA ALA F 7 18.81 40.66 -13.65
C ALA F 7 17.66 41.58 -14.01
N ILE F 8 17.05 42.20 -13.00
CA ILE F 8 15.94 43.13 -13.22
C ILE F 8 16.31 44.27 -14.17
N GLN F 9 17.48 44.89 -13.93
CA GLN F 9 17.97 45.96 -14.79
C GLN F 9 18.19 45.45 -16.22
N GLY F 10 18.70 44.22 -16.34
CA GLY F 10 18.93 43.59 -17.64
C GLY F 10 17.63 43.33 -18.38
N ILE F 11 16.62 42.87 -17.64
CA ILE F 11 15.27 42.67 -18.17
C ILE F 11 14.72 43.98 -18.75
N LEU F 12 14.80 45.06 -17.98
CA LEU F 12 14.29 46.37 -18.42
C LEU F 12 15.03 46.92 -19.63
N ASP F 13 16.36 46.79 -19.59
CA ASP F 13 17.23 47.23 -20.68
C ASP F 13 16.91 46.50 -21.98
N ASP F 14 16.81 45.17 -21.89
CA ASP F 14 16.41 44.32 -23.02
C ASP F 14 15.03 44.66 -23.59
N HIS F 15 14.09 45.00 -22.71
CA HIS F 15 12.76 45.45 -23.13
C HIS F 15 12.82 46.76 -23.92
N VAL F 16 13.61 47.72 -23.44
CA VAL F 16 13.85 48.97 -24.18
C VAL F 16 14.59 48.67 -25.50
N ALA F 17 15.61 47.81 -25.43
CA ALA F 17 16.39 47.44 -26.62
C ALA F 17 15.49 46.97 -27.77
N ARG F 18 14.37 46.36 -27.40
CA ARG F 18 13.43 45.83 -28.39
C ARG F 18 12.53 46.87 -29.07
N GLY F 19 12.62 48.13 -28.65
CA GLY F 19 11.86 49.20 -29.30
C GLY F 19 10.97 50.03 -28.38
N VAL F 20 10.77 49.55 -27.15
CA VAL F 20 10.00 50.27 -26.15
C VAL F 20 10.81 51.48 -25.65
N VAL F 21 10.18 52.65 -25.69
CA VAL F 21 10.84 53.94 -25.39
C VAL F 21 11.43 54.02 -23.97
N GLY F 22 10.64 53.63 -22.97
CA GLY F 22 11.11 53.66 -21.60
C GLY F 22 10.23 52.82 -20.70
N VAL F 23 10.84 52.33 -19.62
CA VAL F 23 10.12 51.63 -18.55
C VAL F 23 10.46 52.19 -17.18
N SER F 24 9.45 52.16 -16.31
CA SER F 24 9.62 52.41 -14.89
C SER F 24 8.97 51.27 -14.10
N LEU F 25 9.73 50.75 -13.14
CA LEU F 25 9.30 49.65 -12.29
C LEU F 25 9.46 49.96 -10.80
N ALA F 26 8.49 49.50 -10.02
CA ALA F 26 8.64 49.48 -8.57
C ALA F 26 8.37 48.06 -8.13
N LEU F 27 9.31 47.48 -7.39
CA LEU F 27 9.14 46.14 -6.88
C LEU F 27 9.49 46.12 -5.40
N CYS F 28 8.53 45.63 -4.61
CA CYS F 28 8.78 45.32 -3.22
C CYS F 28 8.70 43.80 -2.99
N LEU F 29 9.81 43.23 -2.52
CA LEU F 29 9.84 41.83 -2.08
C LEU F 29 9.32 41.73 -0.62
N PRO F 30 8.87 40.52 -0.20
CA PRO F 30 8.22 40.43 1.12
C PRO F 30 9.21 40.71 2.26
N GLY F 31 8.80 41.51 3.23
CA GLY F 31 9.68 41.92 4.34
C GLY F 31 10.74 42.96 3.98
N GLU F 32 10.92 43.20 2.67
CA GLU F 32 11.82 44.23 2.16
C GLU F 32 11.09 45.55 1.97
N GLU F 33 11.81 46.55 1.48
CA GLU F 33 11.22 47.82 1.05
C GLU F 33 11.33 47.94 -0.46
N THR F 34 10.41 48.73 -1.03
CA THR F 34 10.36 48.95 -2.47
C THR F 34 11.71 49.36 -3.07
N SER F 35 12.07 48.70 -4.17
CA SER F 35 13.21 49.10 -5.01
C SER F 35 12.69 49.63 -6.35
N LEU F 36 13.36 50.65 -6.87
CA LEU F 36 12.95 51.25 -8.13
C LEU F 36 13.94 50.97 -9.24
N TYR F 37 13.41 50.74 -10.44
CA TYR F 37 14.24 50.49 -11.61
C TYR F 37 13.68 51.26 -12.80
N GLN F 38 14.57 51.90 -13.56
CA GLN F 38 14.18 52.48 -14.84
C GLN F 38 15.11 52.07 -15.97
N SER F 39 14.61 52.26 -17.19
CA SER F 39 15.40 52.09 -18.40
C SER F 39 14.76 52.97 -19.47
N GLY F 40 15.58 53.44 -20.40
CA GLY F 40 15.11 54.21 -21.55
C GLY F 40 14.74 55.63 -21.21
N TYR F 41 13.91 56.23 -22.07
CA TYR F 41 13.52 57.64 -21.96
C TYR F 41 12.07 57.86 -21.51
N ALA F 42 11.87 58.92 -20.74
CA ALA F 42 10.55 59.53 -20.52
C ALA F 42 10.20 60.45 -21.69
N ASP F 43 11.23 61.06 -22.26
CA ASP F 43 11.09 61.91 -23.43
C ASP F 43 12.07 61.40 -24.50
N LYS F 44 11.52 60.81 -25.56
CA LYS F 44 12.29 60.26 -26.67
C LYS F 44 12.83 61.38 -27.58
N MET F 48 15.52 62.32 -22.82
CA MET F 48 15.44 62.54 -21.38
C MET F 48 15.23 61.21 -20.64
N PRO F 49 16.16 60.84 -19.72
CA PRO F 49 16.14 59.52 -19.07
C PRO F 49 14.98 59.31 -18.09
N MET F 50 14.31 58.17 -18.22
CA MET F 50 13.24 57.78 -17.32
C MET F 50 13.77 57.69 -15.88
N THR F 51 12.98 58.23 -14.95
CA THR F 51 13.27 58.18 -13.50
C THR F 51 12.04 57.66 -12.72
N GLY F 52 12.25 57.36 -11.43
CA GLY F 52 11.20 56.84 -10.55
C GLY F 52 10.20 57.88 -10.08
N ASP F 53 10.40 59.13 -10.52
CA ASP F 53 9.54 60.25 -10.12
C ASP F 53 8.61 60.73 -11.24
N HIS F 54 8.86 60.25 -12.46
CA HIS F 54 7.99 60.49 -13.62
C HIS F 54 6.60 59.91 -13.39
N LEU F 55 5.59 60.63 -13.89
CA LEU F 55 4.19 60.25 -13.67
C LEU F 55 3.67 59.49 -14.89
N PHE F 56 2.68 58.64 -14.65
CA PHE F 56 2.08 57.86 -15.71
C PHE F 56 0.59 57.86 -15.53
N ARG F 57 -0.11 57.75 -16.65
CA ARG F 57 -1.55 57.50 -16.64
C ARG F 57 -1.72 55.99 -16.46
N ILE F 58 -2.25 55.60 -15.31
CA ILE F 58 -2.39 54.16 -14.96
C ILE F 58 -3.61 53.48 -15.59
N ALA F 59 -4.41 54.25 -16.33
CA ALA F 59 -5.61 53.73 -17.01
C ALA F 59 -6.41 52.82 -16.09
N SER F 60 -6.82 51.67 -16.62
CA SER F 60 -7.70 50.71 -15.94
C SER F 60 -7.29 50.29 -14.53
N CYS F 61 -6.04 50.56 -14.14
CA CYS F 61 -5.55 50.24 -12.79
C CYS F 61 -6.29 51.08 -11.76
N THR F 62 -6.85 52.20 -12.22
CA THR F 62 -7.83 53.03 -11.48
C THR F 62 -8.98 52.18 -10.93
N LYS F 63 -9.40 51.19 -11.70
CA LYS F 63 -10.52 50.31 -11.31
C LYS F 63 -10.36 49.70 -9.92
N SER F 64 -9.15 49.28 -9.56
CA SER F 64 -8.88 48.73 -8.21
C SER F 64 -9.07 49.74 -7.10
N PHE F 65 -8.86 51.01 -7.41
CA PHE F 65 -9.08 52.10 -6.44
C PHE F 65 -10.57 52.41 -6.24
N ILE F 66 -11.29 52.51 -7.35
CA ILE F 66 -12.74 52.67 -7.34
C ILE F 66 -13.41 51.50 -6.61
N ALA F 67 -13.02 50.26 -6.95
CA ALA F 67 -13.55 49.07 -6.28
C ALA F 67 -13.33 49.12 -4.78
N THR F 68 -12.10 49.44 -4.38
CA THR F 68 -11.75 49.62 -2.96
C THR F 68 -12.60 50.70 -2.31
N GLY F 69 -12.76 51.83 -3.00
CA GLY F 69 -13.66 52.91 -2.55
C GLY F 69 -15.07 52.42 -2.31
N LEU F 70 -15.62 51.63 -3.25
CA LEU F 70 -16.96 51.09 -3.08
C LEU F 70 -17.06 50.05 -1.95
N HIS F 71 -16.06 49.16 -1.86
CA HIS F 71 -15.98 48.20 -0.75
C HIS F 71 -15.91 48.87 0.63
N LEU F 72 -15.22 50.01 0.70
CA LEU F 72 -15.15 50.79 1.93
C LEU F 72 -16.55 51.27 2.36
N LEU F 73 -17.37 51.66 1.38
CA LEU F 73 -18.79 52.03 1.63
C LEU F 73 -19.64 50.84 2.08
N VAL F 74 -19.33 49.64 1.57
CA VAL F 74 -19.98 48.41 2.03
C VAL F 74 -19.65 48.12 3.50
N GLN F 75 -18.36 48.17 3.83
CA GLN F 75 -17.90 48.04 5.22
C GLN F 75 -18.59 49.02 6.14
N ASP F 76 -18.67 50.29 5.71
CA ASP F 76 -19.37 51.35 6.45
C ASP F 76 -20.82 50.97 6.75
N GLY F 77 -21.41 50.12 5.92
CA GLY F 77 -22.81 49.71 6.04
C GLY F 77 -23.80 50.51 5.21
N THR F 78 -23.30 51.35 4.29
CA THR F 78 -24.16 52.22 3.47
C THR F 78 -24.57 51.56 2.15
N VAL F 79 -23.79 50.57 1.73
CA VAL F 79 -24.00 49.90 0.47
C VAL F 79 -23.94 48.40 0.73
N ASP F 80 -24.82 47.67 0.07
CA ASP F 80 -24.84 46.22 0.12
C ASP F 80 -24.45 45.74 -1.27
N LEU F 81 -23.54 44.76 -1.33
CA LEU F 81 -23.03 44.26 -2.60
C LEU F 81 -24.10 43.56 -3.42
N ASP F 82 -25.18 43.17 -2.75
CA ASP F 82 -26.23 42.39 -3.39
C ASP F 82 -27.50 43.15 -3.69
N GLU F 83 -27.62 44.36 -3.17
CA GLU F 83 -28.79 45.20 -3.40
C GLU F 83 -28.82 45.71 -4.84
N PRO F 84 -30.02 45.95 -5.40
CA PRO F 84 -30.06 46.37 -6.80
C PRO F 84 -29.61 47.83 -6.98
N ILE F 85 -29.08 48.16 -8.15
CA ILE F 85 -28.54 49.51 -8.39
C ILE F 85 -29.62 50.53 -8.79
N THR F 86 -30.87 50.07 -8.87
CA THR F 86 -32.03 50.94 -9.06
C THR F 86 -32.12 52.05 -8.00
N ARG F 87 -31.55 51.80 -6.83
CA ARG F 87 -31.49 52.78 -5.76
C ARG F 87 -30.84 54.10 -6.21
N TRP F 88 -29.84 54.01 -7.10
CA TRP F 88 -29.14 55.17 -7.62
C TRP F 88 -29.45 55.43 -9.10
N PHE F 89 -29.76 54.38 -9.84
CA PHE F 89 -30.04 54.52 -11.28
C PHE F 89 -31.38 53.89 -11.70
N PRO F 90 -32.50 54.45 -11.22
CA PRO F 90 -33.82 53.83 -11.41
C PRO F 90 -34.18 53.58 -12.87
N ASP F 91 -33.76 54.48 -13.76
CA ASP F 91 -34.16 54.46 -15.19
C ASP F 91 -33.17 53.75 -16.11
N LEU F 92 -32.01 53.37 -15.59
CA LEU F 92 -31.02 52.62 -16.36
C LEU F 92 -31.63 51.27 -16.74
N PRO F 93 -31.62 50.95 -18.05
CA PRO F 93 -32.26 49.68 -18.45
C PRO F 93 -31.62 48.46 -17.79
N LYS F 94 -32.45 47.48 -17.43
CA LYS F 94 -32.01 46.23 -16.77
C LYS F 94 -31.41 46.44 -15.36
N ALA F 95 -31.52 47.65 -14.83
CA ALA F 95 -30.97 48.01 -13.52
C ALA F 95 -31.52 47.18 -12.36
N ALA F 96 -32.73 46.63 -12.52
CA ALA F 96 -33.34 45.80 -11.48
C ALA F 96 -32.62 44.46 -11.31
N GLN F 97 -31.93 44.05 -12.38
CA GLN F 97 -31.20 42.79 -12.44
C GLN F 97 -29.71 42.98 -12.22
N MET F 98 -29.31 44.19 -11.81
CA MET F 98 -27.93 44.49 -11.51
C MET F 98 -27.73 44.74 -10.01
N PRO F 99 -27.19 43.74 -9.28
CA PRO F 99 -26.73 44.00 -7.92
C PRO F 99 -25.47 44.87 -7.95
N VAL F 100 -25.18 45.56 -6.87
CA VAL F 100 -23.99 46.43 -6.83
C VAL F 100 -22.71 45.72 -7.27
N ARG F 101 -22.51 44.47 -6.81
CA ARG F 101 -21.30 43.69 -7.12
C ARG F 101 -21.03 43.54 -8.62
N ILE F 102 -22.10 43.55 -9.42
CA ILE F 102 -22.00 43.34 -10.88
C ILE F 102 -21.37 44.55 -11.62
N LEU F 103 -21.32 45.70 -10.96
CA LEU F 103 -20.63 46.87 -11.51
C LEU F 103 -19.12 46.65 -11.49
N LEU F 104 -18.67 45.69 -10.68
CA LEU F 104 -17.26 45.53 -10.35
C LEU F 104 -16.62 44.26 -10.95
N ASN F 105 -17.45 43.31 -11.38
CA ASN F 105 -16.97 41.97 -11.76
C ASN F 105 -17.03 41.68 -13.26
N HIS F 106 -17.33 42.71 -14.06
CA HIS F 106 -17.36 42.62 -15.54
C HIS F 106 -18.39 41.63 -16.09
N ARG F 107 -19.50 41.48 -15.36
CA ARG F 107 -20.54 40.55 -15.77
C ARG F 107 -21.91 41.23 -15.89
N SER F 108 -21.89 42.56 -15.94
CA SER F 108 -23.10 43.39 -16.02
C SER F 108 -23.80 43.36 -17.37
N GLY F 109 -23.03 43.17 -18.44
CA GLY F 109 -23.57 43.27 -19.79
C GLY F 109 -23.86 44.71 -20.21
N LEU F 110 -23.43 45.67 -19.39
CA LEU F 110 -23.59 47.09 -19.69
C LEU F 110 -22.99 47.49 -21.05
N PRO F 111 -23.65 48.42 -21.77
CA PRO F 111 -23.03 48.93 -22.99
C PRO F 111 -21.79 49.74 -22.66
N ASP F 112 -20.71 49.56 -23.41
CA ASP F 112 -19.42 50.23 -23.10
C ASP F 112 -19.11 51.43 -23.97
N PHE F 113 -18.32 52.38 -23.45
CA PHE F 113 -18.08 53.63 -24.18
C PHE F 113 -17.24 53.54 -25.45
N GLU F 114 -16.17 52.76 -25.48
CA GLU F 114 -14.87 53.12 -24.97
C GLU F 114 -14.25 52.97 -26.36
N THR F 115 -14.67 51.88 -27.02
CA THR F 115 -14.44 51.63 -28.44
C THR F 115 -15.05 52.70 -29.36
N SER F 116 -16.21 53.26 -28.99
CA SER F 116 -16.84 54.35 -29.74
C SER F 116 -16.22 55.71 -29.44
N MET F 117 -15.47 55.78 -28.34
CA MET F 117 -14.87 57.02 -27.89
C MET F 117 -13.59 57.34 -28.65
N PRO F 118 -13.45 58.58 -29.15
CA PRO F 118 -12.21 59.03 -29.81
C PRO F 118 -10.94 58.83 -28.98
N MET F 119 -9.92 58.28 -29.64
CA MET F 119 -8.57 58.19 -29.09
C MET F 119 -7.94 59.58 -29.00
N ILE F 120 -8.22 60.41 -30.03
CA ILE F 120 -7.77 61.81 -30.07
C ILE F 120 -8.96 62.77 -29.98
N SER F 121 -8.91 63.69 -29.01
CA SER F 121 -9.99 64.64 -28.73
C SER F 121 -9.62 65.54 -27.55
N ASP F 122 -10.15 66.77 -27.54
CA ASP F 122 -9.87 67.72 -26.43
C ASP F 122 -11.11 68.02 -25.57
N LYS F 123 -12.16 67.24 -25.80
CA LYS F 123 -13.39 67.31 -25.00
C LYS F 123 -13.20 66.96 -23.52
N SER F 124 -13.85 67.73 -22.65
CA SER F 124 -14.07 67.34 -21.26
C SER F 124 -15.36 66.52 -21.16
N TRP F 125 -15.32 65.42 -20.40
CA TRP F 125 -16.52 64.61 -20.20
C TRP F 125 -17.09 64.72 -18.81
N THR F 126 -18.39 64.43 -18.74
CA THR F 126 -19.14 64.29 -17.52
C THR F 126 -19.52 62.81 -17.33
N ALA F 127 -19.52 62.33 -16.09
CA ALA F 127 -19.90 60.94 -15.78
C ALA F 127 -21.23 60.53 -16.43
N GLN F 128 -22.29 61.33 -16.23
CA GLN F 128 -23.61 61.00 -16.76
C GLN F 128 -23.61 61.06 -18.28
N GLU F 129 -22.78 61.95 -18.83
CA GLU F 129 -22.60 62.08 -20.30
C GLU F 129 -21.97 60.80 -20.88
N ILE F 130 -20.98 60.27 -20.17
CA ILE F 130 -20.37 58.98 -20.52
C ILE F 130 -21.39 57.84 -20.54
N VAL F 131 -22.26 57.82 -19.54
CA VAL F 131 -23.28 56.78 -19.40
C VAL F 131 -24.29 56.84 -20.56
N ASP F 132 -24.75 58.07 -20.87
CA ASP F 132 -25.68 58.29 -21.99
C ASP F 132 -25.07 57.88 -23.33
N PHE F 133 -23.77 58.18 -23.50
CA PHE F 133 -22.99 57.82 -24.69
C PHE F 133 -22.89 56.30 -24.85
N SER F 134 -22.49 55.63 -23.76
CA SER F 134 -22.38 54.18 -23.72
C SER F 134 -23.69 53.54 -24.21
N PHE F 135 -24.82 54.05 -23.69
CA PHE F 135 -26.10 53.50 -24.06
C PHE F 135 -26.53 53.83 -25.50
N ARG F 136 -26.06 54.95 -26.03
CA ARG F 136 -26.36 55.33 -27.41
C ARG F 136 -25.59 54.49 -28.43
N HIS F 137 -24.31 54.24 -28.16
CA HIS F 137 -23.41 53.60 -29.12
C HIS F 137 -23.01 52.17 -28.74
N GLY F 138 -23.16 51.82 -27.47
CA GLY F 138 -22.74 50.51 -26.98
C GLY F 138 -23.75 49.41 -27.21
N VAL F 139 -23.32 48.17 -27.00
CA VAL F 139 -24.19 47.00 -27.06
C VAL F 139 -24.43 46.54 -25.62
N GLN F 140 -25.69 46.52 -25.21
CA GLN F 140 -26.07 45.98 -23.91
C GLN F 140 -26.47 44.51 -24.00
N LYS F 141 -25.86 43.70 -23.15
CA LYS F 141 -26.24 42.30 -22.98
C LYS F 141 -26.94 42.13 -21.63
N GLU F 142 -27.45 40.92 -21.40
CA GLU F 142 -28.09 40.59 -20.13
C GLU F 142 -27.07 40.60 -19.00
N PRO F 143 -27.47 41.13 -17.81
CA PRO F 143 -26.71 40.95 -16.57
C PRO F 143 -26.42 39.47 -16.33
N TRP F 144 -25.17 39.14 -16.00
CA TRP F 144 -24.70 37.75 -15.78
C TRP F 144 -24.60 36.89 -17.05
N HIS F 145 -24.57 37.53 -18.21
CA HIS F 145 -24.44 36.86 -19.50
C HIS F 145 -23.13 36.07 -19.58
N GLY F 146 -22.13 36.55 -18.86
CA GLY F 146 -20.77 36.07 -19.01
C GLY F 146 -19.86 37.23 -18.66
N MET F 147 -18.57 37.01 -18.82
CA MET F 147 -17.60 38.06 -18.59
C MET F 147 -17.33 38.79 -19.90
N GLU F 148 -17.44 40.11 -19.84
CA GLU F 148 -17.03 41.00 -20.91
C GLU F 148 -16.68 42.28 -20.23
N TYR F 149 -15.41 42.65 -20.34
CA TYR F 149 -14.84 43.80 -19.66
C TYR F 149 -15.70 45.07 -19.79
N SER F 150 -15.99 45.67 -18.65
CA SER F 150 -16.92 46.79 -18.60
C SER F 150 -16.36 48.01 -17.89
N ASN F 151 -16.07 49.03 -18.69
CA ASN F 151 -15.72 50.37 -18.20
C ASN F 151 -16.91 51.10 -17.56
N THR F 152 -18.05 51.08 -18.24
CA THR F 152 -19.29 51.75 -17.77
C THR F 152 -19.66 51.36 -16.33
N GLY F 153 -19.53 50.07 -15.99
CA GLY F 153 -19.78 49.58 -14.63
C GLY F 153 -19.01 50.37 -13.60
N TYR F 154 -17.76 50.70 -13.94
CA TYR F 154 -16.91 51.46 -13.05
C TYR F 154 -17.27 52.95 -12.96
N VAL F 155 -17.73 53.54 -14.07
CA VAL F 155 -18.28 54.91 -14.02
C VAL F 155 -19.49 54.97 -13.07
N LEU F 156 -20.44 54.06 -13.24
CA LEU F 156 -21.57 53.91 -12.31
C LEU F 156 -21.13 53.73 -10.85
N ALA F 157 -20.08 52.93 -10.63
CA ALA F 157 -19.52 52.74 -9.28
C ALA F 157 -18.97 54.03 -8.66
N GLY F 158 -18.26 54.83 -9.45
CA GLY F 158 -17.82 56.17 -9.02
C GLY F 158 -19.00 57.09 -8.72
N MET F 159 -20.08 56.95 -9.51
CA MET F 159 -21.31 57.70 -9.27
C MET F 159 -22.03 57.34 -7.97
N ILE F 160 -22.06 56.05 -7.61
CA ILE F 160 -22.57 55.64 -6.30
C ILE F 160 -21.73 56.27 -5.18
N ILE F 161 -20.40 56.24 -5.33
CA ILE F 161 -19.48 56.88 -4.37
C ILE F 161 -19.75 58.38 -4.24
N ALA F 162 -19.75 59.09 -5.38
CA ALA F 162 -20.07 60.51 -5.44
C ALA F 162 -21.39 60.84 -4.76
N HIS F 163 -22.39 59.98 -4.96
CA HIS F 163 -23.71 60.20 -4.38
C HIS F 163 -23.73 60.07 -2.86
N GLU F 164 -23.09 59.01 -2.35
CA GLU F 164 -23.13 58.66 -0.92
C GLU F 164 -22.24 59.55 -0.06
N THR F 165 -21.12 59.99 -0.63
CA THR F 165 -20.19 60.89 0.07
C THR F 165 -20.57 62.36 -0.14
N GLY F 166 -21.35 62.64 -1.19
CA GLY F 166 -21.79 64.00 -1.50
C GLY F 166 -20.68 64.85 -2.11
N LYS F 167 -19.58 64.22 -2.51
CA LYS F 167 -18.44 64.89 -3.13
C LYS F 167 -17.96 64.04 -4.31
N PRO F 168 -17.08 64.56 -5.19
CA PRO F 168 -16.60 63.72 -6.30
C PRO F 168 -15.86 62.49 -5.77
N TYR F 169 -15.80 61.43 -6.58
CA TYR F 169 -15.19 60.15 -6.14
C TYR F 169 -13.71 60.28 -5.73
N SER F 170 -13.03 61.29 -6.29
CA SER F 170 -11.64 61.60 -5.95
C SER F 170 -11.38 61.84 -4.45
N ASP F 171 -12.29 62.57 -3.80
CA ASP F 171 -12.15 62.89 -2.37
CA ASP F 171 -12.12 62.88 -2.39
C ASP F 171 -12.22 61.64 -1.51
N HIS F 172 -13.13 60.73 -1.85
CA HIS F 172 -13.27 59.45 -1.16
C HIS F 172 -11.95 58.64 -1.27
N LEU F 173 -11.42 58.57 -2.48
CA LEU F 173 -10.16 57.86 -2.73
C LEU F 173 -8.96 58.55 -2.06
N ARG F 174 -8.89 59.88 -2.14
CA ARG F 174 -7.81 60.64 -1.51
C ARG F 174 -7.83 60.53 0.02
N SER F 175 -8.97 60.84 0.63
CA SER F 175 -9.05 60.86 2.10
C SER F 175 -8.93 59.48 2.73
N ARG F 176 -9.45 58.45 2.06
CA ARG F 176 -9.47 57.13 2.67
C ARG F 176 -8.43 56.16 2.10
N ILE F 177 -7.85 56.51 0.95
CA ILE F 177 -6.76 55.69 0.39
C ILE F 177 -5.43 56.45 0.29
N PHE F 178 -5.35 57.45 -0.59
CA PHE F 178 -4.07 58.14 -0.87
C PHE F 178 -3.41 58.71 0.39
N ALA F 179 -4.20 59.47 1.16
CA ALA F 179 -3.71 60.21 2.34
C ALA F 179 -3.13 59.34 3.48
N PRO F 180 -3.89 58.36 4.02
CA PRO F 180 -3.32 57.56 5.12
C PRO F 180 -2.12 56.71 4.70
N LEU F 181 -1.99 56.49 3.40
CA LEU F 181 -0.96 55.64 2.83
C LEU F 181 0.25 56.42 2.35
N GLY F 182 0.17 57.75 2.41
CA GLY F 182 1.27 58.64 2.01
C GLY F 182 1.59 58.66 0.54
N MET F 183 0.57 58.44 -0.30
CA MET F 183 0.71 58.46 -1.76
C MET F 183 0.59 59.91 -2.29
N LYS F 184 1.69 60.67 -2.20
CA LYS F 184 1.65 62.08 -2.60
C LYS F 184 1.91 62.32 -4.10
N ASP F 185 2.15 61.25 -4.85
CA ASP F 185 2.35 61.36 -6.29
C ASP F 185 1.19 60.73 -7.06
N THR F 186 0.00 60.78 -6.45
CA THR F 186 -1.19 60.16 -7.03
C THR F 186 -2.36 61.15 -7.12
N TRP F 187 -2.96 61.21 -8.31
CA TRP F 187 -4.04 62.15 -8.62
C TRP F 187 -5.19 61.50 -9.42
N VAL F 188 -6.38 62.04 -9.26
CA VAL F 188 -7.56 61.56 -9.97
C VAL F 188 -7.94 62.54 -11.10
N GLY F 189 -7.52 62.19 -12.31
CA GLY F 189 -7.53 63.06 -13.50
C GLY F 189 -8.81 63.79 -13.86
N THR F 190 -9.97 63.18 -13.61
CA THR F 190 -11.25 63.83 -13.92
C THR F 190 -11.53 65.03 -13.03
N HIS F 191 -11.10 64.95 -11.76
CA HIS F 191 -11.48 65.95 -10.76
C HIS F 191 -10.31 66.70 -10.13
N GLU F 192 -9.08 66.27 -10.41
CA GLU F 192 -7.91 66.94 -9.82
C GLU F 192 -6.87 67.32 -10.88
N THR F 193 -6.27 68.50 -10.70
CA THR F 193 -5.13 68.97 -11.49
C THR F 193 -3.83 68.35 -10.94
N PHE F 194 -3.00 67.85 -11.84
CA PHE F 194 -1.73 67.21 -11.48
C PHE F 194 -0.61 67.85 -12.29
N PRO F 195 0.62 67.90 -11.73
CA PRO F 195 1.75 68.54 -12.44
C PRO F 195 2.09 67.86 -13.77
N ILE F 196 1.49 68.36 -14.86
CA ILE F 196 1.64 67.75 -16.20
C ILE F 196 3.10 67.59 -16.66
N GLU F 197 3.95 68.56 -16.32
CA GLU F 197 5.37 68.54 -16.73
C GLU F 197 6.18 67.40 -16.11
N ARG F 198 5.65 66.80 -15.05
CA ARG F 198 6.27 65.66 -14.37
C ARG F 198 5.90 64.30 -15.00
N GLU F 199 5.06 64.35 -16.04
CA GLU F 199 4.54 63.14 -16.65
C GLU F 199 5.51 62.65 -17.72
N ALA F 200 5.80 61.36 -17.72
CA ALA F 200 6.52 60.76 -18.84
C ALA F 200 5.63 60.88 -20.08
N ARG F 201 6.24 61.27 -21.19
CA ARG F 201 5.52 61.32 -22.47
C ARG F 201 5.06 59.91 -22.86
N GLY F 202 4.07 59.83 -23.75
CA GLY F 202 3.54 58.55 -24.21
C GLY F 202 3.69 58.40 -25.71
N TYR F 203 3.86 57.17 -26.17
CA TYR F 203 4.16 56.89 -27.59
C TYR F 203 3.39 55.71 -28.21
N MET F 204 3.09 55.85 -29.50
CA MET F 204 2.54 54.80 -30.38
C MET F 204 3.24 54.93 -31.76
N HIS F 205 3.73 53.87 -32.42
CA HIS F 205 3.66 52.43 -32.13
C HIS F 205 2.32 51.83 -32.52
N TRP F 228 4.69 58.33 -32.72
CA TRP F 228 3.90 59.50 -32.34
C TRP F 228 4.01 59.83 -30.86
N ASP F 229 4.09 61.12 -30.55
CA ASP F 229 3.96 61.58 -29.17
C ASP F 229 2.47 61.75 -28.82
N SER F 230 1.90 60.75 -28.15
CA SER F 230 0.46 60.70 -27.86
C SER F 230 0.11 61.29 -26.49
N THR F 231 1.08 61.90 -25.83
CA THR F 231 0.95 62.34 -24.43
C THR F 231 -0.42 62.94 -24.13
N GLU F 232 -0.91 63.81 -25.01
CA GLU F 232 -2.22 64.43 -24.81
C GLU F 232 -3.18 64.21 -25.97
N TRP F 233 -3.18 63.00 -26.53
CA TRP F 233 -4.22 62.57 -27.47
C TRP F 233 -5.57 62.43 -26.76
N PHE F 234 -5.57 61.68 -25.67
CA PHE F 234 -6.80 61.29 -24.97
C PHE F 234 -7.06 62.10 -23.68
N PRO F 235 -8.28 62.66 -23.55
CA PRO F 235 -8.66 63.41 -22.34
C PRO F 235 -8.93 62.46 -21.18
N LEU F 236 -8.35 62.74 -20.02
CA LEU F 236 -8.51 61.85 -18.86
C LEU F 236 -9.96 61.63 -18.42
N SER F 237 -10.76 62.70 -18.48
CA SER F 237 -12.17 62.66 -18.11
C SER F 237 -12.96 61.76 -19.06
N GLY F 238 -12.37 61.45 -20.21
CA GLY F 238 -12.94 60.48 -21.14
C GLY F 238 -12.98 59.08 -20.54
N ALA F 239 -12.05 58.81 -19.63
CA ALA F 239 -12.00 57.53 -18.93
C ALA F 239 -12.80 57.55 -17.61
N ASN F 240 -12.90 58.73 -16.99
CA ASN F 240 -13.61 58.86 -15.70
C ASN F 240 -13.11 57.80 -14.70
N ALA F 241 -14.01 57.22 -13.91
CA ALA F 241 -13.67 56.23 -12.88
C ALA F 241 -13.21 54.89 -13.45
N ALA F 242 -13.31 54.72 -14.77
CA ALA F 242 -12.73 53.53 -15.42
C ALA F 242 -11.19 53.59 -15.59
N GLY F 243 -10.62 54.78 -15.78
CA GLY F 243 -9.16 54.88 -15.91
C GLY F 243 -8.50 56.25 -15.96
N ASP F 244 -8.93 57.14 -15.08
CA ASP F 244 -8.44 58.53 -15.09
C ASP F 244 -7.28 58.84 -14.14
N MET F 245 -6.75 57.85 -13.43
CA MET F 245 -5.73 58.13 -12.40
C MET F 245 -4.31 58.30 -12.92
N VAL F 246 -3.54 59.10 -12.19
CA VAL F 246 -2.14 59.39 -12.50
C VAL F 246 -1.30 59.07 -11.25
N SER F 247 -0.20 58.35 -11.44
CA SER F 247 0.60 57.90 -10.31
C SER F 247 2.02 57.54 -10.74
N THR F 248 2.82 57.07 -9.79
CA THR F 248 4.13 56.47 -10.06
C THR F 248 4.07 54.99 -9.65
N PRO F 249 4.93 54.14 -10.24
CA PRO F 249 5.01 52.77 -9.70
C PRO F 249 5.26 52.69 -8.18
N ARG F 250 6.07 53.60 -7.64
CA ARG F 250 6.33 53.72 -6.19
C ARG F 250 5.05 53.76 -5.36
N ASP F 251 4.18 54.73 -5.66
CA ASP F 251 2.90 54.92 -4.95
C ASP F 251 1.97 53.73 -5.08
N ILE F 252 1.90 53.17 -6.29
CA ILE F 252 1.02 52.05 -6.59
C ILE F 252 1.34 50.84 -5.70
N VAL F 253 2.63 50.54 -5.56
CA VAL F 253 3.10 49.49 -4.64
C VAL F 253 2.78 49.80 -3.17
N LYS F 254 2.68 51.07 -2.81
CA LYS F 254 2.22 51.45 -1.45
C LYS F 254 0.77 51.03 -1.24
N PHE F 255 -0.06 51.23 -2.26
CA PHE F 255 -1.46 50.80 -2.25
C PHE F 255 -1.58 49.28 -2.19
N LEU F 256 -0.87 48.59 -3.11
CA LEU F 256 -0.88 47.12 -3.19
C LEU F 256 -0.48 46.49 -1.86
N ASN F 257 0.62 46.96 -1.27
CA ASN F 257 1.04 46.48 0.05
C ASN F 257 -0.05 46.64 1.12
N ALA F 258 -0.60 47.85 1.24
CA ALA F 258 -1.63 48.15 2.23
C ALA F 258 -2.88 47.29 2.07
N LEU F 259 -3.29 47.09 0.82
CA LEU F 259 -4.52 46.36 0.52
C LEU F 259 -4.39 44.91 0.95
N PHE F 260 -3.38 44.22 0.40
CA PHE F 260 -3.19 42.80 0.63
C PHE F 260 -2.72 42.47 2.05
N ASP F 261 -2.05 43.43 2.67
CA ASP F 261 -1.65 43.33 4.07
C ASP F 261 -2.86 43.46 5.03
N GLY F 262 -4.01 43.83 4.48
CA GLY F 262 -5.24 44.02 5.27
C GLY F 262 -5.39 45.39 5.92
N ARG F 263 -4.71 46.39 5.37
CA ARG F 263 -4.69 47.71 5.99
C ARG F 263 -5.77 48.71 5.49
N ILE F 264 -6.44 48.39 4.39
CA ILE F 264 -7.53 49.23 3.88
C ILE F 264 -8.89 48.57 4.06
N LEU F 265 -9.09 47.42 3.42
CA LEU F 265 -10.33 46.67 3.57
C LEU F 265 -10.24 45.61 4.66
N ASP F 266 -11.37 45.35 5.32
CA ASP F 266 -11.49 44.23 6.25
C ASP F 266 -11.51 42.89 5.50
N GLN F 267 -11.59 41.80 6.26
CA GLN F 267 -11.37 40.46 5.68
C GLN F 267 -12.34 40.04 4.58
N LYS F 268 -13.64 40.25 4.82
CA LYS F 268 -14.71 39.90 3.88
C LYS F 268 -14.67 40.67 2.55
N ARG F 269 -14.33 41.96 2.59
CA ARG F 269 -14.32 42.79 1.36
C ARG F 269 -13.07 42.57 0.54
N LEU F 270 -11.96 42.30 1.24
CA LEU F 270 -10.75 41.91 0.55
C LEU F 270 -10.97 40.55 -0.11
N TRP F 271 -11.73 39.67 0.55
CA TRP F 271 -12.08 38.36 -0.02
C TRP F 271 -12.95 38.54 -1.27
N GLU F 272 -14.01 39.35 -1.15
CA GLU F 272 -14.86 39.69 -2.29
C GLU F 272 -14.03 40.26 -3.43
N MET F 273 -13.09 41.15 -3.09
CA MET F 273 -12.23 41.79 -4.07
C MET F 273 -11.28 40.82 -4.77
N LYS F 274 -10.54 40.02 -4.00
CA LYS F 274 -9.46 39.19 -4.55
C LYS F 274 -9.77 37.71 -4.76
N ASP F 275 -10.68 37.16 -3.94
CA ASP F 275 -10.92 35.71 -3.93
C ASP F 275 -12.26 35.20 -4.46
N ASN F 276 -13.30 36.03 -4.42
CA ASN F 276 -14.57 35.62 -4.97
C ASN F 276 -14.53 35.81 -6.46
N ILE F 277 -13.88 34.88 -7.15
CA ILE F 277 -13.50 35.05 -8.54
C ILE F 277 -14.23 34.12 -9.51
N LYS F 278 -14.29 34.53 -10.78
CA LYS F 278 -14.78 33.73 -11.87
C LYS F 278 -13.81 33.96 -13.02
N PRO F 279 -13.86 33.14 -14.10
CA PRO F 279 -12.96 33.37 -15.24
C PRO F 279 -13.14 34.75 -15.89
N ALA F 280 -12.08 35.25 -16.51
CA ALA F 280 -12.05 36.58 -17.11
C ALA F 280 -11.09 36.67 -18.29
N PHE F 281 -11.45 37.49 -19.25
CA PHE F 281 -10.64 37.75 -20.43
C PHE F 281 -10.43 39.26 -20.64
N PHE F 282 -9.19 39.65 -20.92
CA PHE F 282 -8.89 40.98 -21.45
C PHE F 282 -7.90 40.87 -22.61
N PRO F 283 -8.25 41.40 -23.80
CA PRO F 283 -7.41 41.29 -25.00
C PRO F 283 -5.99 41.82 -24.78
N GLY F 284 -4.99 41.11 -25.30
CA GLY F 284 -3.58 41.47 -25.12
C GLY F 284 -3.04 41.35 -23.70
N SER F 285 -3.69 40.54 -22.87
CA SER F 285 -3.23 40.37 -21.49
C SER F 285 -3.04 38.91 -21.09
N ASN F 286 -2.54 38.71 -19.88
CA ASN F 286 -2.37 37.40 -19.28
C ASN F 286 -3.54 37.06 -18.33
N THR F 287 -4.62 37.84 -18.41
CA THR F 287 -5.76 37.71 -17.50
C THR F 287 -6.46 36.35 -17.67
N VAL F 288 -6.69 35.66 -16.56
CA VAL F 288 -7.43 34.38 -16.59
C VAL F 288 -8.73 34.38 -15.74
N ALA F 289 -8.80 35.30 -14.78
CA ALA F 289 -9.94 35.42 -13.86
C ALA F 289 -10.03 36.84 -13.25
N ASN F 290 -11.14 37.14 -12.57
CA ASN F 290 -11.29 38.40 -11.86
C ASN F 290 -12.19 38.27 -10.62
N GLY F 291 -11.98 39.15 -9.64
CA GLY F 291 -12.85 39.26 -8.46
C GLY F 291 -13.79 40.46 -8.52
N HIS F 292 -13.70 41.35 -7.53
CA HIS F 292 -14.51 42.56 -7.53
C HIS F 292 -13.58 43.77 -7.32
N GLY F 293 -12.74 44.00 -8.33
CA GLY F 293 -11.74 45.05 -8.26
C GLY F 293 -10.35 44.59 -8.66
N LEU F 294 -10.13 43.26 -8.71
CA LEU F 294 -8.82 42.71 -9.08
C LEU F 294 -8.91 41.68 -10.19
N LEU F 295 -7.95 41.71 -11.10
CA LEU F 295 -7.75 40.68 -12.11
C LEU F 295 -6.71 39.67 -11.64
N LEU F 296 -6.91 38.39 -11.98
CA LEU F 296 -5.86 37.37 -11.82
C LEU F 296 -5.15 37.19 -13.15
N MET F 297 -3.86 37.46 -13.14
CA MET F 297 -3.02 37.45 -14.34
C MET F 297 -1.92 36.40 -14.14
N ARG F 298 -1.74 35.59 -15.17
CA ARG F 298 -0.87 34.42 -15.08
C ARG F 298 0.42 34.61 -15.89
N TYR F 299 1.54 34.33 -15.24
CA TYR F 299 2.86 34.45 -15.80
C TYR F 299 3.63 33.14 -15.55
N GLY F 300 3.43 32.16 -16.44
CA GLY F 300 3.99 30.82 -16.26
C GLY F 300 3.54 30.25 -14.92
N SER F 301 4.52 29.93 -14.07
CA SER F 301 4.24 29.37 -12.73
C SER F 301 3.82 30.41 -11.68
N SER F 302 3.93 31.69 -12.04
CA SER F 302 3.55 32.79 -11.13
C SER F 302 2.26 33.47 -11.58
N GLU F 303 1.58 34.09 -10.61
CA GLU F 303 0.35 34.84 -10.87
C GLU F 303 0.31 36.15 -10.11
N LEU F 304 -0.27 37.18 -10.73
CA LEU F 304 -0.48 38.48 -10.08
C LEU F 304 -1.96 38.76 -9.82
N LYS F 305 -2.25 39.25 -8.63
CA LYS F 305 -3.56 39.83 -8.31
C LYS F 305 -3.44 41.33 -8.39
N GLY F 306 -3.92 41.92 -9.47
CA GLY F 306 -3.83 43.36 -9.66
C GLY F 306 -4.60 43.80 -10.88
N HIS F 307 -3.96 44.60 -11.73
CA HIS F 307 -4.63 45.15 -12.90
C HIS F 307 -3.69 45.49 -14.05
N LEU F 308 -4.24 45.48 -15.26
CA LEU F 308 -3.55 46.00 -16.44
C LEU F 308 -4.13 47.38 -16.80
N GLY F 309 -3.35 48.19 -17.51
CA GLY F 309 -3.81 49.50 -17.96
C GLY F 309 -3.37 49.82 -19.36
N GLN F 310 -4.33 50.23 -20.19
CA GLN F 310 -4.08 50.66 -21.56
C GLN F 310 -4.79 51.99 -21.86
N ILE F 311 -3.99 53.00 -22.12
CA ILE F 311 -4.45 54.32 -22.48
C ILE F 311 -3.35 54.80 -23.44
N PRO F 312 -3.70 55.58 -24.50
CA PRO F 312 -2.68 55.87 -25.53
C PRO F 312 -1.30 56.21 -24.96
N GLY F 313 -0.28 55.45 -25.36
CA GLY F 313 1.10 55.74 -24.98
C GLY F 313 1.61 55.17 -23.66
N HIS F 314 0.72 54.80 -22.74
CA HIS F 314 1.12 54.28 -21.42
C HIS F 314 0.49 52.93 -21.14
N THR F 315 1.34 51.92 -20.96
CA THR F 315 0.88 50.55 -20.70
C THR F 315 1.40 50.04 -19.36
N SER F 316 0.48 49.65 -18.49
CA SER F 316 0.82 49.33 -17.11
C SER F 316 0.42 47.91 -16.71
N ILE F 317 1.17 47.36 -15.74
CA ILE F 317 0.83 46.12 -15.05
C ILE F 317 1.12 46.29 -13.57
N MET F 318 0.08 46.16 -12.73
CA MET F 318 0.30 46.08 -11.28
C MET F 318 -0.28 44.79 -10.72
N GLY F 319 0.23 44.39 -9.56
CA GLY F 319 -0.33 43.27 -8.86
C GLY F 319 0.54 42.72 -7.78
N ARG F 320 -0.08 41.95 -6.89
CA ARG F 320 0.61 41.20 -5.88
C ARG F 320 0.67 39.71 -6.24
N ASP F 321 1.84 39.13 -6.04
CA ASP F 321 2.03 37.70 -6.10
C ASP F 321 1.63 37.16 -4.74
N GLU F 322 0.55 36.39 -4.71
CA GLU F 322 0.05 35.87 -3.44
C GLU F 322 0.85 34.69 -2.90
N GLU F 323 1.76 34.15 -3.71
CA GLU F 323 2.63 33.05 -3.28
C GLU F 323 3.87 33.51 -2.54
N THR F 324 4.46 34.63 -2.98
CA THR F 324 5.67 35.15 -2.38
C THR F 324 5.37 36.34 -1.45
N GLY F 325 4.38 37.13 -1.81
CA GLY F 325 4.04 38.34 -1.06
C GLY F 325 4.56 39.57 -1.78
N ALA F 326 5.24 39.34 -2.91
CA ALA F 326 5.83 40.40 -3.72
C ALA F 326 4.77 41.29 -4.38
N ALA F 327 5.12 42.56 -4.59
CA ALA F 327 4.22 43.55 -5.18
C ALA F 327 4.99 44.40 -6.17
N LEU F 328 4.38 44.64 -7.33
CA LEU F 328 5.05 45.40 -8.38
C LEU F 328 4.10 46.33 -9.15
N MET F 329 4.67 47.40 -9.69
CA MET F 329 4.02 48.17 -10.73
C MET F 329 5.06 48.45 -11.82
N LEU F 330 4.75 48.02 -13.04
CA LEU F 330 5.61 48.23 -14.18
C LEU F 330 4.82 49.01 -15.22
N ILE F 331 5.37 50.15 -15.65
CA ILE F 331 4.73 50.96 -16.65
C ILE F 331 5.76 51.34 -17.69
N GLN F 332 5.40 51.11 -18.96
CA GLN F 332 6.15 51.56 -20.10
C GLN F 332 5.42 52.71 -20.79
N ASN F 333 6.19 53.65 -21.35
CA ASN F 333 5.59 54.72 -22.14
C ASN F 333 5.55 54.41 -23.65
N SER F 334 5.28 53.15 -23.96
CA SER F 334 4.99 52.73 -25.33
C SER F 334 3.65 52.01 -25.35
N GLY F 335 2.90 52.21 -26.42
CA GLY F 335 1.61 51.55 -26.59
C GLY F 335 1.34 51.32 -28.07
N ALA F 336 0.23 50.66 -28.37
CA ALA F 336 -0.16 50.42 -29.75
C ALA F 336 -1.68 50.39 -29.88
N GLY F 337 -2.17 50.57 -31.10
CA GLY F 337 -3.60 50.47 -31.39
C GLY F 337 -4.10 49.02 -31.43
N ASP F 338 -3.17 48.08 -31.61
CA ASP F 338 -3.50 46.68 -31.81
C ASP F 338 -3.12 45.84 -30.59
N PHE F 339 -4.04 44.95 -30.20
CA PHE F 339 -3.87 44.05 -29.04
C PHE F 339 -2.83 42.95 -29.25
N GLU F 340 -2.58 42.58 -30.50
CA GLU F 340 -1.56 41.57 -30.81
C GLU F 340 -0.15 42.17 -30.94
N SER F 341 -0.06 43.49 -30.89
CA SER F 341 1.22 44.21 -31.01
C SER F 341 2.11 44.04 -29.78
N PHE F 342 3.41 43.88 -30.02
CA PHE F 342 4.42 43.81 -28.97
C PHE F 342 4.42 45.04 -28.05
N TYR F 343 4.18 46.23 -28.61
CA TYR F 343 4.24 47.48 -27.84
C TYR F 343 3.06 47.64 -26.88
N LEU F 344 2.09 46.74 -27.01
CA LEU F 344 0.94 46.68 -26.11
C LEU F 344 0.99 45.40 -25.24
N LYS F 345 0.72 44.25 -25.87
CA LYS F 345 0.78 42.93 -25.21
C LYS F 345 2.14 42.62 -24.55
N GLY F 346 3.21 43.14 -25.14
CA GLY F 346 4.57 42.84 -24.71
C GLY F 346 5.00 43.44 -23.40
N VAL F 347 4.16 44.30 -22.82
CA VAL F 347 4.37 44.79 -21.45
C VAL F 347 4.45 43.62 -20.44
N ASN F 348 3.79 42.53 -20.80
CA ASN F 348 3.76 41.30 -19.99
C ASN F 348 5.08 40.53 -19.98
N GLU F 349 5.94 40.78 -20.99
CA GLU F 349 7.25 40.13 -21.10
C GLU F 349 8.22 40.42 -19.94
N PRO F 350 8.51 41.72 -19.67
CA PRO F 350 9.38 41.98 -18.52
C PRO F 350 8.78 41.57 -17.18
N VAL F 351 7.46 41.61 -17.07
CA VAL F 351 6.80 41.17 -15.83
C VAL F 351 7.02 39.66 -15.61
N ASP F 352 6.83 38.88 -16.67
CA ASP F 352 7.08 37.45 -16.63
C ASP F 352 8.51 37.17 -16.20
N ARG F 353 9.48 37.82 -16.85
CA ARG F 353 10.91 37.62 -16.54
CA ARG F 353 10.91 37.64 -16.54
C ARG F 353 11.24 38.00 -15.11
N VAL F 354 10.70 39.12 -14.65
CA VAL F 354 10.92 39.61 -13.29
C VAL F 354 10.44 38.59 -12.26
N LEU F 355 9.23 38.05 -12.45
CA LEU F 355 8.70 37.00 -11.56
C LEU F 355 9.53 35.71 -11.57
N GLU F 356 10.02 35.32 -12.75
CA GLU F 356 10.97 34.21 -12.88
C GLU F 356 12.27 34.48 -12.08
N ALA F 357 12.83 35.67 -12.26
CA ALA F 357 14.02 36.10 -11.52
C ALA F 357 13.81 36.13 -10.01
N ILE F 358 12.59 36.45 -9.58
CA ILE F 358 12.20 36.30 -8.17
C ILE F 358 11.93 34.81 -7.89
#